data_3QH7
# 
_entry.id   3QH7 
# 
_audit_conform.dict_name       mmcif_pdbx.dic 
_audit_conform.dict_version    5.399 
_audit_conform.dict_location   http://mmcif.pdb.org/dictionaries/ascii/mmcif_pdbx.dic 
# 
loop_
_database_2.database_id 
_database_2.database_code 
_database_2.pdbx_database_accession 
_database_2.pdbx_DOI 
PDB   3QH7         pdb_00003qh7 10.2210/pdb3qh7/pdb 
RCSB  RCSB063640   ?            ?                   
WWPDB D_1000063640 ?            ?                   
# 
loop_
_pdbx_audit_revision_history.ordinal 
_pdbx_audit_revision_history.data_content_type 
_pdbx_audit_revision_history.major_revision 
_pdbx_audit_revision_history.minor_revision 
_pdbx_audit_revision_history.revision_date 
1 'Structure model' 1 0 2011-10-05 
2 'Structure model' 1 1 2018-10-10 
3 'Structure model' 1 2 2024-11-20 
# 
_pdbx_audit_revision_details.ordinal             1 
_pdbx_audit_revision_details.revision_ordinal    1 
_pdbx_audit_revision_details.data_content_type   'Structure model' 
_pdbx_audit_revision_details.provider            repository 
_pdbx_audit_revision_details.type                'Initial release' 
_pdbx_audit_revision_details.description         ? 
_pdbx_audit_revision_details.details             ? 
# 
loop_
_pdbx_audit_revision_group.ordinal 
_pdbx_audit_revision_group.revision_ordinal 
_pdbx_audit_revision_group.data_content_type 
_pdbx_audit_revision_group.group 
1 2 'Structure model' 'Data collection'      
2 2 'Structure model' 'Database references'  
3 2 'Structure model' 'Structure summary'    
4 3 'Structure model' 'Data collection'      
5 3 'Structure model' 'Database references'  
6 3 'Structure model' 'Derived calculations' 
7 3 'Structure model' 'Structure summary'    
# 
loop_
_pdbx_audit_revision_category.ordinal 
_pdbx_audit_revision_category.revision_ordinal 
_pdbx_audit_revision_category.data_content_type 
_pdbx_audit_revision_category.category 
1  2 'Structure model' citation                  
2  2 'Structure model' citation_author           
3  2 'Structure model' entity                    
4  3 'Structure model' chem_comp_atom            
5  3 'Structure model' chem_comp_bond            
6  3 'Structure model' database_2                
7  3 'Structure model' entity                    
8  3 'Structure model' pdbx_entry_details        
9  3 'Structure model' pdbx_modification_feature 
10 3 'Structure model' struct_conn               
11 3 'Structure model' struct_ref_seq_dif        
# 
loop_
_pdbx_audit_revision_item.ordinal 
_pdbx_audit_revision_item.revision_ordinal 
_pdbx_audit_revision_item.data_content_type 
_pdbx_audit_revision_item.item 
1  2 'Structure model' '_citation.journal_volume'            
2  2 'Structure model' '_citation.page_first'                
3  2 'Structure model' '_citation.page_last'                 
4  2 'Structure model' '_citation.pdbx_database_id_DOI'      
5  2 'Structure model' '_citation.pdbx_database_id_PubMed'   
6  2 'Structure model' '_citation.title'                     
7  2 'Structure model' '_citation_author.name'               
8  2 'Structure model' '_entity.formula_weight'              
9  3 'Structure model' '_database_2.pdbx_DOI'                
10 3 'Structure model' '_database_2.pdbx_database_accession' 
11 3 'Structure model' '_entity.formula_weight'              
12 3 'Structure model' '_struct_conn.pdbx_leaving_atom_flag' 
13 3 'Structure model' '_struct_ref_seq_dif.details'         
# 
_pdbx_database_status.entry_id                        3QH7 
_pdbx_database_status.status_code                     REL 
_pdbx_database_status.deposit_site                    RCSB 
_pdbx_database_status.process_site                    RCSB 
_pdbx_database_status.recvd_initial_deposition_date   2011-01-25 
_pdbx_database_status.status_code_sf                  REL 
_pdbx_database_status.status_code_mr                  ? 
_pdbx_database_status.SG_entry                        ? 
_pdbx_database_status.status_code_cs                  ? 
_pdbx_database_status.pdb_format_compatible           Y 
_pdbx_database_status.methods_development_category    ? 
_pdbx_database_status.status_code_nmr_data            ? 
# 
_pdbx_database_related.db_name        PDB 
_pdbx_database_related.db_id          3QH6 
_pdbx_database_related.details        . 
_pdbx_database_related.content_type   unspecified 
# 
loop_
_audit_author.name 
_audit_author.pdbx_ordinal 
'Kemege, K.'     1 
'Hickey, J.'     2 
'Lovell, S.'     3 
'Battaile, K.P.' 4 
'Zhang, Y.'      5 
'Hefty, P.S.'    6 
# 
_citation.id                        primary 
_citation.title                     
;Ab initio structural modeling of and experimental validation for Chlamydia trachomatis protein CT296 reveal structural similarity to Fe(II) 2-oxoglutarate-dependent enzymes.
;
_citation.journal_abbrev            'J. Bacteriol.' 
_citation.journal_volume            193 
_citation.page_first                6517 
_citation.page_last                 6528 
_citation.year                      2011 
_citation.journal_id_ASTM           JOBAAY 
_citation.country                   US 
_citation.journal_id_ISSN           1098-5530 
_citation.journal_id_CSD            0767 
_citation.book_publisher            ? 
_citation.pdbx_database_id_PubMed   21965559 
_citation.pdbx_database_id_DOI      10.1128/JB.05488-11 
# 
loop_
_citation_author.citation_id 
_citation_author.name 
_citation_author.ordinal 
_citation_author.identifier_ORCID 
primary 'Kemege, K.E.'   1 ? 
primary 'Hickey, J.M.'   2 ? 
primary 'Lovell, S.'     3 ? 
primary 'Battaile, K.P.' 4 ? 
primary 'Zhang, Y.'      5 ? 
primary 'Hefty, P.S.'    6 ? 
# 
loop_
_entity.id 
_entity.type 
_entity.src_method 
_entity.pdbx_description 
_entity.formula_weight 
_entity.pdbx_number_of_molecules 
_entity.pdbx_ec 
_entity.pdbx_mutation 
_entity.pdbx_fragment 
_entity.details 
1 polymer man CT296 18245.701 1  ? ? ? ? 
2 water   nat water 18.015    20 ? ? ? ? 
# 
_entity_poly.entity_id                      1 
_entity_poly.type                           'polypeptide(L)' 
_entity_poly.nstd_linkage                   no 
_entity_poly.nstd_monomer                   yes 
_entity_poly.pdbx_seq_one_letter_code       
;SR(MSE)RAVLHLEHKRYFQNHGHILFEGLAPVSDCKQLEAELKLFLKEVAVVKDRHLQRWRENVHRTLPGVQ(MSE)IV
KRVRLDHLAAELTHRSRVALVRDLWVQKQEEILFDDCDCSVLLCLSGEKAGWGLFFSGEYPQDVFDWGAGDTAIILRFSS
AGFPN
;
_entity_poly.pdbx_seq_one_letter_code_can   
;SRMRAVLHLEHKRYFQNHGHILFEGLAPVSDCKQLEAELKLFLKEVAVVKDRHLQRWRENVHRTLPGVQMIVKRVRLDHL
AAELTHRSRVALVRDLWVQKQEEILFDDCDCSVLLCLSGEKAGWGLFFSGEYPQDVFDWGAGDTAIILRFSSAGFPN
;
_entity_poly.pdbx_strand_id                 A 
_entity_poly.pdbx_target_identifier         ? 
# 
_pdbx_entity_nonpoly.entity_id   2 
_pdbx_entity_nonpoly.name        water 
_pdbx_entity_nonpoly.comp_id     HOH 
# 
loop_
_entity_poly_seq.entity_id 
_entity_poly_seq.num 
_entity_poly_seq.mon_id 
_entity_poly_seq.hetero 
1 1   SER n 
1 2   ARG n 
1 3   MSE n 
1 4   ARG n 
1 5   ALA n 
1 6   VAL n 
1 7   LEU n 
1 8   HIS n 
1 9   LEU n 
1 10  GLU n 
1 11  HIS n 
1 12  LYS n 
1 13  ARG n 
1 14  TYR n 
1 15  PHE n 
1 16  GLN n 
1 17  ASN n 
1 18  HIS n 
1 19  GLY n 
1 20  HIS n 
1 21  ILE n 
1 22  LEU n 
1 23  PHE n 
1 24  GLU n 
1 25  GLY n 
1 26  LEU n 
1 27  ALA n 
1 28  PRO n 
1 29  VAL n 
1 30  SER n 
1 31  ASP n 
1 32  CYS n 
1 33  LYS n 
1 34  GLN n 
1 35  LEU n 
1 36  GLU n 
1 37  ALA n 
1 38  GLU n 
1 39  LEU n 
1 40  LYS n 
1 41  LEU n 
1 42  PHE n 
1 43  LEU n 
1 44  LYS n 
1 45  GLU n 
1 46  VAL n 
1 47  ALA n 
1 48  VAL n 
1 49  VAL n 
1 50  LYS n 
1 51  ASP n 
1 52  ARG n 
1 53  HIS n 
1 54  LEU n 
1 55  GLN n 
1 56  ARG n 
1 57  TRP n 
1 58  ARG n 
1 59  GLU n 
1 60  ASN n 
1 61  VAL n 
1 62  HIS n 
1 63  ARG n 
1 64  THR n 
1 65  LEU n 
1 66  PRO n 
1 67  GLY n 
1 68  VAL n 
1 69  GLN n 
1 70  MSE n 
1 71  ILE n 
1 72  VAL n 
1 73  LYS n 
1 74  ARG n 
1 75  VAL n 
1 76  ARG n 
1 77  LEU n 
1 78  ASP n 
1 79  HIS n 
1 80  LEU n 
1 81  ALA n 
1 82  ALA n 
1 83  GLU n 
1 84  LEU n 
1 85  THR n 
1 86  HIS n 
1 87  ARG n 
1 88  SER n 
1 89  ARG n 
1 90  VAL n 
1 91  ALA n 
1 92  LEU n 
1 93  VAL n 
1 94  ARG n 
1 95  ASP n 
1 96  LEU n 
1 97  TRP n 
1 98  VAL n 
1 99  GLN n 
1 100 LYS n 
1 101 GLN n 
1 102 GLU n 
1 103 GLU n 
1 104 ILE n 
1 105 LEU n 
1 106 PHE n 
1 107 ASP n 
1 108 ASP n 
1 109 CYS n 
1 110 ASP n 
1 111 CYS n 
1 112 SER n 
1 113 VAL n 
1 114 LEU n 
1 115 LEU n 
1 116 CYS n 
1 117 LEU n 
1 118 SER n 
1 119 GLY n 
1 120 GLU n 
1 121 LYS n 
1 122 ALA n 
1 123 GLY n 
1 124 TRP n 
1 125 GLY n 
1 126 LEU n 
1 127 PHE n 
1 128 PHE n 
1 129 SER n 
1 130 GLY n 
1 131 GLU n 
1 132 TYR n 
1 133 PRO n 
1 134 GLN n 
1 135 ASP n 
1 136 VAL n 
1 137 PHE n 
1 138 ASP n 
1 139 TRP n 
1 140 GLY n 
1 141 ALA n 
1 142 GLY n 
1 143 ASP n 
1 144 THR n 
1 145 ALA n 
1 146 ILE n 
1 147 ILE n 
1 148 LEU n 
1 149 ARG n 
1 150 PHE n 
1 151 SER n 
1 152 SER n 
1 153 ALA n 
1 154 GLY n 
1 155 PHE n 
1 156 PRO n 
1 157 ASN n 
# 
_entity_src_gen.entity_id                          1 
_entity_src_gen.pdbx_src_id                        1 
_entity_src_gen.pdbx_alt_source_flag               sample 
_entity_src_gen.pdbx_seq_type                      ? 
_entity_src_gen.pdbx_beg_seq_num                   ? 
_entity_src_gen.pdbx_end_seq_num                   ? 
_entity_src_gen.gene_src_common_name               ? 
_entity_src_gen.gene_src_genus                     ? 
_entity_src_gen.pdbx_gene_src_gene                 CTL0548 
_entity_src_gen.gene_src_species                   ? 
_entity_src_gen.gene_src_strain                    L2/434/Bu 
_entity_src_gen.gene_src_tissue                    ? 
_entity_src_gen.gene_src_tissue_fraction           ? 
_entity_src_gen.gene_src_details                   ? 
_entity_src_gen.pdbx_gene_src_fragment             ? 
_entity_src_gen.pdbx_gene_src_scientific_name      'Chlamydia trachomatis' 
_entity_src_gen.pdbx_gene_src_ncbi_taxonomy_id     471472 
_entity_src_gen.pdbx_gene_src_variant              ? 
_entity_src_gen.pdbx_gene_src_cell_line            ? 
_entity_src_gen.pdbx_gene_src_atcc                 ? 
_entity_src_gen.pdbx_gene_src_organ                ? 
_entity_src_gen.pdbx_gene_src_organelle            ? 
_entity_src_gen.pdbx_gene_src_cell                 ? 
_entity_src_gen.pdbx_gene_src_cellular_location    ? 
_entity_src_gen.host_org_common_name               ? 
_entity_src_gen.pdbx_host_org_scientific_name      'Escherichia coli' 
_entity_src_gen.pdbx_host_org_ncbi_taxonomy_id     469008 
_entity_src_gen.host_org_genus                     ? 
_entity_src_gen.pdbx_host_org_gene                 ? 
_entity_src_gen.pdbx_host_org_organ                ? 
_entity_src_gen.host_org_species                   ? 
_entity_src_gen.pdbx_host_org_tissue               ? 
_entity_src_gen.pdbx_host_org_tissue_fraction      ? 
_entity_src_gen.pdbx_host_org_strain               'BL21(DE3)' 
_entity_src_gen.pdbx_host_org_variant              ? 
_entity_src_gen.pdbx_host_org_cell_line            ? 
_entity_src_gen.pdbx_host_org_atcc                 ? 
_entity_src_gen.pdbx_host_org_culture_collection   ? 
_entity_src_gen.pdbx_host_org_cell                 ? 
_entity_src_gen.pdbx_host_org_organelle            ? 
_entity_src_gen.pdbx_host_org_cellular_location    ? 
_entity_src_gen.pdbx_host_org_vector_type          plasmid 
_entity_src_gen.pdbx_host_org_vector               ? 
_entity_src_gen.host_org_details                   ? 
_entity_src_gen.expression_system_id               ? 
_entity_src_gen.plasmid_name                       pET21b 
_entity_src_gen.plasmid_details                    ? 
_entity_src_gen.pdbx_description                   ? 
# 
loop_
_chem_comp.id 
_chem_comp.type 
_chem_comp.mon_nstd_flag 
_chem_comp.name 
_chem_comp.pdbx_synonyms 
_chem_comp.formula 
_chem_comp.formula_weight 
ALA 'L-peptide linking' y ALANINE          ? 'C3 H7 N O2'     89.093  
ARG 'L-peptide linking' y ARGININE         ? 'C6 H15 N4 O2 1' 175.209 
ASN 'L-peptide linking' y ASPARAGINE       ? 'C4 H8 N2 O3'    132.118 
ASP 'L-peptide linking' y 'ASPARTIC ACID'  ? 'C4 H7 N O4'     133.103 
CYS 'L-peptide linking' y CYSTEINE         ? 'C3 H7 N O2 S'   121.158 
GLN 'L-peptide linking' y GLUTAMINE        ? 'C5 H10 N2 O3'   146.144 
GLU 'L-peptide linking' y 'GLUTAMIC ACID'  ? 'C5 H9 N O4'     147.129 
GLY 'peptide linking'   y GLYCINE          ? 'C2 H5 N O2'     75.067  
HIS 'L-peptide linking' y HISTIDINE        ? 'C6 H10 N3 O2 1' 156.162 
HOH non-polymer         . WATER            ? 'H2 O'           18.015  
ILE 'L-peptide linking' y ISOLEUCINE       ? 'C6 H13 N O2'    131.173 
LEU 'L-peptide linking' y LEUCINE          ? 'C6 H13 N O2'    131.173 
LYS 'L-peptide linking' y LYSINE           ? 'C6 H15 N2 O2 1' 147.195 
MSE 'L-peptide linking' n SELENOMETHIONINE ? 'C5 H11 N O2 Se' 196.106 
PHE 'L-peptide linking' y PHENYLALANINE    ? 'C9 H11 N O2'    165.189 
PRO 'L-peptide linking' y PROLINE          ? 'C5 H9 N O2'     115.130 
SER 'L-peptide linking' y SERINE           ? 'C3 H7 N O3'     105.093 
THR 'L-peptide linking' y THREONINE        ? 'C4 H9 N O3'     119.119 
TRP 'L-peptide linking' y TRYPTOPHAN       ? 'C11 H12 N2 O2'  204.225 
TYR 'L-peptide linking' y TYROSINE         ? 'C9 H11 N O3'    181.189 
VAL 'L-peptide linking' y VALINE           ? 'C5 H11 N O2'    117.146 
# 
loop_
_pdbx_poly_seq_scheme.asym_id 
_pdbx_poly_seq_scheme.entity_id 
_pdbx_poly_seq_scheme.seq_id 
_pdbx_poly_seq_scheme.mon_id 
_pdbx_poly_seq_scheme.ndb_seq_num 
_pdbx_poly_seq_scheme.pdb_seq_num 
_pdbx_poly_seq_scheme.auth_seq_num 
_pdbx_poly_seq_scheme.pdb_mon_id 
_pdbx_poly_seq_scheme.auth_mon_id 
_pdbx_poly_seq_scheme.pdb_strand_id 
_pdbx_poly_seq_scheme.pdb_ins_code 
_pdbx_poly_seq_scheme.hetero 
A 1 1   SER 1   -1  -1  SER SER A . n 
A 1 2   ARG 2   0   0   ARG ARG A . n 
A 1 3   MSE 3   1   1   MSE MSE A . n 
A 1 4   ARG 4   2   2   ARG ARG A . n 
A 1 5   ALA 5   3   3   ALA ALA A . n 
A 1 6   VAL 6   4   4   VAL VAL A . n 
A 1 7   LEU 7   5   5   LEU LEU A . n 
A 1 8   HIS 8   6   6   HIS HIS A . n 
A 1 9   LEU 9   7   7   LEU LEU A . n 
A 1 10  GLU 10  8   8   GLU GLU A . n 
A 1 11  HIS 11  9   9   HIS HIS A . n 
A 1 12  LYS 12  10  10  LYS LYS A . n 
A 1 13  ARG 13  11  11  ARG ARG A . n 
A 1 14  TYR 14  12  12  TYR TYR A . n 
A 1 15  PHE 15  13  13  PHE PHE A . n 
A 1 16  GLN 16  14  14  GLN GLN A . n 
A 1 17  ASN 17  15  15  ASN ASN A . n 
A 1 18  HIS 18  16  16  HIS HIS A . n 
A 1 19  GLY 19  17  17  GLY GLY A . n 
A 1 20  HIS 20  18  18  HIS HIS A . n 
A 1 21  ILE 21  19  19  ILE ILE A . n 
A 1 22  LEU 22  20  20  LEU LEU A . n 
A 1 23  PHE 23  21  21  PHE PHE A . n 
A 1 24  GLU 24  22  22  GLU GLU A . n 
A 1 25  GLY 25  23  23  GLY GLY A . n 
A 1 26  LEU 26  24  24  LEU LEU A . n 
A 1 27  ALA 27  25  25  ALA ALA A . n 
A 1 28  PRO 28  26  26  PRO PRO A . n 
A 1 29  VAL 29  27  27  VAL VAL A . n 
A 1 30  SER 30  28  28  SER SER A . n 
A 1 31  ASP 31  29  29  ASP ASP A . n 
A 1 32  CYS 32  30  30  CYS CYS A . n 
A 1 33  LYS 33  31  31  LYS LYS A . n 
A 1 34  GLN 34  32  32  GLN GLN A . n 
A 1 35  LEU 35  33  33  LEU LEU A . n 
A 1 36  GLU 36  34  34  GLU GLU A . n 
A 1 37  ALA 37  35  35  ALA ALA A . n 
A 1 38  GLU 38  36  36  GLU GLU A . n 
A 1 39  LEU 39  37  37  LEU LEU A . n 
A 1 40  LYS 40  38  38  LYS LYS A . n 
A 1 41  LEU 41  39  39  LEU LEU A . n 
A 1 42  PHE 42  40  40  PHE PHE A . n 
A 1 43  LEU 43  41  41  LEU LEU A . n 
A 1 44  LYS 44  42  42  LYS LYS A . n 
A 1 45  GLU 45  43  ?   ?   ?   A . n 
A 1 46  VAL 46  44  ?   ?   ?   A . n 
A 1 47  ALA 47  45  ?   ?   ?   A . n 
A 1 48  VAL 48  46  ?   ?   ?   A . n 
A 1 49  VAL 49  47  ?   ?   ?   A . n 
A 1 50  LYS 50  48  ?   ?   ?   A . n 
A 1 51  ASP 51  49  ?   ?   ?   A . n 
A 1 52  ARG 52  50  ?   ?   ?   A . n 
A 1 53  HIS 53  51  ?   ?   ?   A . n 
A 1 54  LEU 54  52  ?   ?   ?   A . n 
A 1 55  GLN 55  53  ?   ?   ?   A . n 
A 1 56  ARG 56  54  54  ARG ARG A . n 
A 1 57  TRP 57  55  55  TRP TRP A . n 
A 1 58  ARG 58  56  56  ARG ARG A . n 
A 1 59  GLU 59  57  57  GLU GLU A . n 
A 1 60  ASN 60  58  58  ASN ASN A . n 
A 1 61  VAL 61  59  59  VAL VAL A . n 
A 1 62  HIS 62  60  60  HIS HIS A . n 
A 1 63  ARG 63  61  61  ARG ARG A . n 
A 1 64  THR 64  62  62  THR THR A . n 
A 1 65  LEU 65  63  63  LEU LEU A . n 
A 1 66  PRO 66  64  64  PRO PRO A . n 
A 1 67  GLY 67  65  65  GLY GLY A . n 
A 1 68  VAL 68  66  66  VAL VAL A . n 
A 1 69  GLN 69  67  67  GLN GLN A . n 
A 1 70  MSE 70  68  68  MSE MSE A . n 
A 1 71  ILE 71  69  69  ILE ILE A . n 
A 1 72  VAL 72  70  70  VAL VAL A . n 
A 1 73  LYS 73  71  71  LYS LYS A . n 
A 1 74  ARG 74  72  72  ARG ARG A . n 
A 1 75  VAL 75  73  73  VAL VAL A . n 
A 1 76  ARG 76  74  74  ARG ARG A . n 
A 1 77  LEU 77  75  75  LEU LEU A . n 
A 1 78  ASP 78  76  76  ASP ASP A . n 
A 1 79  HIS 79  77  77  HIS HIS A . n 
A 1 80  LEU 80  78  78  LEU LEU A . n 
A 1 81  ALA 81  79  79  ALA ALA A . n 
A 1 82  ALA 82  80  80  ALA ALA A . n 
A 1 83  GLU 83  81  81  GLU GLU A . n 
A 1 84  LEU 84  82  82  LEU LEU A . n 
A 1 85  THR 85  83  83  THR THR A . n 
A 1 86  HIS 86  84  84  HIS HIS A . n 
A 1 87  ARG 87  85  85  ARG ARG A . n 
A 1 88  SER 88  86  86  SER SER A . n 
A 1 89  ARG 89  87  87  ARG ARG A . n 
A 1 90  VAL 90  88  88  VAL VAL A . n 
A 1 91  ALA 91  89  89  ALA ALA A . n 
A 1 92  LEU 92  90  90  LEU LEU A . n 
A 1 93  VAL 93  91  91  VAL VAL A . n 
A 1 94  ARG 94  92  92  ARG ARG A . n 
A 1 95  ASP 95  93  93  ASP ASP A . n 
A 1 96  LEU 96  94  94  LEU LEU A . n 
A 1 97  TRP 97  95  95  TRP TRP A . n 
A 1 98  VAL 98  96  96  VAL VAL A . n 
A 1 99  GLN 99  97  97  GLN GLN A . n 
A 1 100 LYS 100 98  98  LYS LYS A . n 
A 1 101 GLN 101 99  99  GLN GLN A . n 
A 1 102 GLU 102 100 100 GLU GLU A . n 
A 1 103 GLU 103 101 101 GLU GLU A . n 
A 1 104 ILE 104 102 102 ILE ILE A . n 
A 1 105 LEU 105 103 103 LEU LEU A . n 
A 1 106 PHE 106 104 104 PHE PHE A . n 
A 1 107 ASP 107 105 105 ASP ASP A . n 
A 1 108 ASP 108 106 106 ASP ASP A . n 
A 1 109 CYS 109 107 107 CYS CYS A . n 
A 1 110 ASP 110 108 108 ASP ASP A . n 
A 1 111 CYS 111 109 109 CYS CYS A . n 
A 1 112 SER 112 110 110 SER SER A . n 
A 1 113 VAL 113 111 111 VAL VAL A . n 
A 1 114 LEU 114 112 112 LEU LEU A . n 
A 1 115 LEU 115 113 113 LEU LEU A . n 
A 1 116 CYS 116 114 114 CYS CYS A . n 
A 1 117 LEU 117 115 115 LEU LEU A . n 
A 1 118 SER 118 116 116 SER SER A . n 
A 1 119 GLY 119 117 117 GLY GLY A . n 
A 1 120 GLU 120 118 118 GLU GLU A . n 
A 1 121 LYS 121 119 119 LYS LYS A . n 
A 1 122 ALA 122 120 120 ALA ALA A . n 
A 1 123 GLY 123 121 121 GLY GLY A . n 
A 1 124 TRP 124 122 122 TRP TRP A . n 
A 1 125 GLY 125 123 123 GLY GLY A . n 
A 1 126 LEU 126 124 124 LEU LEU A . n 
A 1 127 PHE 127 125 125 PHE PHE A . n 
A 1 128 PHE 128 126 126 PHE PHE A . n 
A 1 129 SER 129 127 127 SER SER A . n 
A 1 130 GLY 130 128 128 GLY GLY A . n 
A 1 131 GLU 131 129 129 GLU GLU A . n 
A 1 132 TYR 132 130 130 TYR TYR A . n 
A 1 133 PRO 133 131 131 PRO PRO A . n 
A 1 134 GLN 134 132 132 GLN GLN A . n 
A 1 135 ASP 135 133 133 ASP ASP A . n 
A 1 136 VAL 136 134 134 VAL VAL A . n 
A 1 137 PHE 137 135 135 PHE PHE A . n 
A 1 138 ASP 138 136 136 ASP ASP A . n 
A 1 139 TRP 139 137 137 TRP TRP A . n 
A 1 140 GLY 140 138 138 GLY GLY A . n 
A 1 141 ALA 141 139 139 ALA ALA A . n 
A 1 142 GLY 142 140 140 GLY GLY A . n 
A 1 143 ASP 143 141 141 ASP ASP A . n 
A 1 144 THR 144 142 142 THR THR A . n 
A 1 145 ALA 145 143 143 ALA ALA A . n 
A 1 146 ILE 146 144 144 ILE ILE A . n 
A 1 147 ILE 147 145 145 ILE ILE A . n 
A 1 148 LEU 148 146 146 LEU LEU A . n 
A 1 149 ARG 149 147 147 ARG ARG A . n 
A 1 150 PHE 150 148 148 PHE PHE A . n 
A 1 151 SER 151 149 149 SER SER A . n 
A 1 152 SER 152 150 150 SER SER A . n 
A 1 153 ALA 153 151 ?   ?   ?   A . n 
A 1 154 GLY 154 152 ?   ?   ?   A . n 
A 1 155 PHE 155 153 ?   ?   ?   A . n 
A 1 156 PRO 156 154 ?   ?   ?   A . n 
A 1 157 ASN 157 155 ?   ?   ?   A . n 
# 
loop_
_pdbx_nonpoly_scheme.asym_id 
_pdbx_nonpoly_scheme.entity_id 
_pdbx_nonpoly_scheme.mon_id 
_pdbx_nonpoly_scheme.ndb_seq_num 
_pdbx_nonpoly_scheme.pdb_seq_num 
_pdbx_nonpoly_scheme.auth_seq_num 
_pdbx_nonpoly_scheme.pdb_mon_id 
_pdbx_nonpoly_scheme.auth_mon_id 
_pdbx_nonpoly_scheme.pdb_strand_id 
_pdbx_nonpoly_scheme.pdb_ins_code 
B 2 HOH 1  156 1  HOH HOH A . 
B 2 HOH 2  157 2  HOH HOH A . 
B 2 HOH 3  158 3  HOH HOH A . 
B 2 HOH 4  159 4  HOH HOH A . 
B 2 HOH 5  160 5  HOH HOH A . 
B 2 HOH 6  161 6  HOH HOH A . 
B 2 HOH 7  162 7  HOH HOH A . 
B 2 HOH 8  163 8  HOH HOH A . 
B 2 HOH 9  164 9  HOH HOH A . 
B 2 HOH 10 165 10 HOH HOH A . 
B 2 HOH 11 166 11 HOH HOH A . 
B 2 HOH 12 167 12 HOH HOH A . 
B 2 HOH 13 168 13 HOH HOH A . 
B 2 HOH 14 169 14 HOH HOH A . 
B 2 HOH 15 170 15 HOH HOH A . 
B 2 HOH 16 171 16 HOH HOH A . 
B 2 HOH 17 172 17 HOH HOH A . 
B 2 HOH 18 173 18 HOH HOH A . 
B 2 HOH 19 174 19 HOH HOH A . 
B 2 HOH 20 175 20 HOH HOH A . 
# 
loop_
_pdbx_unobs_or_zero_occ_atoms.id 
_pdbx_unobs_or_zero_occ_atoms.PDB_model_num 
_pdbx_unobs_or_zero_occ_atoms.polymer_flag 
_pdbx_unobs_or_zero_occ_atoms.occupancy_flag 
_pdbx_unobs_or_zero_occ_atoms.auth_asym_id 
_pdbx_unobs_or_zero_occ_atoms.auth_comp_id 
_pdbx_unobs_or_zero_occ_atoms.auth_seq_id 
_pdbx_unobs_or_zero_occ_atoms.PDB_ins_code 
_pdbx_unobs_or_zero_occ_atoms.auth_atom_id 
_pdbx_unobs_or_zero_occ_atoms.label_alt_id 
_pdbx_unobs_or_zero_occ_atoms.label_asym_id 
_pdbx_unobs_or_zero_occ_atoms.label_comp_id 
_pdbx_unobs_or_zero_occ_atoms.label_seq_id 
_pdbx_unobs_or_zero_occ_atoms.label_atom_id 
1  1 Y 1 A LYS 42  ? CG  ? A LYS 44  CG  
2  1 Y 1 A LYS 42  ? CD  ? A LYS 44  CD  
3  1 Y 1 A LYS 42  ? CE  ? A LYS 44  CE  
4  1 Y 1 A LYS 42  ? NZ  ? A LYS 44  NZ  
5  1 Y 1 A TRP 55  ? CG  ? A TRP 57  CG  
6  1 Y 1 A TRP 55  ? CD1 ? A TRP 57  CD1 
7  1 Y 1 A TRP 55  ? CD2 ? A TRP 57  CD2 
8  1 Y 1 A TRP 55  ? NE1 ? A TRP 57  NE1 
9  1 Y 1 A TRP 55  ? CE2 ? A TRP 57  CE2 
10 1 Y 1 A TRP 55  ? CE3 ? A TRP 57  CE3 
11 1 Y 1 A TRP 55  ? CZ2 ? A TRP 57  CZ2 
12 1 Y 1 A TRP 55  ? CZ3 ? A TRP 57  CZ3 
13 1 Y 1 A TRP 55  ? CH2 ? A TRP 57  CH2 
14 1 Y 1 A LYS 98  ? CD  ? A LYS 100 CD  
15 1 Y 1 A LYS 98  ? CE  ? A LYS 100 CE  
16 1 Y 1 A LYS 98  ? NZ  ? A LYS 100 NZ  
17 1 Y 1 A GLU 100 ? CG  ? A GLU 102 CG  
18 1 Y 1 A GLU 100 ? CD  ? A GLU 102 CD  
19 1 Y 1 A GLU 100 ? OE1 ? A GLU 102 OE1 
20 1 Y 1 A GLU 100 ? OE2 ? A GLU 102 OE2 
21 1 Y 1 A GLU 118 ? CG  ? A GLU 120 CG  
22 1 Y 1 A GLU 118 ? CD  ? A GLU 120 CD  
23 1 Y 1 A GLU 118 ? OE1 ? A GLU 120 OE1 
24 1 Y 1 A GLU 118 ? OE2 ? A GLU 120 OE2 
25 1 Y 1 A LYS 119 ? CE  ? A LYS 121 CE  
26 1 Y 1 A LYS 119 ? NZ  ? A LYS 121 NZ  
27 1 Y 1 A GLN 132 ? CG  ? A GLN 134 CG  
28 1 Y 1 A GLN 132 ? CD  ? A GLN 134 CD  
29 1 Y 1 A GLN 132 ? OE1 ? A GLN 134 OE1 
30 1 Y 1 A GLN 132 ? NE2 ? A GLN 134 NE2 
# 
loop_
_software.pdbx_ordinal 
_software.name 
_software.version 
_software.date 
_software.type 
_software.contact_author 
_software.contact_author_email 
_software.classification 
_software.location 
_software.language 
_software.citation_id 
1 SCALA       3.3.16  2010/01/06      other   'Phil R. Evans' pre@mrc-lmb.cam.ac.uk    'data processing' 
http://www.ccp4.ac.uk/dist/html/scala.html Fortran_77 ? 
2 PHENIX      1.7_648 ?               package 'Paul D. Adams' PDAdams@lbl.gov          refinement        
http://www.phenix-online.org/              C++        ? 
3 PDB_EXTRACT 3.10    'June 10, 2010' package PDB             deposit@deposit.rcsb.org 'data extraction' 
http://sw-tools.pdb.org/apps/PDB_EXTRACT/  C++        ? 
4 XDS         .       ?               ?       ?               ?                        'data reduction'  ? ?          ? 
5 SCALA       .       ?               ?       ?               ?                        'data scaling'    ? ?          ? 
6 PHENIX      .       ?               ?       ?               ?                        phasing           ? ?          ? 
# 
_cell.length_a           50.827 
_cell.length_b           63.663 
_cell.length_c           46.320 
_cell.angle_alpha        90.000 
_cell.angle_beta         90.000 
_cell.angle_gamma        90.000 
_cell.entry_id           3QH7 
_cell.pdbx_unique_axis   ? 
_cell.Z_PDB              4 
_cell.length_a_esd       ? 
_cell.length_b_esd       ? 
_cell.length_c_esd       ? 
_cell.angle_alpha_esd    ? 
_cell.angle_beta_esd     ? 
_cell.angle_gamma_esd    ? 
# 
_symmetry.space_group_name_H-M             'P 21 21 2' 
_symmetry.entry_id                         3QH7 
_symmetry.Int_Tables_number                18 
_symmetry.pdbx_full_space_group_name_H-M   ? 
_symmetry.cell_setting                     ? 
_symmetry.space_group_name_Hall            ? 
# 
_exptl.crystals_number   1 
_exptl.entry_id          3QH7 
_exptl.method            'X-RAY DIFFRACTION' 
# 
_exptl_crystal.id                    1 
_exptl_crystal.density_Matthews      2.05 
_exptl_crystal.density_meas          ? 
_exptl_crystal.density_percent_sol   40.11 
_exptl_crystal.description           ? 
_exptl_crystal.F_000                 ? 
_exptl_crystal.preparation           ? 
# 
_exptl_crystal_grow.crystal_id      1 
_exptl_crystal_grow.method          'VAPOR DIFFUSION' 
_exptl_crystal_grow.pH              7.0 
_exptl_crystal_grow.temp            277 
_exptl_crystal_grow.pdbx_details    '0.1 M HEPES, 15 % PEG 20000, pH 7.0, VAPOR DIFFUSION, temperature 277K' 
_exptl_crystal_grow.temp_details    ? 
_exptl_crystal_grow.pdbx_pH_range   ? 
# 
_diffrn.id                     1 
_diffrn.ambient_temp           100 
_diffrn.ambient_temp_details   ? 
_diffrn.crystal_id             1 
# 
_diffrn_detector.diffrn_id              1 
_diffrn_detector.detector               PIXEL 
_diffrn_detector.type                   'DECTRIS PILATUS 6M' 
_diffrn_detector.pdbx_collection_date   2010-01-01 
_diffrn_detector.details                ? 
# 
_diffrn_radiation.diffrn_id                        1 
_diffrn_radiation.pdbx_diffrn_protocol             'SINGLE WAVELENGTH' 
_diffrn_radiation.monochromator                    ? 
_diffrn_radiation.wavelength_id                    1 
_diffrn_radiation.pdbx_monochromatic_or_laue_m_l   ? 
_diffrn_radiation.pdbx_scattering_type             x-ray 
# 
_diffrn_radiation_wavelength.id           1 
_diffrn_radiation_wavelength.wavelength   0.9793 
_diffrn_radiation_wavelength.wt           1.0 
# 
_diffrn_source.diffrn_id                   1 
_diffrn_source.source                      SYNCHROTRON 
_diffrn_source.type                        'APS BEAMLINE 17-ID' 
_diffrn_source.pdbx_wavelength_list        0.9793 
_diffrn_source.pdbx_wavelength             ? 
_diffrn_source.pdbx_synchrotron_site       APS 
_diffrn_source.pdbx_synchrotron_beamline   17-ID 
# 
_reflns.entry_id                     3QH7 
_reflns.d_resolution_high            2.497 
_reflns.d_resolution_low             63.663 
_reflns.number_all                   5585 
_reflns.number_obs                   5585 
_reflns.pdbx_netI_over_sigmaI        18.000 
_reflns.pdbx_Rsym_value              0.118 
_reflns.pdbx_redundancy              11.800 
_reflns.percent_possible_obs         99.900 
_reflns.observed_criterion_sigma_F   0 
_reflns.observed_criterion_sigma_I   -3 
_reflns.pdbx_Rmerge_I_obs            ? 
_reflns.B_iso_Wilson_estimate        ? 
_reflns.R_free_details               ? 
_reflns.limit_h_max                  ? 
_reflns.limit_h_min                  ? 
_reflns.limit_k_max                  ? 
_reflns.limit_k_min                  ? 
_reflns.limit_l_max                  ? 
_reflns.limit_l_min                  ? 
_reflns.observed_criterion_F_max     ? 
_reflns.observed_criterion_F_min     ? 
_reflns.pdbx_chi_squared             ? 
_reflns.pdbx_scaling_rejects         ? 
_reflns.pdbx_ordinal                 1 
_reflns.pdbx_diffrn_id               1 
# 
loop_
_reflns_shell.d_res_high 
_reflns_shell.d_res_low 
_reflns_shell.number_measured_obs 
_reflns_shell.number_measured_all 
_reflns_shell.number_unique_obs 
_reflns_shell.Rmerge_I_obs 
_reflns_shell.meanI_over_sigI_obs 
_reflns_shell.pdbx_Rsym_value 
_reflns_shell.pdbx_chi_squared 
_reflns_shell.pdbx_redundancy 
_reflns_shell.percent_possible_obs 
_reflns_shell.number_unique_all 
_reflns_shell.percent_possible_all 
_reflns_shell.pdbx_ordinal 
_reflns_shell.pdbx_diffrn_id 
2.500 2.630  ? 9848 ? 0.480 1.300  0.480 ? 12.300 ? 803 99.800  1  1 
2.630 2.790  ? 8728 ? 0.336 1.400  0.336 ? 11.800 ? 738 99.600  2  1 
2.790 2.980  ? 8578 ? 0.258 2.400  0.258 ? 12.200 ? 704 99.900  3  1 
2.980 3.220  ? 8454 ? 0.175 3.800  0.175 ? 12.700 ? 668 99.900  4  1 
3.220 3.530  ? 7519 ? 0.123 5.400  0.123 ? 12.200 ? 618 100.000 5  1 
3.530 3.950  ? 6244 ? 0.096 6.500  0.096 ? 11.300 ? 555 99.900  6  1 
3.950 4.560  ? 5731 ? 0.075 7.800  0.075 ? 11.400 ? 504 100.000 7  1 
4.560 5.580  ? 5081 ? 0.067 8.900  0.067 ? 11.800 ? 432 100.000 8  1 
5.580 7.900  ? 3709 ? 0.067 9.300  0.067 ? 10.600 ? 351 100.000 9  1 
7.900 63.663 ? 2077 ? 0.046 11.500 0.046 ? 9.800  ? 212 99.400  10 1 
# 
_refine.entry_id                                 3QH7 
_refine.ls_d_res_high                            2.4970 
_refine.ls_d_res_low                             39.7210 
_refine.pdbx_ls_sigma_F                          1.460 
_refine.pdbx_data_cutoff_high_absF               ? 
_refine.pdbx_data_cutoff_low_absF                ? 
_refine.ls_percent_reflns_obs                    99.7300 
_refine.ls_number_reflns_obs                     5564 
_refine.ls_number_reflns_all                     ? 
_refine.pdbx_ls_cross_valid_method               ? 
_refine.pdbx_R_Free_selection_details            RANDOM 
_refine.details                                  ? 
_refine.ls_R_factor_all                          ? 
_refine.ls_R_factor_obs                          0.2059 
_refine.ls_R_factor_R_work                       0.2033 
_refine.ls_wR_factor_R_work                      ? 
_refine.ls_R_factor_R_free                       0.2584 
_refine.ls_wR_factor_R_free                      ? 
_refine.ls_percent_reflns_R_free                 4.4900 
_refine.ls_number_reflns_R_free                  250 
_refine.ls_R_factor_R_free_error                 ? 
_refine.B_iso_mean                               34.0823 
_refine.solvent_model_param_bsol                 20.0000 
_refine.solvent_model_param_ksol                 0.3820 
_refine.pdbx_isotropic_thermal_model             ? 
_refine.aniso_B[1][1]                            -14.6228 
_refine.aniso_B[2][2]                            -3.9483 
_refine.aniso_B[3][3]                            23.4126 
_refine.aniso_B[1][2]                            -0.0000 
_refine.aniso_B[1][3]                            0.0000 
_refine.aniso_B[2][3]                            -0.0000 
_refine.correlation_coeff_Fo_to_Fc               ? 
_refine.correlation_coeff_Fo_to_Fc_free          ? 
_refine.overall_SU_R_Cruickshank_DPI             ? 
_refine.overall_SU_R_free                        ? 
_refine.pdbx_overall_ESU_R_Free                  ? 
_refine.overall_SU_ML                            0.2900 
_refine.overall_SU_B                             ? 
_refine.solvent_model_details                    'FLAT BULK SOLVENT MODEL' 
_refine.pdbx_solvent_vdw_probe_radii             0.8000 
_refine.pdbx_solvent_ion_probe_radii             ? 
_refine.pdbx_solvent_shrinkage_radii             0.6500 
_refine.ls_number_parameters                     ? 
_refine.ls_number_restraints                     ? 
_refine.pdbx_starting_model                      ? 
_refine.pdbx_method_to_determine_struct          SAD 
_refine.pdbx_stereochemistry_target_values       ML 
_refine.pdbx_stereochem_target_val_spec_case     ? 
_refine.overall_FOM_work_R_set                   ? 
_refine.B_iso_max                                68.970 
_refine.B_iso_min                                16.130 
_refine.occupancy_max                            1.000 
_refine.occupancy_min                            0.790 
_refine.pdbx_ls_sigma_I                          ? 
_refine.ls_redundancy_reflns_obs                 ? 
_refine.ls_R_factor_R_free_error_details         ? 
_refine.pdbx_data_cutoff_high_rms_absF           ? 
_refine.overall_FOM_free_R_set                   ? 
_refine.pdbx_overall_phase_error                 28.36 
_refine.pdbx_refine_id                           'X-RAY DIFFRACTION' 
_refine.pdbx_diffrn_id                           1 
_refine.pdbx_overall_ESU_R                       ? 
_refine.pdbx_TLS_residual_ADP_flag               ? 
_refine.pdbx_overall_SU_R_free_Cruickshank_DPI   ? 
_refine.pdbx_overall_SU_R_Blow_DPI               ? 
_refine.pdbx_overall_SU_R_free_Blow_DPI          ? 
# 
_refine_hist.pdbx_refine_id                   'X-RAY DIFFRACTION' 
_refine_hist.cycle_id                         LAST 
_refine_hist.pdbx_number_atoms_protein        1123 
_refine_hist.pdbx_number_atoms_nucleic_acid   0 
_refine_hist.pdbx_number_atoms_ligand         0 
_refine_hist.number_atoms_solvent             20 
_refine_hist.number_atoms_total               1143 
_refine_hist.d_res_high                       2.4970 
_refine_hist.d_res_low                        39.7210 
# 
loop_
_refine_ls_restr.type 
_refine_ls_restr.number 
_refine_ls_restr.dev_ideal 
_refine_ls_restr.dev_ideal_target 
_refine_ls_restr.weight 
_refine_ls_restr.pdbx_refine_id 
_refine_ls_restr.pdbx_restraint_function 
f_bond_d           1147 0.007  ? ? 'X-RAY DIFFRACTION' ? 
f_angle_d          1548 0.933  ? ? 'X-RAY DIFFRACTION' ? 
f_chiral_restr     171  0.050  ? ? 'X-RAY DIFFRACTION' ? 
f_plane_restr      198  0.003  ? ? 'X-RAY DIFFRACTION' ? 
f_dihedral_angle_d 412  14.005 ? ? 'X-RAY DIFFRACTION' ? 
# 
_struct.entry_id                  3QH7 
_struct.title                     '2.5 A resolution structure of Se-Met labeled CT296 from Chlamydia trachomatis' 
_struct.pdbx_model_details        ? 
_struct.pdbx_CASP_flag            ? 
_struct.pdbx_model_type_details   ? 
# 
_struct_keywords.entry_id        3QH7 
_struct_keywords.text            'CT296, Iron, modeling, Chlamydia, UNKNOWN FUNCTION' 
_struct_keywords.pdbx_keywords   'UNKNOWN FUNCTION' 
# 
loop_
_struct_asym.id 
_struct_asym.pdbx_blank_PDB_chainid_flag 
_struct_asym.pdbx_modified 
_struct_asym.entity_id 
_struct_asym.details 
A N N 1 ? 
B N N 2 ? 
# 
_struct_ref.id                         1 
_struct_ref.db_name                    UNP 
_struct_ref.db_code                    B0B7L2_CHLT2 
_struct_ref.pdbx_db_accession          B0B7L2 
_struct_ref.entity_id                  1 
_struct_ref.pdbx_seq_one_letter_code   
;MRAVLHLEHKRYFQNHGHILFEGLAPVSDCKQLEAELKLFLKEVAVVKDRHLQRWRENVHRTLPGVQMIVKRVRLDHLAA
ELTHRSRVALVRDLWVQKQEEILFDDCDCSVLLCLSGEKAGWGLFFSGEYPQDVFDWGAGDTAIILRFSSAGFPN
;
_struct_ref.pdbx_align_begin           1 
_struct_ref.pdbx_db_isoform            ? 
# 
_struct_ref_seq.align_id                      1 
_struct_ref_seq.ref_id                        1 
_struct_ref_seq.pdbx_PDB_id_code              3QH7 
_struct_ref_seq.pdbx_strand_id                A 
_struct_ref_seq.seq_align_beg                 3 
_struct_ref_seq.pdbx_seq_align_beg_ins_code   ? 
_struct_ref_seq.seq_align_end                 157 
_struct_ref_seq.pdbx_seq_align_end_ins_code   ? 
_struct_ref_seq.pdbx_db_accession             B0B7L2 
_struct_ref_seq.db_align_beg                  1 
_struct_ref_seq.pdbx_db_align_beg_ins_code    ? 
_struct_ref_seq.db_align_end                  155 
_struct_ref_seq.pdbx_db_align_end_ins_code    ? 
_struct_ref_seq.pdbx_auth_seq_align_beg       1 
_struct_ref_seq.pdbx_auth_seq_align_end       155 
# 
loop_
_struct_ref_seq_dif.align_id 
_struct_ref_seq_dif.pdbx_pdb_id_code 
_struct_ref_seq_dif.mon_id 
_struct_ref_seq_dif.pdbx_pdb_strand_id 
_struct_ref_seq_dif.seq_num 
_struct_ref_seq_dif.pdbx_pdb_ins_code 
_struct_ref_seq_dif.pdbx_seq_db_name 
_struct_ref_seq_dif.pdbx_seq_db_accession_code 
_struct_ref_seq_dif.db_mon_id 
_struct_ref_seq_dif.pdbx_seq_db_seq_num 
_struct_ref_seq_dif.details 
_struct_ref_seq_dif.pdbx_auth_seq_num 
_struct_ref_seq_dif.pdbx_ordinal 
1 3QH7 SER A 1 ? UNP B0B7L2 ? ? 'expression tag' -1 1 
1 3QH7 ARG A 2 ? UNP B0B7L2 ? ? 'expression tag' 0  2 
# 
loop_
_pdbx_struct_assembly.id 
_pdbx_struct_assembly.details 
_pdbx_struct_assembly.method_details 
_pdbx_struct_assembly.oligomeric_details 
_pdbx_struct_assembly.oligomeric_count 
1 author_defined_assembly   ?    monomeric 1 
2 software_defined_assembly PISA dimeric   2 
# 
loop_
_pdbx_struct_assembly_prop.biol_id 
_pdbx_struct_assembly_prop.type 
_pdbx_struct_assembly_prop.value 
_pdbx_struct_assembly_prop.details 
2 'ABSA (A^2)' 1730  ? 
2 MORE         -8    ? 
2 'SSA (A^2)'  13800 ? 
# 
loop_
_pdbx_struct_assembly_gen.assembly_id 
_pdbx_struct_assembly_gen.oper_expression 
_pdbx_struct_assembly_gen.asym_id_list 
1 1   A,B 
2 1,2 A,B 
# 
loop_
_pdbx_struct_oper_list.id 
_pdbx_struct_oper_list.type 
_pdbx_struct_oper_list.name 
_pdbx_struct_oper_list.symmetry_operation 
_pdbx_struct_oper_list.matrix[1][1] 
_pdbx_struct_oper_list.matrix[1][2] 
_pdbx_struct_oper_list.matrix[1][3] 
_pdbx_struct_oper_list.vector[1] 
_pdbx_struct_oper_list.matrix[2][1] 
_pdbx_struct_oper_list.matrix[2][2] 
_pdbx_struct_oper_list.matrix[2][3] 
_pdbx_struct_oper_list.vector[2] 
_pdbx_struct_oper_list.matrix[3][1] 
_pdbx_struct_oper_list.matrix[3][2] 
_pdbx_struct_oper_list.matrix[3][3] 
_pdbx_struct_oper_list.vector[3] 
1 'identity operation'         1_555 x,y,z   1.0000000000  0.0000000000  0.0000000000  0.0000000000   0.0000000000  1.0000000000 0.0000000000 0.0000000000   0.0000000000  0.0000000000 1.0000000000  0.0000000000   
2 'crystal symmetry operation' 2_555 -x,-y,z -0.4490699604 -0.7945039152 -0.4087783012 -24.1713687258 -0.7945039152 0.1457652075 0.5895049051 -10.4557784803 -0.4087783012 0.5895049051 -0.6966952472 -12.2549953780 
# 
_struct_biol.id        1 
_struct_biol.details   ? 
# 
loop_
_struct_conf.conf_type_id 
_struct_conf.id 
_struct_conf.pdbx_PDB_helix_id 
_struct_conf.beg_label_comp_id 
_struct_conf.beg_label_asym_id 
_struct_conf.beg_label_seq_id 
_struct_conf.pdbx_beg_PDB_ins_code 
_struct_conf.end_label_comp_id 
_struct_conf.end_label_asym_id 
_struct_conf.end_label_seq_id 
_struct_conf.pdbx_end_PDB_ins_code 
_struct_conf.beg_auth_comp_id 
_struct_conf.beg_auth_asym_id 
_struct_conf.beg_auth_seq_id 
_struct_conf.end_auth_comp_id 
_struct_conf.end_auth_asym_id 
_struct_conf.end_auth_seq_id 
_struct_conf.pdbx_PDB_helix_class 
_struct_conf.details 
_struct_conf.pdbx_PDB_helix_length 
HELX_P HELX_P1 1 HIS A 8   ? GLY A 19  ? HIS A 6  GLY A 17  1 ? 12 
HELX_P HELX_P2 2 PRO A 28  ? LEU A 43  ? PRO A 26 LEU A 41  1 ? 16 
HELX_P HELX_P3 3 ASN A 60  ? THR A 64  ? ASN A 58 THR A 62  5 ? 5  
HELX_P HELX_P4 4 PRO A 66  ? VAL A 75  ? PRO A 64 VAL A 73  1 ? 10 
HELX_P HELX_P5 5 ARG A 76  ? THR A 85  ? ARG A 74 THR A 83  1 ? 10 
HELX_P HELX_P6 6 LYS A 100 ? ILE A 104 ? LYS A 98 ILE A 102 5 ? 5  
# 
_struct_conf_type.id          HELX_P 
_struct_conf_type.criteria    ? 
_struct_conf_type.reference   ? 
# 
loop_
_struct_conn.id 
_struct_conn.conn_type_id 
_struct_conn.pdbx_leaving_atom_flag 
_struct_conn.pdbx_PDB_id 
_struct_conn.ptnr1_label_asym_id 
_struct_conn.ptnr1_label_comp_id 
_struct_conn.ptnr1_label_seq_id 
_struct_conn.ptnr1_label_atom_id 
_struct_conn.pdbx_ptnr1_label_alt_id 
_struct_conn.pdbx_ptnr1_PDB_ins_code 
_struct_conn.pdbx_ptnr1_standard_comp_id 
_struct_conn.ptnr1_symmetry 
_struct_conn.ptnr2_label_asym_id 
_struct_conn.ptnr2_label_comp_id 
_struct_conn.ptnr2_label_seq_id 
_struct_conn.ptnr2_label_atom_id 
_struct_conn.pdbx_ptnr2_label_alt_id 
_struct_conn.pdbx_ptnr2_PDB_ins_code 
_struct_conn.ptnr1_auth_asym_id 
_struct_conn.ptnr1_auth_comp_id 
_struct_conn.ptnr1_auth_seq_id 
_struct_conn.ptnr2_auth_asym_id 
_struct_conn.ptnr2_auth_comp_id 
_struct_conn.ptnr2_auth_seq_id 
_struct_conn.ptnr2_symmetry 
_struct_conn.pdbx_ptnr3_label_atom_id 
_struct_conn.pdbx_ptnr3_label_seq_id 
_struct_conn.pdbx_ptnr3_label_comp_id 
_struct_conn.pdbx_ptnr3_label_asym_id 
_struct_conn.pdbx_ptnr3_label_alt_id 
_struct_conn.pdbx_ptnr3_PDB_ins_code 
_struct_conn.details 
_struct_conn.pdbx_dist_value 
_struct_conn.pdbx_value_order 
_struct_conn.pdbx_role 
covale1 covale both ? A ARG 2  C ? ? ? 1_555 A MSE 3  N ? ? A ARG 0  A MSE 1  1_555 ? ? ? ? ? ? ? 1.328 ? ? 
covale2 covale both ? A MSE 3  C ? ? ? 1_555 A ARG 4  N ? ? A MSE 1  A ARG 2  1_555 ? ? ? ? ? ? ? 1.327 ? ? 
covale3 covale both ? A GLN 69 C ? ? ? 1_555 A MSE 70 N ? ? A GLN 67 A MSE 68 1_555 ? ? ? ? ? ? ? 1.323 ? ? 
covale4 covale both ? A MSE 70 C ? ? ? 1_555 A ILE 71 N ? ? A MSE 68 A ILE 69 1_555 ? ? ? ? ? ? ? 1.323 ? ? 
# 
_struct_conn_type.id          covale 
_struct_conn_type.criteria    ? 
_struct_conn_type.reference   ? 
# 
loop_
_pdbx_modification_feature.ordinal 
_pdbx_modification_feature.label_comp_id 
_pdbx_modification_feature.label_asym_id 
_pdbx_modification_feature.label_seq_id 
_pdbx_modification_feature.label_alt_id 
_pdbx_modification_feature.modified_residue_label_comp_id 
_pdbx_modification_feature.modified_residue_label_asym_id 
_pdbx_modification_feature.modified_residue_label_seq_id 
_pdbx_modification_feature.modified_residue_label_alt_id 
_pdbx_modification_feature.auth_comp_id 
_pdbx_modification_feature.auth_asym_id 
_pdbx_modification_feature.auth_seq_id 
_pdbx_modification_feature.PDB_ins_code 
_pdbx_modification_feature.symmetry 
_pdbx_modification_feature.modified_residue_auth_comp_id 
_pdbx_modification_feature.modified_residue_auth_asym_id 
_pdbx_modification_feature.modified_residue_auth_seq_id 
_pdbx_modification_feature.modified_residue_PDB_ins_code 
_pdbx_modification_feature.modified_residue_symmetry 
_pdbx_modification_feature.comp_id_linking_atom 
_pdbx_modification_feature.modified_residue_id_linking_atom 
_pdbx_modification_feature.modified_residue_id 
_pdbx_modification_feature.ref_pcm_id 
_pdbx_modification_feature.ref_comp_id 
_pdbx_modification_feature.type 
_pdbx_modification_feature.category 
1 MSE A 3  ? . . . . MSE A 1  ? 1_555 . . . . . . . MET 1 MSE Selenomethionine 'Named protein modification' 
2 MSE A 70 ? . . . . MSE A 68 ? 1_555 . . . . . . . MET 1 MSE Selenomethionine 'Named protein modification' 
# 
_struct_sheet.id               A 
_struct_sheet.type             ? 
_struct_sheet.number_strands   5 
_struct_sheet.details          ? 
# 
loop_
_struct_sheet_order.sheet_id 
_struct_sheet_order.range_id_1 
_struct_sheet_order.range_id_2 
_struct_sheet_order.offset 
_struct_sheet_order.sense 
A 1 2 ? anti-parallel 
A 2 3 ? anti-parallel 
A 3 4 ? anti-parallel 
A 4 5 ? anti-parallel 
# 
loop_
_struct_sheet_range.sheet_id 
_struct_sheet_range.id 
_struct_sheet_range.beg_label_comp_id 
_struct_sheet_range.beg_label_asym_id 
_struct_sheet_range.beg_label_seq_id 
_struct_sheet_range.pdbx_beg_PDB_ins_code 
_struct_sheet_range.end_label_comp_id 
_struct_sheet_range.end_label_asym_id 
_struct_sheet_range.end_label_seq_id 
_struct_sheet_range.pdbx_end_PDB_ins_code 
_struct_sheet_range.beg_auth_comp_id 
_struct_sheet_range.beg_auth_asym_id 
_struct_sheet_range.beg_auth_seq_id 
_struct_sheet_range.end_auth_comp_id 
_struct_sheet_range.end_auth_asym_id 
_struct_sheet_range.end_auth_seq_id 
A 1 HIS A 20  ? PHE A 23  ? HIS A 18  PHE A 21  
A 2 GLY A 125 ? PHE A 128 ? GLY A 123 PHE A 126 
A 3 CYS A 111 ? CYS A 116 ? CYS A 109 CYS A 114 
A 4 ALA A 145 ? SER A 151 ? ALA A 143 SER A 149 
A 5 ALA A 91  ? VAL A 98  ? ALA A 89  VAL A 96  
# 
loop_
_pdbx_struct_sheet_hbond.sheet_id 
_pdbx_struct_sheet_hbond.range_id_1 
_pdbx_struct_sheet_hbond.range_id_2 
_pdbx_struct_sheet_hbond.range_1_label_atom_id 
_pdbx_struct_sheet_hbond.range_1_label_comp_id 
_pdbx_struct_sheet_hbond.range_1_label_asym_id 
_pdbx_struct_sheet_hbond.range_1_label_seq_id 
_pdbx_struct_sheet_hbond.range_1_PDB_ins_code 
_pdbx_struct_sheet_hbond.range_1_auth_atom_id 
_pdbx_struct_sheet_hbond.range_1_auth_comp_id 
_pdbx_struct_sheet_hbond.range_1_auth_asym_id 
_pdbx_struct_sheet_hbond.range_1_auth_seq_id 
_pdbx_struct_sheet_hbond.range_2_label_atom_id 
_pdbx_struct_sheet_hbond.range_2_label_comp_id 
_pdbx_struct_sheet_hbond.range_2_label_asym_id 
_pdbx_struct_sheet_hbond.range_2_label_seq_id 
_pdbx_struct_sheet_hbond.range_2_PDB_ins_code 
_pdbx_struct_sheet_hbond.range_2_auth_atom_id 
_pdbx_struct_sheet_hbond.range_2_auth_comp_id 
_pdbx_struct_sheet_hbond.range_2_auth_asym_id 
_pdbx_struct_sheet_hbond.range_2_auth_seq_id 
A 1 2 N PHE A 23  ? N PHE A 21  O GLY A 125 ? O GLY A 123 
A 2 3 O PHE A 128 ? O PHE A 126 N SER A 112 ? N SER A 110 
A 3 4 N CYS A 111 ? N CYS A 109 O PHE A 150 ? O PHE A 148 
A 4 5 O ILE A 147 ? O ILE A 145 N LEU A 96  ? N LEU A 94  
# 
_pdbx_entry_details.entry_id                   3QH7 
_pdbx_entry_details.compound_details           ? 
_pdbx_entry_details.source_details             ? 
_pdbx_entry_details.nonpolymer_details         ? 
_pdbx_entry_details.sequence_details           ? 
_pdbx_entry_details.has_ligand_of_interest     ? 
_pdbx_entry_details.has_protein_modification   Y 
# 
_pdbx_validate_torsion.id              1 
_pdbx_validate_torsion.PDB_model_num   1 
_pdbx_validate_torsion.auth_comp_id    PHE 
_pdbx_validate_torsion.auth_asym_id    A 
_pdbx_validate_torsion.auth_seq_id     40 
_pdbx_validate_torsion.PDB_ins_code    ? 
_pdbx_validate_torsion.label_alt_id    ? 
_pdbx_validate_torsion.phi             -41.60 
_pdbx_validate_torsion.psi             -18.32 
# 
loop_
_pdbx_struct_mod_residue.id 
_pdbx_struct_mod_residue.label_asym_id 
_pdbx_struct_mod_residue.label_comp_id 
_pdbx_struct_mod_residue.label_seq_id 
_pdbx_struct_mod_residue.auth_asym_id 
_pdbx_struct_mod_residue.auth_comp_id 
_pdbx_struct_mod_residue.auth_seq_id 
_pdbx_struct_mod_residue.PDB_ins_code 
_pdbx_struct_mod_residue.parent_comp_id 
_pdbx_struct_mod_residue.details 
1 A MSE 3  A MSE 1  ? MET SELENOMETHIONINE 
2 A MSE 70 A MSE 68 ? MET SELENOMETHIONINE 
# 
_phasing.method   SAD 
# 
loop_
_pdbx_unobs_or_zero_occ_residues.id 
_pdbx_unobs_or_zero_occ_residues.PDB_model_num 
_pdbx_unobs_or_zero_occ_residues.polymer_flag 
_pdbx_unobs_or_zero_occ_residues.occupancy_flag 
_pdbx_unobs_or_zero_occ_residues.auth_asym_id 
_pdbx_unobs_or_zero_occ_residues.auth_comp_id 
_pdbx_unobs_or_zero_occ_residues.auth_seq_id 
_pdbx_unobs_or_zero_occ_residues.PDB_ins_code 
_pdbx_unobs_or_zero_occ_residues.label_asym_id 
_pdbx_unobs_or_zero_occ_residues.label_comp_id 
_pdbx_unobs_or_zero_occ_residues.label_seq_id 
1  1 Y 1 A GLU 43  ? A GLU 45  
2  1 Y 1 A VAL 44  ? A VAL 46  
3  1 Y 1 A ALA 45  ? A ALA 47  
4  1 Y 1 A VAL 46  ? A VAL 48  
5  1 Y 1 A VAL 47  ? A VAL 49  
6  1 Y 1 A LYS 48  ? A LYS 50  
7  1 Y 1 A ASP 49  ? A ASP 51  
8  1 Y 1 A ARG 50  ? A ARG 52  
9  1 Y 1 A HIS 51  ? A HIS 53  
10 1 Y 1 A LEU 52  ? A LEU 54  
11 1 Y 1 A GLN 53  ? A GLN 55  
12 1 Y 1 A ALA 151 ? A ALA 153 
13 1 Y 1 A GLY 152 ? A GLY 154 
14 1 Y 1 A PHE 153 ? A PHE 155 
15 1 Y 1 A PRO 154 ? A PRO 156 
16 1 Y 1 A ASN 155 ? A ASN 157 
# 
loop_
_chem_comp_atom.comp_id 
_chem_comp_atom.atom_id 
_chem_comp_atom.type_symbol 
_chem_comp_atom.pdbx_aromatic_flag 
_chem_comp_atom.pdbx_stereo_config 
_chem_comp_atom.pdbx_ordinal 
ALA N    N  N N 1   
ALA CA   C  N S 2   
ALA C    C  N N 3   
ALA O    O  N N 4   
ALA CB   C  N N 5   
ALA OXT  O  N N 6   
ALA H    H  N N 7   
ALA H2   H  N N 8   
ALA HA   H  N N 9   
ALA HB1  H  N N 10  
ALA HB2  H  N N 11  
ALA HB3  H  N N 12  
ALA HXT  H  N N 13  
ARG N    N  N N 14  
ARG CA   C  N S 15  
ARG C    C  N N 16  
ARG O    O  N N 17  
ARG CB   C  N N 18  
ARG CG   C  N N 19  
ARG CD   C  N N 20  
ARG NE   N  N N 21  
ARG CZ   C  N N 22  
ARG NH1  N  N N 23  
ARG NH2  N  N N 24  
ARG OXT  O  N N 25  
ARG H    H  N N 26  
ARG H2   H  N N 27  
ARG HA   H  N N 28  
ARG HB2  H  N N 29  
ARG HB3  H  N N 30  
ARG HG2  H  N N 31  
ARG HG3  H  N N 32  
ARG HD2  H  N N 33  
ARG HD3  H  N N 34  
ARG HE   H  N N 35  
ARG HH11 H  N N 36  
ARG HH12 H  N N 37  
ARG HH21 H  N N 38  
ARG HH22 H  N N 39  
ARG HXT  H  N N 40  
ASN N    N  N N 41  
ASN CA   C  N S 42  
ASN C    C  N N 43  
ASN O    O  N N 44  
ASN CB   C  N N 45  
ASN CG   C  N N 46  
ASN OD1  O  N N 47  
ASN ND2  N  N N 48  
ASN OXT  O  N N 49  
ASN H    H  N N 50  
ASN H2   H  N N 51  
ASN HA   H  N N 52  
ASN HB2  H  N N 53  
ASN HB3  H  N N 54  
ASN HD21 H  N N 55  
ASN HD22 H  N N 56  
ASN HXT  H  N N 57  
ASP N    N  N N 58  
ASP CA   C  N S 59  
ASP C    C  N N 60  
ASP O    O  N N 61  
ASP CB   C  N N 62  
ASP CG   C  N N 63  
ASP OD1  O  N N 64  
ASP OD2  O  N N 65  
ASP OXT  O  N N 66  
ASP H    H  N N 67  
ASP H2   H  N N 68  
ASP HA   H  N N 69  
ASP HB2  H  N N 70  
ASP HB3  H  N N 71  
ASP HD2  H  N N 72  
ASP HXT  H  N N 73  
CYS N    N  N N 74  
CYS CA   C  N R 75  
CYS C    C  N N 76  
CYS O    O  N N 77  
CYS CB   C  N N 78  
CYS SG   S  N N 79  
CYS OXT  O  N N 80  
CYS H    H  N N 81  
CYS H2   H  N N 82  
CYS HA   H  N N 83  
CYS HB2  H  N N 84  
CYS HB3  H  N N 85  
CYS HG   H  N N 86  
CYS HXT  H  N N 87  
GLN N    N  N N 88  
GLN CA   C  N S 89  
GLN C    C  N N 90  
GLN O    O  N N 91  
GLN CB   C  N N 92  
GLN CG   C  N N 93  
GLN CD   C  N N 94  
GLN OE1  O  N N 95  
GLN NE2  N  N N 96  
GLN OXT  O  N N 97  
GLN H    H  N N 98  
GLN H2   H  N N 99  
GLN HA   H  N N 100 
GLN HB2  H  N N 101 
GLN HB3  H  N N 102 
GLN HG2  H  N N 103 
GLN HG3  H  N N 104 
GLN HE21 H  N N 105 
GLN HE22 H  N N 106 
GLN HXT  H  N N 107 
GLU N    N  N N 108 
GLU CA   C  N S 109 
GLU C    C  N N 110 
GLU O    O  N N 111 
GLU CB   C  N N 112 
GLU CG   C  N N 113 
GLU CD   C  N N 114 
GLU OE1  O  N N 115 
GLU OE2  O  N N 116 
GLU OXT  O  N N 117 
GLU H    H  N N 118 
GLU H2   H  N N 119 
GLU HA   H  N N 120 
GLU HB2  H  N N 121 
GLU HB3  H  N N 122 
GLU HG2  H  N N 123 
GLU HG3  H  N N 124 
GLU HE2  H  N N 125 
GLU HXT  H  N N 126 
GLY N    N  N N 127 
GLY CA   C  N N 128 
GLY C    C  N N 129 
GLY O    O  N N 130 
GLY OXT  O  N N 131 
GLY H    H  N N 132 
GLY H2   H  N N 133 
GLY HA2  H  N N 134 
GLY HA3  H  N N 135 
GLY HXT  H  N N 136 
HIS N    N  N N 137 
HIS CA   C  N S 138 
HIS C    C  N N 139 
HIS O    O  N N 140 
HIS CB   C  N N 141 
HIS CG   C  Y N 142 
HIS ND1  N  Y N 143 
HIS CD2  C  Y N 144 
HIS CE1  C  Y N 145 
HIS NE2  N  Y N 146 
HIS OXT  O  N N 147 
HIS H    H  N N 148 
HIS H2   H  N N 149 
HIS HA   H  N N 150 
HIS HB2  H  N N 151 
HIS HB3  H  N N 152 
HIS HD1  H  N N 153 
HIS HD2  H  N N 154 
HIS HE1  H  N N 155 
HIS HE2  H  N N 156 
HIS HXT  H  N N 157 
HOH O    O  N N 158 
HOH H1   H  N N 159 
HOH H2   H  N N 160 
ILE N    N  N N 161 
ILE CA   C  N S 162 
ILE C    C  N N 163 
ILE O    O  N N 164 
ILE CB   C  N S 165 
ILE CG1  C  N N 166 
ILE CG2  C  N N 167 
ILE CD1  C  N N 168 
ILE OXT  O  N N 169 
ILE H    H  N N 170 
ILE H2   H  N N 171 
ILE HA   H  N N 172 
ILE HB   H  N N 173 
ILE HG12 H  N N 174 
ILE HG13 H  N N 175 
ILE HG21 H  N N 176 
ILE HG22 H  N N 177 
ILE HG23 H  N N 178 
ILE HD11 H  N N 179 
ILE HD12 H  N N 180 
ILE HD13 H  N N 181 
ILE HXT  H  N N 182 
LEU N    N  N N 183 
LEU CA   C  N S 184 
LEU C    C  N N 185 
LEU O    O  N N 186 
LEU CB   C  N N 187 
LEU CG   C  N N 188 
LEU CD1  C  N N 189 
LEU CD2  C  N N 190 
LEU OXT  O  N N 191 
LEU H    H  N N 192 
LEU H2   H  N N 193 
LEU HA   H  N N 194 
LEU HB2  H  N N 195 
LEU HB3  H  N N 196 
LEU HG   H  N N 197 
LEU HD11 H  N N 198 
LEU HD12 H  N N 199 
LEU HD13 H  N N 200 
LEU HD21 H  N N 201 
LEU HD22 H  N N 202 
LEU HD23 H  N N 203 
LEU HXT  H  N N 204 
LYS N    N  N N 205 
LYS CA   C  N S 206 
LYS C    C  N N 207 
LYS O    O  N N 208 
LYS CB   C  N N 209 
LYS CG   C  N N 210 
LYS CD   C  N N 211 
LYS CE   C  N N 212 
LYS NZ   N  N N 213 
LYS OXT  O  N N 214 
LYS H    H  N N 215 
LYS H2   H  N N 216 
LYS HA   H  N N 217 
LYS HB2  H  N N 218 
LYS HB3  H  N N 219 
LYS HG2  H  N N 220 
LYS HG3  H  N N 221 
LYS HD2  H  N N 222 
LYS HD3  H  N N 223 
LYS HE2  H  N N 224 
LYS HE3  H  N N 225 
LYS HZ1  H  N N 226 
LYS HZ2  H  N N 227 
LYS HZ3  H  N N 228 
LYS HXT  H  N N 229 
MSE N    N  N N 230 
MSE CA   C  N S 231 
MSE C    C  N N 232 
MSE O    O  N N 233 
MSE OXT  O  N N 234 
MSE CB   C  N N 235 
MSE CG   C  N N 236 
MSE SE   SE N N 237 
MSE CE   C  N N 238 
MSE H    H  N N 239 
MSE H2   H  N N 240 
MSE HA   H  N N 241 
MSE HXT  H  N N 242 
MSE HB2  H  N N 243 
MSE HB3  H  N N 244 
MSE HG2  H  N N 245 
MSE HG3  H  N N 246 
MSE HE1  H  N N 247 
MSE HE2  H  N N 248 
MSE HE3  H  N N 249 
PHE N    N  N N 250 
PHE CA   C  N S 251 
PHE C    C  N N 252 
PHE O    O  N N 253 
PHE CB   C  N N 254 
PHE CG   C  Y N 255 
PHE CD1  C  Y N 256 
PHE CD2  C  Y N 257 
PHE CE1  C  Y N 258 
PHE CE2  C  Y N 259 
PHE CZ   C  Y N 260 
PHE OXT  O  N N 261 
PHE H    H  N N 262 
PHE H2   H  N N 263 
PHE HA   H  N N 264 
PHE HB2  H  N N 265 
PHE HB3  H  N N 266 
PHE HD1  H  N N 267 
PHE HD2  H  N N 268 
PHE HE1  H  N N 269 
PHE HE2  H  N N 270 
PHE HZ   H  N N 271 
PHE HXT  H  N N 272 
PRO N    N  N N 273 
PRO CA   C  N S 274 
PRO C    C  N N 275 
PRO O    O  N N 276 
PRO CB   C  N N 277 
PRO CG   C  N N 278 
PRO CD   C  N N 279 
PRO OXT  O  N N 280 
PRO H    H  N N 281 
PRO HA   H  N N 282 
PRO HB2  H  N N 283 
PRO HB3  H  N N 284 
PRO HG2  H  N N 285 
PRO HG3  H  N N 286 
PRO HD2  H  N N 287 
PRO HD3  H  N N 288 
PRO HXT  H  N N 289 
SER N    N  N N 290 
SER CA   C  N S 291 
SER C    C  N N 292 
SER O    O  N N 293 
SER CB   C  N N 294 
SER OG   O  N N 295 
SER OXT  O  N N 296 
SER H    H  N N 297 
SER H2   H  N N 298 
SER HA   H  N N 299 
SER HB2  H  N N 300 
SER HB3  H  N N 301 
SER HG   H  N N 302 
SER HXT  H  N N 303 
THR N    N  N N 304 
THR CA   C  N S 305 
THR C    C  N N 306 
THR O    O  N N 307 
THR CB   C  N R 308 
THR OG1  O  N N 309 
THR CG2  C  N N 310 
THR OXT  O  N N 311 
THR H    H  N N 312 
THR H2   H  N N 313 
THR HA   H  N N 314 
THR HB   H  N N 315 
THR HG1  H  N N 316 
THR HG21 H  N N 317 
THR HG22 H  N N 318 
THR HG23 H  N N 319 
THR HXT  H  N N 320 
TRP N    N  N N 321 
TRP CA   C  N S 322 
TRP C    C  N N 323 
TRP O    O  N N 324 
TRP CB   C  N N 325 
TRP CG   C  Y N 326 
TRP CD1  C  Y N 327 
TRP CD2  C  Y N 328 
TRP NE1  N  Y N 329 
TRP CE2  C  Y N 330 
TRP CE3  C  Y N 331 
TRP CZ2  C  Y N 332 
TRP CZ3  C  Y N 333 
TRP CH2  C  Y N 334 
TRP OXT  O  N N 335 
TRP H    H  N N 336 
TRP H2   H  N N 337 
TRP HA   H  N N 338 
TRP HB2  H  N N 339 
TRP HB3  H  N N 340 
TRP HD1  H  N N 341 
TRP HE1  H  N N 342 
TRP HE3  H  N N 343 
TRP HZ2  H  N N 344 
TRP HZ3  H  N N 345 
TRP HH2  H  N N 346 
TRP HXT  H  N N 347 
TYR N    N  N N 348 
TYR CA   C  N S 349 
TYR C    C  N N 350 
TYR O    O  N N 351 
TYR CB   C  N N 352 
TYR CG   C  Y N 353 
TYR CD1  C  Y N 354 
TYR CD2  C  Y N 355 
TYR CE1  C  Y N 356 
TYR CE2  C  Y N 357 
TYR CZ   C  Y N 358 
TYR OH   O  N N 359 
TYR OXT  O  N N 360 
TYR H    H  N N 361 
TYR H2   H  N N 362 
TYR HA   H  N N 363 
TYR HB2  H  N N 364 
TYR HB3  H  N N 365 
TYR HD1  H  N N 366 
TYR HD2  H  N N 367 
TYR HE1  H  N N 368 
TYR HE2  H  N N 369 
TYR HH   H  N N 370 
TYR HXT  H  N N 371 
VAL N    N  N N 372 
VAL CA   C  N S 373 
VAL C    C  N N 374 
VAL O    O  N N 375 
VAL CB   C  N N 376 
VAL CG1  C  N N 377 
VAL CG2  C  N N 378 
VAL OXT  O  N N 379 
VAL H    H  N N 380 
VAL H2   H  N N 381 
VAL HA   H  N N 382 
VAL HB   H  N N 383 
VAL HG11 H  N N 384 
VAL HG12 H  N N 385 
VAL HG13 H  N N 386 
VAL HG21 H  N N 387 
VAL HG22 H  N N 388 
VAL HG23 H  N N 389 
VAL HXT  H  N N 390 
# 
loop_
_chem_comp_bond.comp_id 
_chem_comp_bond.atom_id_1 
_chem_comp_bond.atom_id_2 
_chem_comp_bond.value_order 
_chem_comp_bond.pdbx_aromatic_flag 
_chem_comp_bond.pdbx_stereo_config 
_chem_comp_bond.pdbx_ordinal 
ALA N   CA   sing N N 1   
ALA N   H    sing N N 2   
ALA N   H2   sing N N 3   
ALA CA  C    sing N N 4   
ALA CA  CB   sing N N 5   
ALA CA  HA   sing N N 6   
ALA C   O    doub N N 7   
ALA C   OXT  sing N N 8   
ALA CB  HB1  sing N N 9   
ALA CB  HB2  sing N N 10  
ALA CB  HB3  sing N N 11  
ALA OXT HXT  sing N N 12  
ARG N   CA   sing N N 13  
ARG N   H    sing N N 14  
ARG N   H2   sing N N 15  
ARG CA  C    sing N N 16  
ARG CA  CB   sing N N 17  
ARG CA  HA   sing N N 18  
ARG C   O    doub N N 19  
ARG C   OXT  sing N N 20  
ARG CB  CG   sing N N 21  
ARG CB  HB2  sing N N 22  
ARG CB  HB3  sing N N 23  
ARG CG  CD   sing N N 24  
ARG CG  HG2  sing N N 25  
ARG CG  HG3  sing N N 26  
ARG CD  NE   sing N N 27  
ARG CD  HD2  sing N N 28  
ARG CD  HD3  sing N N 29  
ARG NE  CZ   sing N N 30  
ARG NE  HE   sing N N 31  
ARG CZ  NH1  sing N N 32  
ARG CZ  NH2  doub N N 33  
ARG NH1 HH11 sing N N 34  
ARG NH1 HH12 sing N N 35  
ARG NH2 HH21 sing N N 36  
ARG NH2 HH22 sing N N 37  
ARG OXT HXT  sing N N 38  
ASN N   CA   sing N N 39  
ASN N   H    sing N N 40  
ASN N   H2   sing N N 41  
ASN CA  C    sing N N 42  
ASN CA  CB   sing N N 43  
ASN CA  HA   sing N N 44  
ASN C   O    doub N N 45  
ASN C   OXT  sing N N 46  
ASN CB  CG   sing N N 47  
ASN CB  HB2  sing N N 48  
ASN CB  HB3  sing N N 49  
ASN CG  OD1  doub N N 50  
ASN CG  ND2  sing N N 51  
ASN ND2 HD21 sing N N 52  
ASN ND2 HD22 sing N N 53  
ASN OXT HXT  sing N N 54  
ASP N   CA   sing N N 55  
ASP N   H    sing N N 56  
ASP N   H2   sing N N 57  
ASP CA  C    sing N N 58  
ASP CA  CB   sing N N 59  
ASP CA  HA   sing N N 60  
ASP C   O    doub N N 61  
ASP C   OXT  sing N N 62  
ASP CB  CG   sing N N 63  
ASP CB  HB2  sing N N 64  
ASP CB  HB3  sing N N 65  
ASP CG  OD1  doub N N 66  
ASP CG  OD2  sing N N 67  
ASP OD2 HD2  sing N N 68  
ASP OXT HXT  sing N N 69  
CYS N   CA   sing N N 70  
CYS N   H    sing N N 71  
CYS N   H2   sing N N 72  
CYS CA  C    sing N N 73  
CYS CA  CB   sing N N 74  
CYS CA  HA   sing N N 75  
CYS C   O    doub N N 76  
CYS C   OXT  sing N N 77  
CYS CB  SG   sing N N 78  
CYS CB  HB2  sing N N 79  
CYS CB  HB3  sing N N 80  
CYS SG  HG   sing N N 81  
CYS OXT HXT  sing N N 82  
GLN N   CA   sing N N 83  
GLN N   H    sing N N 84  
GLN N   H2   sing N N 85  
GLN CA  C    sing N N 86  
GLN CA  CB   sing N N 87  
GLN CA  HA   sing N N 88  
GLN C   O    doub N N 89  
GLN C   OXT  sing N N 90  
GLN CB  CG   sing N N 91  
GLN CB  HB2  sing N N 92  
GLN CB  HB3  sing N N 93  
GLN CG  CD   sing N N 94  
GLN CG  HG2  sing N N 95  
GLN CG  HG3  sing N N 96  
GLN CD  OE1  doub N N 97  
GLN CD  NE2  sing N N 98  
GLN NE2 HE21 sing N N 99  
GLN NE2 HE22 sing N N 100 
GLN OXT HXT  sing N N 101 
GLU N   CA   sing N N 102 
GLU N   H    sing N N 103 
GLU N   H2   sing N N 104 
GLU CA  C    sing N N 105 
GLU CA  CB   sing N N 106 
GLU CA  HA   sing N N 107 
GLU C   O    doub N N 108 
GLU C   OXT  sing N N 109 
GLU CB  CG   sing N N 110 
GLU CB  HB2  sing N N 111 
GLU CB  HB3  sing N N 112 
GLU CG  CD   sing N N 113 
GLU CG  HG2  sing N N 114 
GLU CG  HG3  sing N N 115 
GLU CD  OE1  doub N N 116 
GLU CD  OE2  sing N N 117 
GLU OE2 HE2  sing N N 118 
GLU OXT HXT  sing N N 119 
GLY N   CA   sing N N 120 
GLY N   H    sing N N 121 
GLY N   H2   sing N N 122 
GLY CA  C    sing N N 123 
GLY CA  HA2  sing N N 124 
GLY CA  HA3  sing N N 125 
GLY C   O    doub N N 126 
GLY C   OXT  sing N N 127 
GLY OXT HXT  sing N N 128 
HIS N   CA   sing N N 129 
HIS N   H    sing N N 130 
HIS N   H2   sing N N 131 
HIS CA  C    sing N N 132 
HIS CA  CB   sing N N 133 
HIS CA  HA   sing N N 134 
HIS C   O    doub N N 135 
HIS C   OXT  sing N N 136 
HIS CB  CG   sing N N 137 
HIS CB  HB2  sing N N 138 
HIS CB  HB3  sing N N 139 
HIS CG  ND1  sing Y N 140 
HIS CG  CD2  doub Y N 141 
HIS ND1 CE1  doub Y N 142 
HIS ND1 HD1  sing N N 143 
HIS CD2 NE2  sing Y N 144 
HIS CD2 HD2  sing N N 145 
HIS CE1 NE2  sing Y N 146 
HIS CE1 HE1  sing N N 147 
HIS NE2 HE2  sing N N 148 
HIS OXT HXT  sing N N 149 
HOH O   H1   sing N N 150 
HOH O   H2   sing N N 151 
ILE N   CA   sing N N 152 
ILE N   H    sing N N 153 
ILE N   H2   sing N N 154 
ILE CA  C    sing N N 155 
ILE CA  CB   sing N N 156 
ILE CA  HA   sing N N 157 
ILE C   O    doub N N 158 
ILE C   OXT  sing N N 159 
ILE CB  CG1  sing N N 160 
ILE CB  CG2  sing N N 161 
ILE CB  HB   sing N N 162 
ILE CG1 CD1  sing N N 163 
ILE CG1 HG12 sing N N 164 
ILE CG1 HG13 sing N N 165 
ILE CG2 HG21 sing N N 166 
ILE CG2 HG22 sing N N 167 
ILE CG2 HG23 sing N N 168 
ILE CD1 HD11 sing N N 169 
ILE CD1 HD12 sing N N 170 
ILE CD1 HD13 sing N N 171 
ILE OXT HXT  sing N N 172 
LEU N   CA   sing N N 173 
LEU N   H    sing N N 174 
LEU N   H2   sing N N 175 
LEU CA  C    sing N N 176 
LEU CA  CB   sing N N 177 
LEU CA  HA   sing N N 178 
LEU C   O    doub N N 179 
LEU C   OXT  sing N N 180 
LEU CB  CG   sing N N 181 
LEU CB  HB2  sing N N 182 
LEU CB  HB3  sing N N 183 
LEU CG  CD1  sing N N 184 
LEU CG  CD2  sing N N 185 
LEU CG  HG   sing N N 186 
LEU CD1 HD11 sing N N 187 
LEU CD1 HD12 sing N N 188 
LEU CD1 HD13 sing N N 189 
LEU CD2 HD21 sing N N 190 
LEU CD2 HD22 sing N N 191 
LEU CD2 HD23 sing N N 192 
LEU OXT HXT  sing N N 193 
LYS N   CA   sing N N 194 
LYS N   H    sing N N 195 
LYS N   H2   sing N N 196 
LYS CA  C    sing N N 197 
LYS CA  CB   sing N N 198 
LYS CA  HA   sing N N 199 
LYS C   O    doub N N 200 
LYS C   OXT  sing N N 201 
LYS CB  CG   sing N N 202 
LYS CB  HB2  sing N N 203 
LYS CB  HB3  sing N N 204 
LYS CG  CD   sing N N 205 
LYS CG  HG2  sing N N 206 
LYS CG  HG3  sing N N 207 
LYS CD  CE   sing N N 208 
LYS CD  HD2  sing N N 209 
LYS CD  HD3  sing N N 210 
LYS CE  NZ   sing N N 211 
LYS CE  HE2  sing N N 212 
LYS CE  HE3  sing N N 213 
LYS NZ  HZ1  sing N N 214 
LYS NZ  HZ2  sing N N 215 
LYS NZ  HZ3  sing N N 216 
LYS OXT HXT  sing N N 217 
MSE N   CA   sing N N 218 
MSE N   H    sing N N 219 
MSE N   H2   sing N N 220 
MSE CA  C    sing N N 221 
MSE CA  CB   sing N N 222 
MSE CA  HA   sing N N 223 
MSE C   O    doub N N 224 
MSE C   OXT  sing N N 225 
MSE OXT HXT  sing N N 226 
MSE CB  CG   sing N N 227 
MSE CB  HB2  sing N N 228 
MSE CB  HB3  sing N N 229 
MSE CG  SE   sing N N 230 
MSE CG  HG2  sing N N 231 
MSE CG  HG3  sing N N 232 
MSE SE  CE   sing N N 233 
MSE CE  HE1  sing N N 234 
MSE CE  HE2  sing N N 235 
MSE CE  HE3  sing N N 236 
PHE N   CA   sing N N 237 
PHE N   H    sing N N 238 
PHE N   H2   sing N N 239 
PHE CA  C    sing N N 240 
PHE CA  CB   sing N N 241 
PHE CA  HA   sing N N 242 
PHE C   O    doub N N 243 
PHE C   OXT  sing N N 244 
PHE CB  CG   sing N N 245 
PHE CB  HB2  sing N N 246 
PHE CB  HB3  sing N N 247 
PHE CG  CD1  doub Y N 248 
PHE CG  CD2  sing Y N 249 
PHE CD1 CE1  sing Y N 250 
PHE CD1 HD1  sing N N 251 
PHE CD2 CE2  doub Y N 252 
PHE CD2 HD2  sing N N 253 
PHE CE1 CZ   doub Y N 254 
PHE CE1 HE1  sing N N 255 
PHE CE2 CZ   sing Y N 256 
PHE CE2 HE2  sing N N 257 
PHE CZ  HZ   sing N N 258 
PHE OXT HXT  sing N N 259 
PRO N   CA   sing N N 260 
PRO N   CD   sing N N 261 
PRO N   H    sing N N 262 
PRO CA  C    sing N N 263 
PRO CA  CB   sing N N 264 
PRO CA  HA   sing N N 265 
PRO C   O    doub N N 266 
PRO C   OXT  sing N N 267 
PRO CB  CG   sing N N 268 
PRO CB  HB2  sing N N 269 
PRO CB  HB3  sing N N 270 
PRO CG  CD   sing N N 271 
PRO CG  HG2  sing N N 272 
PRO CG  HG3  sing N N 273 
PRO CD  HD2  sing N N 274 
PRO CD  HD3  sing N N 275 
PRO OXT HXT  sing N N 276 
SER N   CA   sing N N 277 
SER N   H    sing N N 278 
SER N   H2   sing N N 279 
SER CA  C    sing N N 280 
SER CA  CB   sing N N 281 
SER CA  HA   sing N N 282 
SER C   O    doub N N 283 
SER C   OXT  sing N N 284 
SER CB  OG   sing N N 285 
SER CB  HB2  sing N N 286 
SER CB  HB3  sing N N 287 
SER OG  HG   sing N N 288 
SER OXT HXT  sing N N 289 
THR N   CA   sing N N 290 
THR N   H    sing N N 291 
THR N   H2   sing N N 292 
THR CA  C    sing N N 293 
THR CA  CB   sing N N 294 
THR CA  HA   sing N N 295 
THR C   O    doub N N 296 
THR C   OXT  sing N N 297 
THR CB  OG1  sing N N 298 
THR CB  CG2  sing N N 299 
THR CB  HB   sing N N 300 
THR OG1 HG1  sing N N 301 
THR CG2 HG21 sing N N 302 
THR CG2 HG22 sing N N 303 
THR CG2 HG23 sing N N 304 
THR OXT HXT  sing N N 305 
TRP N   CA   sing N N 306 
TRP N   H    sing N N 307 
TRP N   H2   sing N N 308 
TRP CA  C    sing N N 309 
TRP CA  CB   sing N N 310 
TRP CA  HA   sing N N 311 
TRP C   O    doub N N 312 
TRP C   OXT  sing N N 313 
TRP CB  CG   sing N N 314 
TRP CB  HB2  sing N N 315 
TRP CB  HB3  sing N N 316 
TRP CG  CD1  doub Y N 317 
TRP CG  CD2  sing Y N 318 
TRP CD1 NE1  sing Y N 319 
TRP CD1 HD1  sing N N 320 
TRP CD2 CE2  doub Y N 321 
TRP CD2 CE3  sing Y N 322 
TRP NE1 CE2  sing Y N 323 
TRP NE1 HE1  sing N N 324 
TRP CE2 CZ2  sing Y N 325 
TRP CE3 CZ3  doub Y N 326 
TRP CE3 HE3  sing N N 327 
TRP CZ2 CH2  doub Y N 328 
TRP CZ2 HZ2  sing N N 329 
TRP CZ3 CH2  sing Y N 330 
TRP CZ3 HZ3  sing N N 331 
TRP CH2 HH2  sing N N 332 
TRP OXT HXT  sing N N 333 
TYR N   CA   sing N N 334 
TYR N   H    sing N N 335 
TYR N   H2   sing N N 336 
TYR CA  C    sing N N 337 
TYR CA  CB   sing N N 338 
TYR CA  HA   sing N N 339 
TYR C   O    doub N N 340 
TYR C   OXT  sing N N 341 
TYR CB  CG   sing N N 342 
TYR CB  HB2  sing N N 343 
TYR CB  HB3  sing N N 344 
TYR CG  CD1  doub Y N 345 
TYR CG  CD2  sing Y N 346 
TYR CD1 CE1  sing Y N 347 
TYR CD1 HD1  sing N N 348 
TYR CD2 CE2  doub Y N 349 
TYR CD2 HD2  sing N N 350 
TYR CE1 CZ   doub Y N 351 
TYR CE1 HE1  sing N N 352 
TYR CE2 CZ   sing Y N 353 
TYR CE2 HE2  sing N N 354 
TYR CZ  OH   sing N N 355 
TYR OH  HH   sing N N 356 
TYR OXT HXT  sing N N 357 
VAL N   CA   sing N N 358 
VAL N   H    sing N N 359 
VAL N   H2   sing N N 360 
VAL CA  C    sing N N 361 
VAL CA  CB   sing N N 362 
VAL CA  HA   sing N N 363 
VAL C   O    doub N N 364 
VAL C   OXT  sing N N 365 
VAL CB  CG1  sing N N 366 
VAL CB  CG2  sing N N 367 
VAL CB  HB   sing N N 368 
VAL CG1 HG11 sing N N 369 
VAL CG1 HG12 sing N N 370 
VAL CG1 HG13 sing N N 371 
VAL CG2 HG21 sing N N 372 
VAL CG2 HG22 sing N N 373 
VAL CG2 HG23 sing N N 374 
VAL OXT HXT  sing N N 375 
# 
_atom_sites.entry_id                    3QH7 
_atom_sites.fract_transf_matrix[1][1]   0.00359011 
_atom_sites.fract_transf_matrix[1][2]   -0.00682373 
_atom_sites.fract_transf_matrix[1][3]   0.01810120 
_atom_sites.fract_transf_matrix[2][1]   -0.01305976 
_atom_sites.fract_transf_matrix[2][2]   -0.00870104 
_atom_sites.fract_transf_matrix[2][3]   -0.00068987 
_atom_sites.fract_transf_matrix[3][1]   0.01133094 
_atom_sites.fract_transf_matrix[3][2]   -0.01634050 
_atom_sites.fract_transf_matrix[3][3]   -0.00840731 
_atom_sites.fract_transf_vector[1]      0.118630 
_atom_sites.fract_transf_vector[2]      -0.207551 
_atom_sites.fract_transf_vector[3]      -0.359220 
# 
loop_
_atom_type.symbol 
C  
N  
O  
S  
SE 
# 
loop_
_atom_site.group_PDB 
_atom_site.id 
_atom_site.type_symbol 
_atom_site.label_atom_id 
_atom_site.label_alt_id 
_atom_site.label_comp_id 
_atom_site.label_asym_id 
_atom_site.label_entity_id 
_atom_site.label_seq_id 
_atom_site.pdbx_PDB_ins_code 
_atom_site.Cartn_x 
_atom_site.Cartn_y 
_atom_site.Cartn_z 
_atom_site.occupancy 
_atom_site.B_iso_or_equiv 
_atom_site.pdbx_formal_charge 
_atom_site.auth_seq_id 
_atom_site.auth_comp_id 
_atom_site.auth_asym_id 
_atom_site.auth_atom_id 
_atom_site.pdbx_PDB_model_num 
ATOM   1    N  N   . SER A 1 1   ? -15.541 0.792   -15.623 1.00 32.71 ? -1  SER A N   1 
ATOM   2    C  CA  . SER A 1 1   ? -15.778 1.651   -14.425 1.00 32.14 ? -1  SER A CA  1 
ATOM   3    C  C   . SER A 1 1   ? -15.377 0.980   -13.101 1.00 35.68 ? -1  SER A C   1 
ATOM   4    O  O   . SER A 1 1   ? -15.088 -0.217  -13.043 1.00 30.25 ? -1  SER A O   1 
ATOM   5    C  CB  . SER A 1 1   ? -17.252 2.063   -14.363 1.00 27.13 ? -1  SER A CB  1 
ATOM   6    O  OG  . SER A 1 1   ? -17.649 2.723   -15.553 1.00 29.03 ? -1  SER A OG  1 
ATOM   7    N  N   . ARG A 1 2   ? -15.369 1.776   -12.038 1.00 35.02 ? 0   ARG A N   1 
ATOM   8    C  CA  . ARG A 1 2   ? -15.104 1.292   -10.694 1.00 34.55 ? 0   ARG A CA  1 
ATOM   9    C  C   . ARG A 1 2   ? -16.004 2.017   -9.714  1.00 35.69 ? 0   ARG A C   1 
ATOM   10   O  O   . ARG A 1 2   ? -16.167 3.234   -9.807  1.00 35.37 ? 0   ARG A O   1 
ATOM   11   C  CB  . ARG A 1 2   ? -13.658 1.565   -10.318 1.00 38.86 ? 0   ARG A CB  1 
ATOM   12   C  CG  . ARG A 1 2   ? -12.668 0.785   -11.131 1.00 47.09 ? 0   ARG A CG  1 
ATOM   13   C  CD  . ARG A 1 2   ? -11.564 1.683   -11.631 1.00 50.80 ? 0   ARG A CD  1 
ATOM   14   N  NE  . ARG A 1 2   ? -10.504 0.908   -12.262 1.00 49.92 ? 0   ARG A NE  1 
ATOM   15   C  CZ  . ARG A 1 2   ? -9.291  1.376   -12.524 1.00 55.72 ? 0   ARG A CZ  1 
ATOM   16   N  NH1 . ARG A 1 2   ? -8.975  2.630   -12.206 1.00 51.17 ? 0   ARG A NH1 1 
ATOM   17   N  NH2 . ARG A 1 2   ? -8.391  0.587   -13.096 1.00 55.30 ? 0   ARG A NH2 1 
HETATM 18   N  N   . MSE A 1 3   ? -16.581 1.285   -8.768  1.00 27.09 ? 1   MSE A N   1 
HETATM 19   C  CA  . MSE A 1 3   ? -17.362 1.923   -7.722  1.00 27.23 ? 1   MSE A CA  1 
HETATM 20   C  C   . MSE A 1 3   ? -16.466 2.877   -6.948  1.00 24.32 ? 1   MSE A C   1 
HETATM 21   O  O   . MSE A 1 3   ? -15.251 2.676   -6.856  1.00 19.39 ? 1   MSE A O   1 
HETATM 22   C  CB  . MSE A 1 3   ? -17.928 0.893   -6.743  1.00 29.29 ? 1   MSE A CB  1 
HETATM 23   C  CG  . MSE A 1 3   ? -18.765 -0.224  -7.358  1.00 37.58 ? 1   MSE A CG  1 
HETATM 24   SE SE  . MSE A 1 3   ? -20.645 0.192   -7.786  1.00 57.27 ? 1   MSE A SE  1 
HETATM 25   C  CE  . MSE A 1 3   ? -20.950 1.745   -6.727  1.00 34.08 ? 1   MSE A CE  1 
ATOM   26   N  N   . ARG A 1 4   ? -17.079 3.917   -6.399  1.00 25.46 ? 2   ARG A N   1 
ATOM   27   C  CA  . ARG A 1 4   ? -16.447 4.732   -5.376  1.00 22.10 ? 2   ARG A CA  1 
ATOM   28   C  C   . ARG A 1 4   ? -16.346 3.902   -4.086  1.00 26.59 ? 2   ARG A C   1 
ATOM   29   O  O   . ARG A 1 4   ? -17.321 3.290   -3.654  1.00 22.94 ? 2   ARG A O   1 
ATOM   30   C  CB  . ARG A 1 4   ? -17.277 5.991   -5.127  1.00 24.75 ? 2   ARG A CB  1 
ATOM   31   C  CG  . ARG A 1 4   ? -17.505 6.863   -6.369  1.00 35.25 ? 2   ARG A CG  1 
ATOM   32   C  CD  . ARG A 1 4   ? -16.179 7.445   -6.872  1.00 40.86 ? 2   ARG A CD  1 
ATOM   33   N  NE  . ARG A 1 4   ? -16.347 8.594   -7.767  1.00 41.62 ? 2   ARG A NE  1 
ATOM   34   C  CZ  . ARG A 1 4   ? -16.235 8.548   -9.095  1.00 42.36 ? 2   ARG A CZ  1 
ATOM   35   N  NH1 . ARG A 1 4   ? -15.953 7.403   -9.712  1.00 35.58 ? 2   ARG A NH1 1 
ATOM   36   N  NH2 . ARG A 1 4   ? -16.403 9.656   -9.813  1.00 40.51 ? 2   ARG A NH2 1 
ATOM   37   N  N   . ALA A 1 5   ? -15.166 3.866   -3.477  1.00 29.81 ? 3   ALA A N   1 
ATOM   38   C  CA  . ALA A 1 5   ? -14.989 3.148   -2.225  1.00 26.58 ? 3   ALA A CA  1 
ATOM   39   C  C   . ALA A 1 5   ? -15.199 4.101   -1.053  1.00 29.45 ? 3   ALA A C   1 
ATOM   40   O  O   . ALA A 1 5   ? -14.916 5.286   -1.168  1.00 27.15 ? 3   ALA A O   1 
ATOM   41   C  CB  . ALA A 1 5   ? -13.621 2.528   -2.171  1.00 24.03 ? 3   ALA A CB  1 
ATOM   42   N  N   . VAL A 1 6   ? -15.710 3.588   0.065   1.00 27.39 ? 4   VAL A N   1 
ATOM   43   C  CA  . VAL A 1 6   ? -15.951 4.416   1.246   1.00 25.56 ? 4   VAL A CA  1 
ATOM   44   C  C   . VAL A 1 6   ? -15.661 3.647   2.519   1.00 29.85 ? 4   VAL A C   1 
ATOM   45   O  O   . VAL A 1 6   ? -16.118 2.508   2.676   1.00 23.90 ? 4   VAL A O   1 
ATOM   46   C  CB  . VAL A 1 6   ? -17.400 4.876   1.332   1.00 28.78 ? 4   VAL A CB  1 
ATOM   47   C  CG1 . VAL A 1 6   ? -17.530 5.962   2.366   1.00 28.14 ? 4   VAL A CG1 1 
ATOM   48   C  CG2 . VAL A 1 6   ? -17.879 5.372   -0.022  1.00 36.97 ? 4   VAL A CG2 1 
ATOM   49   N  N   . LEU A 1 7   ? -14.886 4.267   3.413   1.00 31.10 ? 5   LEU A N   1 
ATOM   50   C  CA  . LEU A 1 7   ? -14.591 3.693   4.721   1.00 29.56 ? 5   LEU A CA  1 
ATOM   51   C  C   . LEU A 1 7   ? -15.833 3.683   5.584   1.00 27.46 ? 5   LEU A C   1 
ATOM   52   O  O   . LEU A 1 7   ? -16.418 4.730   5.830   1.00 31.26 ? 5   LEU A O   1 
ATOM   53   C  CB  . LEU A 1 7   ? -13.534 4.518   5.452   1.00 28.16 ? 5   LEU A CB  1 
ATOM   54   C  CG  . LEU A 1 7   ? -12.069 4.146   5.270   1.00 29.09 ? 5   LEU A CG  1 
ATOM   55   C  CD1 . LEU A 1 7   ? -11.226 5.094   6.089   1.00 27.71 ? 5   LEU A CD1 1 
ATOM   56   C  CD2 . LEU A 1 7   ? -11.824 2.715   5.676   1.00 27.88 ? 5   LEU A CD2 1 
ATOM   57   N  N   . HIS A 1 8   ? -16.237 2.510   6.045   1.00 25.66 ? 6   HIS A N   1 
ATOM   58   C  CA  . HIS A 1 8   ? -17.259 2.435   7.070   1.00 29.68 ? 6   HIS A CA  1 
ATOM   59   C  C   . HIS A 1 8   ? -16.656 2.692   8.449   1.00 34.97 ? 6   HIS A C   1 
ATOM   60   O  O   . HIS A 1 8   ? -15.447 2.564   8.659   1.00 31.08 ? 6   HIS A O   1 
ATOM   61   C  CB  . HIS A 1 8   ? -17.951 1.079   7.052   1.00 30.81 ? 6   HIS A CB  1 
ATOM   62   C  CG  . HIS A 1 8   ? -19.250 1.072   7.784   1.00 36.30 ? 6   HIS A CG  1 
ATOM   63   N  ND1 . HIS A 1 8   ? -19.429 0.399   8.973   1.00 42.64 ? 6   HIS A ND1 1 
ATOM   64   C  CD2 . HIS A 1 8   ? -20.427 1.683   7.514   1.00 32.64 ? 6   HIS A CD2 1 
ATOM   65   C  CE1 . HIS A 1 8   ? -20.668 0.577   9.396   1.00 38.92 ? 6   HIS A CE1 1 
ATOM   66   N  NE2 . HIS A 1 8   ? -21.294 1.353   8.529   1.00 47.86 ? 6   HIS A NE2 1 
ATOM   67   N  N   . LEU A 1 9   ? -17.517 3.054   9.389   1.00 36.29 ? 7   LEU A N   1 
ATOM   68   C  CA  . LEU A 1 9   ? -17.107 3.351   10.746  1.00 28.26 ? 7   LEU A CA  1 
ATOM   69   C  C   . LEU A 1 9   ? -16.523 2.103   11.439  1.00 35.77 ? 7   LEU A C   1 
ATOM   70   O  O   . LEU A 1 9   ? -15.740 2.199   12.390  1.00 31.13 ? 7   LEU A O   1 
ATOM   71   C  CB  . LEU A 1 9   ? -18.312 3.908   11.502  1.00 23.54 ? 7   LEU A CB  1 
ATOM   72   C  CG  . LEU A 1 9   ? -18.069 4.238   12.970  1.00 39.79 ? 7   LEU A CG  1 
ATOM   73   C  CD1 . LEU A 1 9   ? -18.779 5.511   13.396  1.00 37.56 ? 7   LEU A CD1 1 
ATOM   74   C  CD2 . LEU A 1 9   ? -18.518 3.076   13.815  1.00 40.88 ? 7   LEU A CD2 1 
ATOM   75   N  N   . GLU A 1 10  ? -16.883 0.927   10.940  1.00 34.30 ? 8   GLU A N   1 
ATOM   76   C  CA  . GLU A 1 10  ? -16.366 -0.316  11.491  1.00 31.17 ? 8   GLU A CA  1 
ATOM   77   C  C   . GLU A 1 10  ? -14.923 -0.569  11.052  1.00 28.40 ? 8   GLU A C   1 
ATOM   78   O  O   . GLU A 1 10  ? -14.157 -1.205  11.764  1.00 25.12 ? 8   GLU A O   1 
ATOM   79   C  CB  . GLU A 1 10  ? -17.250 -1.489  11.064  1.00 33.87 ? 8   GLU A CB  1 
ATOM   80   C  CG  . GLU A 1 10  ? -18.691 -1.400  11.558  1.00 36.38 ? 8   GLU A CG  1 
ATOM   81   C  CD  . GLU A 1 10  ? -18.804 -1.175  13.066  1.00 43.80 ? 8   GLU A CD  1 
ATOM   82   O  OE1 . GLU A 1 10  ? -18.035 -1.799  13.840  1.00 40.32 ? 8   GLU A OE1 1 
ATOM   83   O  OE2 . GLU A 1 10  ? -19.671 -0.369  13.476  1.00 43.60 ? 8   GLU A OE2 1 
ATOM   84   N  N   . HIS A 1 11  ? -14.561 -0.098  9.863   1.00 31.77 ? 9   HIS A N   1 
ATOM   85   C  CA  . HIS A 1 11  ? -13.186 -0.217  9.399   1.00 25.56 ? 9   HIS A CA  1 
ATOM   86   C  C   . HIS A 1 11  ? -12.317 0.683   10.253  1.00 24.02 ? 9   HIS A C   1 
ATOM   87   O  O   . HIS A 1 11  ? -11.188 0.338   10.590  1.00 22.48 ? 9   HIS A O   1 
ATOM   88   C  CB  . HIS A 1 11  ? -13.062 0.217   7.945   1.00 26.95 ? 9   HIS A CB  1 
ATOM   89   C  CG  . HIS A 1 11  ? -13.878 -0.599  6.994   1.00 26.83 ? 9   HIS A CG  1 
ATOM   90   N  ND1 . HIS A 1 11  ? -14.535 -0.042  5.920   1.00 28.66 ? 9   HIS A ND1 1 
ATOM   91   C  CD2 . HIS A 1 11  ? -14.127 -1.929  6.941   1.00 29.39 ? 9   HIS A CD2 1 
ATOM   92   C  CE1 . HIS A 1 11  ? -15.161 -0.992  5.249   1.00 28.70 ? 9   HIS A CE1 1 
ATOM   93   N  NE2 . HIS A 1 11  ? -14.933 -2.146  5.850   1.00 28.49 ? 9   HIS A NE2 1 
ATOM   94   N  N   . LYS A 1 12  ? -12.853 1.848   10.591  1.00 22.26 ? 10  LYS A N   1 
ATOM   95   C  CA  . LYS A 1 12  ? -12.164 2.751   11.485  1.00 23.47 ? 10  LYS A CA  1 
ATOM   96   C  C   . LYS A 1 12  ? -11.975 2.091   12.836  1.00 26.28 ? 10  LYS A C   1 
ATOM   97   O  O   . LYS A 1 12  ? -10.896 2.165   13.419  1.00 28.60 ? 10  LYS A O   1 
ATOM   98   C  CB  . LYS A 1 12  ? -12.935 4.060   11.626  1.00 25.26 ? 10  LYS A CB  1 
ATOM   99   C  CG  . LYS A 1 12  ? -12.831 4.937   10.388  1.00 30.33 ? 10  LYS A CG  1 
ATOM   100  C  CD  . LYS A 1 12  ? -13.303 6.364   10.644  1.00 36.18 ? 10  LYS A CD  1 
ATOM   101  C  CE  . LYS A 1 12  ? -13.768 7.037   9.356   1.00 41.80 ? 10  LYS A CE  1 
ATOM   102  N  NZ  . LYS A 1 12  ? -15.058 6.464   8.835   1.00 44.76 ? 10  LYS A NZ  1 
ATOM   103  N  N   . ARG A 1 13  ? -13.020 1.430   13.325  1.00 30.31 ? 11  ARG A N   1 
ATOM   104  C  CA  . ARG A 1 13  ? -12.978 0.788   14.634  1.00 21.32 ? 11  ARG A CA  1 
ATOM   105  C  C   . ARG A 1 13  ? -11.953 -0.320  14.658  1.00 21.52 ? 11  ARG A C   1 
ATOM   106  O  O   . ARG A 1 13  ? -11.190 -0.442  15.603  1.00 28.34 ? 11  ARG A O   1 
ATOM   107  C  CB  . ARG A 1 13  ? -14.359 0.263   15.017  1.00 23.45 ? 11  ARG A CB  1 
ATOM   108  C  CG  . ARG A 1 13  ? -15.252 1.376   15.485  1.00 28.20 ? 11  ARG A CG  1 
ATOM   109  C  CD  . ARG A 1 13  ? -16.670 0.946   15.737  1.00 33.21 ? 11  ARG A CD  1 
ATOM   110  N  NE  . ARG A 1 13  ? -17.398 2.039   16.377  1.00 40.54 ? 11  ARG A NE  1 
ATOM   111  C  CZ  . ARG A 1 13  ? -18.712 2.065   16.568  1.00 41.26 ? 11  ARG A CZ  1 
ATOM   112  N  NH1 . ARG A 1 13  ? -19.470 1.055   16.153  1.00 43.41 ? 11  ARG A NH1 1 
ATOM   113  N  NH2 . ARG A 1 13  ? -19.269 3.115   17.162  1.00 36.46 ? 11  ARG A NH2 1 
ATOM   114  N  N   . TYR A 1 14  ? -11.911 -1.112  13.600  1.00 19.60 ? 12  TYR A N   1 
ATOM   115  C  CA  . TYR A 1 14  ? -10.967 -2.207  13.534  1.00 22.41 ? 12  TYR A CA  1 
ATOM   116  C  C   . TYR A 1 14  ? -9.530  -1.700  13.528  1.00 28.36 ? 12  TYR A C   1 
ATOM   117  O  O   . TYR A 1 14  ? -8.660  -2.326  14.124  1.00 30.94 ? 12  TYR A O   1 
ATOM   118  C  CB  . TYR A 1 14  ? -11.226 -3.059  12.296  1.00 25.08 ? 12  TYR A CB  1 
ATOM   119  C  CG  . TYR A 1 14  ? -10.413 -4.329  12.280  1.00 28.74 ? 12  TYR A CG  1 
ATOM   120  C  CD1 . TYR A 1 14  ? -10.939 -5.517  12.759  1.00 29.51 ? 12  TYR A CD1 1 
ATOM   121  C  CD2 . TYR A 1 14  ? -9.110  -4.336  11.805  1.00 27.46 ? 12  TYR A CD2 1 
ATOM   122  C  CE1 . TYR A 1 14  ? -10.192 -6.680  12.759  1.00 31.65 ? 12  TYR A CE1 1 
ATOM   123  C  CE2 . TYR A 1 14  ? -8.358  -5.492  11.799  1.00 26.09 ? 12  TYR A CE2 1 
ATOM   124  C  CZ  . TYR A 1 14  ? -8.905  -6.663  12.275  1.00 33.91 ? 12  TYR A CZ  1 
ATOM   125  O  OH  . TYR A 1 14  ? -8.157  -7.820  12.271  1.00 34.86 ? 12  TYR A OH  1 
ATOM   126  N  N   . PHE A 1 15  ? -9.276  -0.575  12.853  1.00 29.20 ? 13  PHE A N   1 
ATOM   127  C  CA  . PHE A 1 15  ? -7.924  -0.010  12.793  1.00 24.19 ? 13  PHE A CA  1 
ATOM   128  C  C   . PHE A 1 15  ? -7.551  0.645   14.120  1.00 32.31 ? 13  PHE A C   1 
ATOM   129  O  O   . PHE A 1 15  ? -6.417  0.524   14.591  1.00 26.52 ? 13  PHE A O   1 
ATOM   130  C  CB  . PHE A 1 15  ? -7.787  1.009   11.660  1.00 21.05 ? 13  PHE A CB  1 
ATOM   131  C  CG  . PHE A 1 15  ? -6.430  1.674   11.602  1.00 22.07 ? 13  PHE A CG  1 
ATOM   132  C  CD1 . PHE A 1 15  ? -6.220  2.909   12.198  1.00 20.72 ? 13  PHE A CD1 1 
ATOM   133  C  CD2 . PHE A 1 15  ? -5.364  1.058   10.963  1.00 23.26 ? 13  PHE A CD2 1 
ATOM   134  C  CE1 . PHE A 1 15  ? -4.975  3.522   12.147  1.00 20.06 ? 13  PHE A CE1 1 
ATOM   135  C  CE2 . PHE A 1 15  ? -4.113  1.663   10.908  1.00 20.68 ? 13  PHE A CE2 1 
ATOM   136  C  CZ  . PHE A 1 15  ? -3.916  2.894   11.502  1.00 19.46 ? 13  PHE A CZ  1 
ATOM   137  N  N   . GLN A 1 16  ? -8.504  1.350   14.716  1.00 32.05 ? 14  GLN A N   1 
ATOM   138  C  CA  . GLN A 1 16  ? -8.287  1.956   16.015  1.00 30.60 ? 14  GLN A CA  1 
ATOM   139  C  C   . GLN A 1 16  ? -7.969  0.851   17.010  1.00 31.34 ? 14  GLN A C   1 
ATOM   140  O  O   . GLN A 1 16  ? -7.106  0.988   17.872  1.00 28.53 ? 14  GLN A O   1 
ATOM   141  C  CB  . GLN A 1 16  ? -9.542  2.692   16.453  1.00 27.78 ? 14  GLN A CB  1 
ATOM   142  C  CG  . GLN A 1 16  ? -9.902  3.862   15.578  1.00 27.71 ? 14  GLN A CG  1 
ATOM   143  C  CD  . GLN A 1 16  ? -11.304 4.337   15.841  1.00 32.84 ? 14  GLN A CD  1 
ATOM   144  O  OE1 . GLN A 1 16  ? -11.986 3.805   16.717  1.00 37.14 ? 14  GLN A OE1 1 
ATOM   145  N  NE2 . GLN A 1 16  ? -11.749 5.336   15.088  1.00 36.87 ? 14  GLN A NE2 1 
ATOM   146  N  N   . ASN A 1 17  ? -8.659  -0.267  16.862  1.00 31.54 ? 15  ASN A N   1 
ATOM   147  C  CA  . ASN A 1 17  ? -8.560  -1.328  17.835  1.00 31.13 ? 15  ASN A CA  1 
ATOM   148  C  C   . ASN A 1 17  ? -7.282  -2.144  17.656  1.00 30.13 ? 15  ASN A C   1 
ATOM   149  O  O   . ASN A 1 17  ? -6.594  -2.431  18.624  1.00 35.35 ? 15  ASN A O   1 
ATOM   150  C  CB  . ASN A 1 17  ? -9.815  -2.204  17.786  1.00 32.53 ? 15  ASN A CB  1 
ATOM   151  C  CG  . ASN A 1 17  ? -9.657  -3.492  18.562  1.00 43.47 ? 15  ASN A CG  1 
ATOM   152  O  OD1 . ASN A 1 17  ? -9.721  -4.579  17.992  1.00 42.71 ? 15  ASN A OD1 1 
ATOM   153  N  ND2 . ASN A 1 17  ? -9.423  -3.378  19.869  1.00 43.96 ? 15  ASN A ND2 1 
ATOM   154  N  N   . HIS A 1 18  ? -6.933  -2.474  16.421  1.00 32.62 ? 16  HIS A N   1 
ATOM   155  C  CA  . HIS A 1 18  ? -5.782  -3.338  16.168  1.00 29.67 ? 16  HIS A CA  1 
ATOM   156  C  C   . HIS A 1 18  ? -4.536  -2.608  15.666  1.00 28.75 ? 16  HIS A C   1 
ATOM   157  O  O   . HIS A 1 18  ? -3.444  -3.181  15.630  1.00 31.32 ? 16  HIS A O   1 
ATOM   158  C  CB  . HIS A 1 18  ? -6.181  -4.419  15.173  1.00 30.05 ? 16  HIS A CB  1 
ATOM   159  C  CG  . HIS A 1 18  ? -7.142  -5.412  15.739  1.00 35.38 ? 16  HIS A CG  1 
ATOM   160  N  ND1 . HIS A 1 18  ? -8.483  -5.418  15.422  1.00 37.10 ? 16  HIS A ND1 1 
ATOM   161  C  CD2 . HIS A 1 18  ? -6.962  -6.415  16.628  1.00 38.01 ? 16  HIS A CD2 1 
ATOM   162  C  CE1 . HIS A 1 18  ? -9.082  -6.397  16.073  1.00 37.49 ? 16  HIS A CE1 1 
ATOM   163  N  NE2 . HIS A 1 18  ? -8.181  -7.015  16.814  1.00 38.51 ? 16  HIS A NE2 1 
ATOM   164  N  N   . GLY A 1 19  ? -4.696  -1.349  15.281  1.00 23.93 ? 17  GLY A N   1 
ATOM   165  C  CA  . GLY A 1 19  ? -3.601  -0.585  14.722  1.00 24.64 ? 17  GLY A CA  1 
ATOM   166  C  C   . GLY A 1 19  ? -3.233  -1.003  13.309  1.00 24.43 ? 17  GLY A C   1 
ATOM   167  O  O   . GLY A 1 19  ? -2.168  -0.656  12.812  1.00 23.25 ? 17  GLY A O   1 
ATOM   168  N  N   . HIS A 1 20  ? -4.113  -1.757  12.665  1.00 23.66 ? 18  HIS A N   1 
ATOM   169  C  CA  . HIS A 1 20  ? -3.963  -2.063  11.251  1.00 23.58 ? 18  HIS A CA  1 
ATOM   170  C  C   . HIS A 1 20  ? -5.318  -2.498  10.668  1.00 22.80 ? 18  HIS A C   1 
ATOM   171  O  O   . HIS A 1 20  ? -6.300  -2.624  11.397  1.00 25.68 ? 18  HIS A O   1 
ATOM   172  C  CB  . HIS A 1 20  ? -2.902  -3.146  11.048  1.00 21.16 ? 18  HIS A CB  1 
ATOM   173  C  CG  . HIS A 1 20  ? -3.367  -4.520  11.413  1.00 29.21 ? 18  HIS A CG  1 
ATOM   174  N  ND1 . HIS A 1 20  ? -3.000  -5.143  12.585  1.00 24.58 ? 18  HIS A ND1 1 
ATOM   175  C  CD2 . HIS A 1 20  ? -4.179  -5.387  10.764  1.00 28.77 ? 18  HIS A CD2 1 
ATOM   176  C  CE1 . HIS A 1 20  ? -3.558  -6.340  12.637  1.00 24.45 ? 18  HIS A CE1 1 
ATOM   177  N  NE2 . HIS A 1 20  ? -4.283  -6.511  11.546  1.00 27.08 ? 18  HIS A NE2 1 
ATOM   178  N  N   . ILE A 1 21  ? -5.373  -2.698  9.355   1.00 22.23 ? 19  ILE A N   1 
ATOM   179  C  CA  . ILE A 1 21  ? -6.586  -3.186  8.692   1.00 21.70 ? 19  ILE A CA  1 
ATOM   180  C  C   . ILE A 1 21  ? -6.279  -3.603  7.265   1.00 23.61 ? 19  ILE A C   1 
ATOM   181  O  O   . ILE A 1 21  ? -5.509  -2.957  6.561   1.00 23.46 ? 19  ILE A O   1 
ATOM   182  C  CB  . ILE A 1 21  ? -7.733  -2.154  8.682   1.00 23.04 ? 19  ILE A CB  1 
ATOM   183  C  CG1 . ILE A 1 21  ? -9.004  -2.789  8.114   1.00 23.52 ? 19  ILE A CG1 1 
ATOM   184  C  CG2 . ILE A 1 21  ? -7.373  -0.940  7.857   1.00 22.20 ? 19  ILE A CG2 1 
ATOM   185  C  CD1 . ILE A 1 21  ? -10.259 -1.982  8.387   1.00 23.32 ? 19  ILE A CD1 1 
ATOM   186  N  N   . LEU A 1 22  ? -6.898  -4.696  6.851   1.00 22.49 ? 20  LEU A N   1 
ATOM   187  C  CA  . LEU A 1 22  ? -6.597  -5.345  5.592   1.00 23.61 ? 20  LEU A CA  1 
ATOM   188  C  C   . LEU A 1 22  ? -7.843  -5.271  4.712   1.00 25.50 ? 20  LEU A C   1 
ATOM   189  O  O   . LEU A 1 22  ? -8.945  -5.552  5.168   1.00 26.42 ? 20  LEU A O   1 
ATOM   190  C  CB  . LEU A 1 22  ? -6.200  -6.803  5.866   1.00 22.36 ? 20  LEU A CB  1 
ATOM   191  C  CG  . LEU A 1 22  ? -5.936  -7.745  4.693   1.00 22.12 ? 20  LEU A CG  1 
ATOM   192  C  CD1 . LEU A 1 22  ? -4.878  -7.183  3.749   1.00 26.52 ? 20  LEU A CD1 1 
ATOM   193  C  CD2 . LEU A 1 22  ? -5.511  -9.096  5.216   1.00 22.83 ? 20  LEU A CD2 1 
ATOM   194  N  N   . PHE A 1 23  ? -7.675  -4.874  3.460   1.00 28.96 ? 21  PHE A N   1 
ATOM   195  C  CA  . PHE A 1 23  ? -8.809  -4.669  2.569   1.00 26.40 ? 21  PHE A CA  1 
ATOM   196  C  C   . PHE A 1 23  ? -8.619  -5.526  1.339   1.00 27.57 ? 21  PHE A C   1 
ATOM   197  O  O   . PHE A 1 23  ? -7.568  -5.475  0.702   1.00 25.61 ? 21  PHE A O   1 
ATOM   198  C  CB  . PHE A 1 23  ? -8.911  -3.200  2.137   1.00 25.58 ? 21  PHE A CB  1 
ATOM   199  C  CG  . PHE A 1 23  ? -9.582  -2.292  3.144   1.00 24.62 ? 21  PHE A CG  1 
ATOM   200  C  CD1 . PHE A 1 23  ? -8.836  -1.436  3.930   1.00 25.70 ? 21  PHE A CD1 1 
ATOM   201  C  CD2 . PHE A 1 23  ? -10.961 -2.281  3.283   1.00 29.95 ? 21  PHE A CD2 1 
ATOM   202  C  CE1 . PHE A 1 23  ? -9.447  -0.593  4.845   1.00 23.96 ? 21  PHE A CE1 1 
ATOM   203  C  CE2 . PHE A 1 23  ? -11.578 -1.440  4.201   1.00 28.15 ? 21  PHE A CE2 1 
ATOM   204  C  CZ  . PHE A 1 23  ? -10.818 -0.595  4.977   1.00 28.26 ? 21  PHE A CZ  1 
ATOM   205  N  N   . GLU A 1 24  ? -9.631  -6.318  0.998   1.00 29.51 ? 22  GLU A N   1 
ATOM   206  C  CA  . GLU A 1 24  ? -9.627  -7.006  -0.285  1.00 37.65 ? 22  GLU A CA  1 
ATOM   207  C  C   . GLU A 1 24  ? -9.940  -6.004  -1.396  1.00 31.59 ? 22  GLU A C   1 
ATOM   208  O  O   . GLU A 1 24  ? -10.681 -5.040  -1.192  1.00 23.15 ? 22  GLU A O   1 
ATOM   209  C  CB  . GLU A 1 24  ? -10.626 -8.165  -0.307  1.00 42.16 ? 22  GLU A CB  1 
ATOM   210  C  CG  . GLU A 1 24  ? -10.677 -8.889  -1.652  1.00 46.06 ? 22  GLU A CG  1 
ATOM   211  C  CD  . GLU A 1 24  ? -11.590 -10.114 -1.650  1.00 53.56 ? 22  GLU A CD  1 
ATOM   212  O  OE1 . GLU A 1 24  ? -12.259 -10.367 -0.617  1.00 49.03 ? 22  GLU A OE1 1 
ATOM   213  O  OE2 . GLU A 1 24  ? -11.632 -10.825 -2.688  1.00 45.43 ? 22  GLU A OE2 1 
ATOM   214  N  N   . GLY A 1 25  ? -9.352  -6.226  -2.566  1.00 33.76 ? 23  GLY A N   1 
ATOM   215  C  CA  . GLY A 1 25  ? -9.584  -5.357  -3.707  1.00 32.52 ? 23  GLY A CA  1 
ATOM   216  C  C   . GLY A 1 25  ? -9.506  -3.879  -3.372  1.00 32.77 ? 23  GLY A C   1 
ATOM   217  O  O   . GLY A 1 25  ? -10.357 -3.100  -3.794  1.00 35.44 ? 23  GLY A O   1 
ATOM   218  N  N   . LEU A 1 26  ? -8.485  -3.484  -2.620  1.00 34.22 ? 24  LEU A N   1 
ATOM   219  C  CA  . LEU A 1 26  ? -8.290  -2.074  -2.286  1.00 34.37 ? 24  LEU A CA  1 
ATOM   220  C  C   . LEU A 1 26  ? -8.066  -1.251  -3.554  1.00 34.79 ? 24  LEU A C   1 
ATOM   221  O  O   . LEU A 1 26  ? -8.701  -0.211  -3.760  1.00 36.16 ? 24  LEU A O   1 
ATOM   222  C  CB  . LEU A 1 26  ? -7.109  -1.910  -1.324  1.00 26.12 ? 24  LEU A CB  1 
ATOM   223  C  CG  . LEU A 1 26  ? -6.788  -0.486  -0.866  1.00 32.24 ? 24  LEU A CG  1 
ATOM   224  C  CD1 . LEU A 1 26  ? -8.033  0.199   -0.334  1.00 30.05 ? 24  LEU A CD1 1 
ATOM   225  C  CD2 . LEU A 1 26  ? -5.678  -0.489  0.189   1.00 28.56 ? 24  LEU A CD2 1 
ATOM   226  N  N   . ALA A 1 27  ? -7.157  -1.730  -4.397  1.00 32.50 ? 25  ALA A N   1 
ATOM   227  C  CA  . ALA A 1 27  ? -6.844  -1.077  -5.658  1.00 34.12 ? 25  ALA A CA  1 
ATOM   228  C  C   . ALA A 1 27  ? -7.135  -2.045  -6.802  1.00 37.43 ? 25  ALA A C   1 
ATOM   229  O  O   . ALA A 1 27  ? -7.158  -3.257  -6.599  1.00 35.62 ? 25  ALA A O   1 
ATOM   230  C  CB  . ALA A 1 27  ? -5.384  -0.645  -5.674  1.00 25.56 ? 25  ALA A CB  1 
ATOM   231  N  N   . PRO A 1 28  ? -7.376  -1.518  -8.009  1.00 36.09 ? 26  PRO A N   1 
ATOM   232  C  CA  . PRO A 1 28  ? -7.699  -2.421  -9.117  1.00 37.74 ? 26  PRO A CA  1 
ATOM   233  C  C   . PRO A 1 28  ? -6.562  -3.375  -9.450  1.00 35.65 ? 26  PRO A C   1 
ATOM   234  O  O   . PRO A 1 28  ? -5.406  -2.962  -9.520  1.00 33.86 ? 26  PRO A O   1 
ATOM   235  C  CB  . PRO A 1 28  ? -7.950  -1.463  -10.280 1.00 39.22 ? 26  PRO A CB  1 
ATOM   236  C  CG  . PRO A 1 28  ? -8.366  -0.186  -9.630  1.00 36.72 ? 26  PRO A CG  1 
ATOM   237  C  CD  . PRO A 1 28  ? -7.557  -0.105  -8.378  1.00 35.40 ? 26  PRO A CD  1 
ATOM   238  N  N   . VAL A 1 29  ? -6.895  -4.645  -9.649  1.00 32.28 ? 27  VAL A N   1 
ATOM   239  C  CA  . VAL A 1 29  ? -5.906  -5.628  -10.058 1.00 32.76 ? 27  VAL A CA  1 
ATOM   240  C  C   . VAL A 1 29  ? -5.214  -5.215  -11.365 1.00 43.08 ? 27  VAL A C   1 
ATOM   241  O  O   . VAL A 1 29  ? -4.070  -5.584  -11.604 1.00 47.13 ? 27  VAL A O   1 
ATOM   242  C  CB  . VAL A 1 29  ? -6.539  -7.020  -10.232 1.00 32.57 ? 27  VAL A CB  1 
ATOM   243  C  CG1 . VAL A 1 29  ? -5.524  -8.005  -10.789 1.00 31.56 ? 27  VAL A CG1 1 
ATOM   244  C  CG2 . VAL A 1 29  ? -7.088  -7.521  -8.909  1.00 34.89 ? 27  VAL A CG2 1 
ATOM   245  N  N   . SER A 1 30  ? -5.895  -4.438  -12.201 1.00 39.10 ? 28  SER A N   1 
ATOM   246  C  CA  . SER A 1 30  ? -5.336  -4.053  -13.498 1.00 45.39 ? 28  SER A CA  1 
ATOM   247  C  C   . SER A 1 30  ? -4.199  -3.044  -13.361 1.00 43.50 ? 28  SER A C   1 
ATOM   248  O  O   . SER A 1 30  ? -3.150  -3.185  -13.985 1.00 49.09 ? 28  SER A O   1 
ATOM   249  C  CB  . SER A 1 30  ? -6.427  -3.475  -14.395 1.00 43.72 ? 28  SER A CB  1 
ATOM   250  O  OG  . SER A 1 30  ? -7.570  -4.309  -14.390 1.00 47.96 ? 28  SER A OG  1 
ATOM   251  N  N   . ASP A 1 31  ? -4.422  -2.010  -12.560 1.00 41.19 ? 29  ASP A N   1 
ATOM   252  C  CA  . ASP A 1 31  ? -3.384  -1.030  -12.284 1.00 43.31 ? 29  ASP A CA  1 
ATOM   253  C  C   . ASP A 1 31  ? -2.219  -1.704  -11.581 1.00 38.99 ? 29  ASP A C   1 
ATOM   254  O  O   . ASP A 1 31  ? -1.066  -1.335  -11.786 1.00 36.32 ? 29  ASP A O   1 
ATOM   255  C  CB  . ASP A 1 31  ? -3.928  0.092   -11.399 1.00 43.96 ? 29  ASP A CB  1 
ATOM   256  C  CG  . ASP A 1 31  ? -5.094  0.829   -12.036 1.00 53.90 ? 29  ASP A CG  1 
ATOM   257  O  OD1 . ASP A 1 31  ? -5.130  0.941   -13.284 1.00 56.19 ? 29  ASP A OD1 1 
ATOM   258  O  OD2 . ASP A 1 31  ? -5.978  1.301   -11.284 1.00 51.63 ? 29  ASP A OD2 1 
ATOM   259  N  N   . CYS A 1 32  ? -2.533  -2.699  -10.758 1.00 36.72 ? 30  CYS A N   1 
ATOM   260  C  CA  . CYS A 1 32  ? -1.527  -3.404  -9.971  1.00 35.87 ? 30  CYS A CA  1 
ATOM   261  C  C   . CYS A 1 32  ? -0.575  -4.228  -10.820 1.00 41.96 ? 30  CYS A C   1 
ATOM   262  O  O   . CYS A 1 32  ? 0.621   -3.964  -10.822 1.00 45.98 ? 30  CYS A O   1 
ATOM   263  C  CB  . CYS A 1 32  ? -2.201  -4.299  -8.947  1.00 35.70 ? 30  CYS A CB  1 
ATOM   264  S  SG  . CYS A 1 32  ? -2.785  -3.386  -7.524  1.00 38.04 ? 30  CYS A SG  1 
ATOM   265  N  N   . LYS A 1 33  ? -1.093  -5.234  -11.521 1.00 43.99 ? 31  LYS A N   1 
ATOM   266  C  CA  . LYS A 1 33  ? -0.282  -6.004  -12.459 1.00 44.34 ? 31  LYS A CA  1 
ATOM   267  C  C   . LYS A 1 33  ? 0.451   -5.068  -13.425 1.00 41.86 ? 31  LYS A C   1 
ATOM   268  O  O   . LYS A 1 33  ? 1.630   -5.256  -13.720 1.00 42.22 ? 31  LYS A O   1 
ATOM   269  C  CB  . LYS A 1 33  ? -1.155  -6.982  -13.249 1.00 49.27 ? 31  LYS A CB  1 
ATOM   270  C  CG  . LYS A 1 33  ? -2.361  -6.335  -13.946 1.00 50.41 ? 31  LYS A CG  1 
ATOM   271  C  CD  . LYS A 1 33  ? -2.811  -7.118  -15.186 1.00 59.38 ? 31  LYS A CD  1 
ATOM   272  C  CE  . LYS A 1 33  ? -4.238  -6.749  -15.628 1.00 54.39 ? 31  LYS A CE  1 
ATOM   273  N  NZ  . LYS A 1 33  ? -5.305  -7.407  -14.798 1.00 40.46 ? 31  LYS A NZ  1 
ATOM   274  N  N   . GLN A 1 34  ? -0.250  -4.045  -13.901 1.00 40.23 ? 32  GLN A N   1 
ATOM   275  C  CA  . GLN A 1 34  ? 0.298   -3.145  -14.904 1.00 43.16 ? 32  GLN A CA  1 
ATOM   276  C  C   . GLN A 1 34  ? 1.488   -2.363  -14.359 1.00 44.71 ? 32  GLN A C   1 
ATOM   277  O  O   . GLN A 1 34  ? 2.416   -2.037  -15.094 1.00 49.57 ? 32  GLN A O   1 
ATOM   278  C  CB  . GLN A 1 34  ? -0.781  -2.179  -15.381 1.00 43.90 ? 32  GLN A CB  1 
ATOM   279  C  CG  . GLN A 1 34  ? -0.275  -1.110  -16.332 1.00 51.74 ? 32  GLN A CG  1 
ATOM   280  C  CD  . GLN A 1 34  ? -1.392  -0.218  -16.853 1.00 62.22 ? 32  GLN A CD  1 
ATOM   281  O  OE1 . GLN A 1 34  ? -1.235  1.001   -16.943 1.00 65.00 ? 32  GLN A OE1 1 
ATOM   282  N  NE2 . GLN A 1 34  ? -2.521  -0.824  -17.207 1.00 49.52 ? 32  GLN A NE2 1 
ATOM   283  N  N   . LEU A 1 35  ? 1.452   -2.059  -13.068 1.00 45.50 ? 33  LEU A N   1 
ATOM   284  C  CA  . LEU A 1 35  ? 2.544   -1.346  -12.417 1.00 40.68 ? 33  LEU A CA  1 
ATOM   285  C  C   . LEU A 1 35  ? 3.699   -2.301  -12.181 1.00 40.98 ? 33  LEU A C   1 
ATOM   286  O  O   . LEU A 1 35  ? 4.861   -1.955  -12.378 1.00 37.90 ? 33  LEU A O   1 
ATOM   287  C  CB  . LEU A 1 35  ? 2.079   -0.770  -11.080 1.00 38.19 ? 33  LEU A CB  1 
ATOM   288  C  CG  . LEU A 1 35  ? 3.192   -0.278  -10.155 1.00 33.64 ? 33  LEU A CG  1 
ATOM   289  C  CD1 . LEU A 1 35  ? 3.898   0.907   -10.772 1.00 39.21 ? 33  LEU A CD1 1 
ATOM   290  C  CD2 . LEU A 1 35  ? 2.640   0.087   -8.793  1.00 27.74 ? 33  LEU A CD2 1 
ATOM   291  N  N   . GLU A 1 36  ? 3.369   -3.513  -11.759 1.00 37.05 ? 34  GLU A N   1 
ATOM   292  C  CA  . GLU A 1 36  ? 4.385   -4.503  -11.487 1.00 37.71 ? 34  GLU A CA  1 
ATOM   293  C  C   . GLU A 1 36  ? 5.159   -4.823  -12.749 1.00 42.21 ? 34  GLU A C   1 
ATOM   294  O  O   . GLU A 1 36  ? 6.336   -5.162  -12.685 1.00 45.74 ? 34  GLU A O   1 
ATOM   295  C  CB  . GLU A 1 36  ? 3.763   -5.779  -10.944 1.00 38.17 ? 34  GLU A CB  1 
ATOM   296  C  CG  . GLU A 1 36  ? 4.788   -6.679  -10.272 1.00 41.48 ? 34  GLU A CG  1 
ATOM   297  C  CD  . GLU A 1 36  ? 4.491   -8.154  -10.455 1.00 57.37 ? 34  GLU A CD  1 
ATOM   298  O  OE1 . GLU A 1 36  ? 4.938   -8.948  -9.590  1.00 54.34 ? 34  GLU A OE1 1 
ATOM   299  O  OE2 . GLU A 1 36  ? 3.825   -8.517  -11.461 1.00 52.41 ? 34  GLU A OE2 1 
ATOM   300  N  N   . ALA A 1 37  ? 4.490   -4.723  -13.894 1.00 47.36 ? 35  ALA A N   1 
ATOM   301  C  CA  . ALA A 1 37  ? 5.120   -4.983  -15.185 1.00 47.63 ? 35  ALA A CA  1 
ATOM   302  C  C   . ALA A 1 37  ? 6.165   -3.916  -15.492 1.00 40.25 ? 35  ALA A C   1 
ATOM   303  O  O   . ALA A 1 37  ? 7.237   -4.224  -15.997 1.00 46.32 ? 35  ALA A O   1 
ATOM   304  C  CB  . ALA A 1 37  ? 4.066   -5.034  -16.301 1.00 37.38 ? 35  ALA A CB  1 
ATOM   305  N  N   . GLU A 1 38  ? 5.843   -2.665  -15.189 1.00 39.53 ? 36  GLU A N   1 
ATOM   306  C  CA  . GLU A 1 38  ? 6.787   -1.565  -15.364 1.00 43.92 ? 36  GLU A CA  1 
ATOM   307  C  C   . GLU A 1 38  ? 7.916   -1.616  -14.337 1.00 45.72 ? 36  GLU A C   1 
ATOM   308  O  O   . GLU A 1 38  ? 9.004   -1.094  -14.571 1.00 43.22 ? 36  GLU A O   1 
ATOM   309  C  CB  . GLU A 1 38  ? 6.072   -0.223  -15.244 1.00 39.41 ? 36  GLU A CB  1 
ATOM   310  C  CG  . GLU A 1 38  ? 5.130   0.082   -16.383 1.00 43.37 ? 36  GLU A CG  1 
ATOM   311  C  CD  . GLU A 1 38  ? 4.869   1.576   -16.535 1.00 60.72 ? 36  GLU A CD  1 
ATOM   312  O  OE1 . GLU A 1 38  ? 5.846   2.371   -16.538 1.00 55.35 ? 36  GLU A OE1 1 
ATOM   313  O  OE2 . GLU A 1 38  ? 3.683   1.956   -16.651 1.00 65.73 ? 36  GLU A OE2 1 
ATOM   314  N  N   . LEU A 1 39  ? 7.652   -2.236  -13.194 1.00 39.19 ? 37  LEU A N   1 
ATOM   315  C  CA  . LEU A 1 39  ? 8.655   -2.326  -12.147 1.00 45.93 ? 37  LEU A CA  1 
ATOM   316  C  C   . LEU A 1 39  ? 9.678   -3.409  -12.477 1.00 47.98 ? 37  LEU A C   1 
ATOM   317  O  O   . LEU A 1 39  ? 10.870  -3.211  -12.274 1.00 39.09 ? 37  LEU A O   1 
ATOM   318  C  CB  . LEU A 1 39  ? 8.005   -2.595  -10.790 1.00 42.84 ? 37  LEU A CB  1 
ATOM   319  C  CG  . LEU A 1 39  ? 7.398   -1.370  -10.100 1.00 31.59 ? 37  LEU A CG  1 
ATOM   320  C  CD1 . LEU A 1 39  ? 6.482   -1.797  -8.972  1.00 36.93 ? 37  LEU A CD1 1 
ATOM   321  C  CD2 . LEU A 1 39  ? 8.489   -0.470  -9.575  1.00 33.70 ? 37  LEU A CD2 1 
ATOM   322  N  N   . LYS A 1 40  ? 9.213   -4.541  -12.997 1.00 45.03 ? 38  LYS A N   1 
ATOM   323  C  CA  . LYS A 1 40  ? 10.114  -5.625  -13.379 1.00 45.56 ? 38  LYS A CA  1 
ATOM   324  C  C   . LYS A 1 40  ? 11.018  -5.184  -14.518 1.00 50.22 ? 38  LYS A C   1 
ATOM   325  O  O   . LYS A 1 40  ? 12.107  -5.725  -14.715 1.00 47.59 ? 38  LYS A O   1 
ATOM   326  C  CB  . LYS A 1 40  ? 9.326   -6.856  -13.813 1.00 44.69 ? 38  LYS A CB  1 
ATOM   327  C  CG  . LYS A 1 40  ? 8.474   -7.464  -12.719 1.00 43.65 ? 38  LYS A CG  1 
ATOM   328  C  CD  . LYS A 1 40  ? 8.033   -8.852  -13.112 1.00 46.64 ? 38  LYS A CD  1 
ATOM   329  C  CE  . LYS A 1 40  ? 7.123   -9.456  -12.072 1.00 56.61 ? 38  LYS A CE  1 
ATOM   330  N  NZ  . LYS A 1 40  ? 6.744   -10.852 -12.425 1.00 66.53 ? 38  LYS A NZ  1 
ATOM   331  N  N   . LEU A 1 41  ? 10.548  -4.187  -15.256 1.00 48.49 ? 39  LEU A N   1 
ATOM   332  C  CA  . LEU A 1 41  ? 11.251  -3.682  -16.422 1.00 53.63 ? 39  LEU A CA  1 
ATOM   333  C  C   . LEU A 1 41  ? 12.294  -2.659  -16.006 1.00 58.80 ? 39  LEU A C   1 
ATOM   334  O  O   . LEU A 1 41  ? 13.473  -2.778  -16.348 1.00 61.61 ? 39  LEU A O   1 
ATOM   335  C  CB  . LEU A 1 41  ? 10.243  -3.036  -17.365 1.00 53.12 ? 39  LEU A CB  1 
ATOM   336  C  CG  . LEU A 1 41  ? 10.500  -3.079  -18.865 1.00 60.19 ? 39  LEU A CG  1 
ATOM   337  C  CD1 . LEU A 1 41  ? 9.179   -2.931  -19.601 1.00 48.63 ? 39  LEU A CD1 1 
ATOM   338  C  CD2 . LEU A 1 41  ? 11.496  -2.001  -19.279 1.00 61.47 ? 39  LEU A CD2 1 
ATOM   339  N  N   . PHE A 1 42  ? 11.842  -1.660  -15.254 1.00 57.01 ? 40  PHE A N   1 
ATOM   340  C  CA  . PHE A 1 42  ? 12.688  -0.574  -14.774 1.00 53.14 ? 40  PHE A CA  1 
ATOM   341  C  C   . PHE A 1 42  ? 14.054  -1.060  -14.293 1.00 60.34 ? 40  PHE A C   1 
ATOM   342  O  O   . PHE A 1 42  ? 14.993  -0.269  -14.197 1.00 59.79 ? 40  PHE A O   1 
ATOM   343  C  CB  . PHE A 1 42  ? 11.958  0.182   -13.661 1.00 53.93 ? 40  PHE A CB  1 
ATOM   344  C  CG  . PHE A 1 42  ? 12.851  1.045   -12.814 1.00 54.41 ? 40  PHE A CG  1 
ATOM   345  C  CD1 . PHE A 1 42  ? 13.606  2.058   -13.380 1.00 51.13 ? 40  PHE A CD1 1 
ATOM   346  C  CD2 . PHE A 1 42  ? 12.911  0.855   -11.439 1.00 58.23 ? 40  PHE A CD2 1 
ATOM   347  C  CE1 . PHE A 1 42  ? 14.423  2.857   -12.588 1.00 54.75 ? 40  PHE A CE1 1 
ATOM   348  C  CE2 . PHE A 1 42  ? 13.724  1.652   -10.643 1.00 56.61 ? 40  PHE A CE2 1 
ATOM   349  C  CZ  . PHE A 1 42  ? 14.480  2.654   -11.219 1.00 54.15 ? 40  PHE A CZ  1 
ATOM   350  N  N   . LEU A 1 43  ? 14.177  -2.355  -14.012 1.00 59.04 ? 41  LEU A N   1 
ATOM   351  C  CA  . LEU A 1 43  ? 15.462  -2.924  -13.634 1.00 56.73 ? 41  LEU A CA  1 
ATOM   352  C  C   . LEU A 1 43  ? 16.376  -3.025  -14.846 1.00 63.92 ? 41  LEU A C   1 
ATOM   353  O  O   . LEU A 1 43  ? 16.456  -4.075  -15.489 1.00 60.34 ? 41  LEU A O   1 
ATOM   354  C  CB  . LEU A 1 43  ? 15.281  -4.294  -13.000 1.00 54.69 ? 41  LEU A CB  1 
ATOM   355  C  CG  . LEU A 1 43  ? 14.514  -4.226  -11.684 1.00 48.72 ? 41  LEU A CG  1 
ATOM   356  C  CD1 . LEU A 1 43  ? 13.055  -4.185  -11.993 1.00 50.43 ? 41  LEU A CD1 1 
ATOM   357  C  CD2 . LEU A 1 43  ? 14.824  -5.404  -10.774 1.00 50.74 ? 41  LEU A CD2 1 
ATOM   358  N  N   . LYS A 1 44  ? 17.054  -1.911  -15.137 1.00 67.70 ? 42  LYS A N   1 
ATOM   359  C  CA  . LYS A 1 44  ? 17.985  -1.782  -16.260 1.00 64.42 ? 42  LYS A CA  1 
ATOM   360  C  C   . LYS A 1 44  ? 17.847  -2.916  -17.271 1.00 58.73 ? 42  LYS A C   1 
ATOM   361  O  O   . LYS A 1 44  ? 16.763  -3.150  -17.806 1.00 61.63 ? 42  LYS A O   1 
ATOM   362  C  CB  . LYS A 1 44  ? 19.430  -1.694  -15.746 1.00 43.55 ? 42  LYS A CB  1 
ATOM   363  N  N   . ARG A 1 56  ? 19.149  1.903   -3.557  1.00 55.82 ? 54  ARG A N   1 
ATOM   364  C  CA  . ARG A 1 56  ? 18.827  0.655   -4.236  1.00 55.18 ? 54  ARG A CA  1 
ATOM   365  C  C   . ARG A 1 56  ? 17.727  0.882   -5.264  1.00 51.00 ? 54  ARG A C   1 
ATOM   366  O  O   . ARG A 1 56  ? 17.016  1.892   -5.223  1.00 41.13 ? 54  ARG A O   1 
ATOM   367  C  CB  . ARG A 1 56  ? 18.386  -0.409  -3.230  1.00 50.41 ? 54  ARG A CB  1 
ATOM   368  C  CG  . ARG A 1 56  ? 18.226  -1.796  -3.826  1.00 50.18 ? 54  ARG A CG  1 
ATOM   369  C  CD  . ARG A 1 56  ? 17.967  -2.826  -2.749  1.00 53.23 ? 54  ARG A CD  1 
ATOM   370  N  NE  . ARG A 1 56  ? 16.976  -2.358  -1.781  1.00 65.36 ? 54  ARG A NE  1 
ATOM   371  C  CZ  . ARG A 1 56  ? 16.282  -3.149  -0.965  1.00 68.97 ? 54  ARG A CZ  1 
ATOM   372  N  NH1 . ARG A 1 56  ? 16.445  -4.468  -0.992  1.00 62.24 ? 54  ARG A NH1 1 
ATOM   373  N  NH2 . ARG A 1 56  ? 15.407  -2.620  -0.121  1.00 63.60 ? 54  ARG A NH2 1 
ATOM   374  N  N   . TRP A 1 57  ? 17.599  -0.066  -6.187  1.00 47.08 ? 55  TRP A N   1 
ATOM   375  C  CA  . TRP A 1 57  ? 16.613  0.026   -7.251  1.00 44.39 ? 55  TRP A CA  1 
ATOM   376  C  C   . TRP A 1 57  ? 15.198  0.090   -6.688  1.00 48.23 ? 55  TRP A C   1 
ATOM   377  O  O   . TRP A 1 57  ? 14.351  0.809   -7.215  1.00 48.17 ? 55  TRP A O   1 
ATOM   378  C  CB  . TRP A 1 57  ? 16.736  -1.177  -8.187  1.00 44.57 ? 55  TRP A CB  1 
ATOM   379  N  N   . ARG A 1 58  ? 14.949  -0.646  -5.608  1.00 41.70 ? 56  ARG A N   1 
ATOM   380  C  CA  . ARG A 1 58  ? 13.591  -0.823  -5.118  1.00 38.03 ? 56  ARG A CA  1 
ATOM   381  C  C   . ARG A 1 58  ? 13.095  0.307   -4.236  1.00 32.70 ? 56  ARG A C   1 
ATOM   382  O  O   . ARG A 1 58  ? 11.946  0.289   -3.814  1.00 37.26 ? 56  ARG A O   1 
ATOM   383  C  CB  . ARG A 1 58  ? 13.465  -2.129  -4.341  1.00 46.73 ? 56  ARG A CB  1 
ATOM   384  C  CG  . ARG A 1 58  ? 13.685  -3.357  -5.177  1.00 46.49 ? 56  ARG A CG  1 
ATOM   385  C  CD  . ARG A 1 58  ? 15.151  -3.736  -5.198  1.00 60.72 ? 56  ARG A CD  1 
ATOM   386  N  NE  . ARG A 1 58  ? 15.378  -4.899  -6.046  1.00 67.21 ? 56  ARG A NE  1 
ATOM   387  C  CZ  . ARG A 1 58  ? 14.912  -6.115  -5.780  1.00 65.40 ? 56  ARG A CZ  1 
ATOM   388  N  NH1 . ARG A 1 58  ? 14.195  -6.329  -4.685  1.00 60.47 ? 56  ARG A NH1 1 
ATOM   389  N  NH2 . ARG A 1 58  ? 15.165  -7.117  -6.610  1.00 62.95 ? 56  ARG A NH2 1 
ATOM   390  N  N   . GLU A 1 59  ? 13.933  1.289   -3.949  1.00 28.46 ? 57  GLU A N   1 
ATOM   391  C  CA  . GLU A 1 59  ? 13.496  2.373   -3.077  1.00 32.25 ? 57  GLU A CA  1 
ATOM   392  C  C   . GLU A 1 59  ? 12.945  3.551   -3.868  1.00 31.07 ? 57  GLU A C   1 
ATOM   393  O  O   . GLU A 1 59  ? 13.543  4.007   -4.837  1.00 31.23 ? 57  GLU A O   1 
ATOM   394  C  CB  . GLU A 1 59  ? 14.631  2.830   -2.167  1.00 35.04 ? 57  GLU A CB  1 
ATOM   395  C  CG  . GLU A 1 59  ? 15.255  1.702   -1.355  1.00 46.70 ? 57  GLU A CG  1 
ATOM   396  C  CD  . GLU A 1 59  ? 16.528  2.132   -0.655  1.00 55.06 ? 57  GLU A CD  1 
ATOM   397  O  OE1 . GLU A 1 59  ? 17.599  2.119   -1.302  1.00 50.68 ? 57  GLU A OE1 1 
ATOM   398  O  OE2 . GLU A 1 59  ? 16.454  2.490   0.540   1.00 54.38 ? 57  GLU A OE2 1 
ATOM   399  N  N   . ASN A 1 60  ? 11.793  4.039   -3.438  1.00 31.58 ? 58  ASN A N   1 
ATOM   400  C  CA  . ASN A 1 60  ? 11.158  5.182   -4.070  1.00 32.55 ? 58  ASN A CA  1 
ATOM   401  C  C   . ASN A 1 60  ? 11.000  4.998   -5.575  1.00 32.87 ? 58  ASN A C   1 
ATOM   402  O  O   . ASN A 1 60  ? 11.427  5.827   -6.380  1.00 31.67 ? 58  ASN A O   1 
ATOM   403  C  CB  . ASN A 1 60  ? 11.949  6.436   -3.746  1.00 30.36 ? 58  ASN A CB  1 
ATOM   404  C  CG  . ASN A 1 60  ? 12.031  6.680   -2.264  1.00 36.95 ? 58  ASN A CG  1 
ATOM   405  O  OD1 . ASN A 1 60  ? 11.045  6.487   -1.543  1.00 32.54 ? 58  ASN A OD1 1 
ATOM   406  N  ND2 . ASN A 1 60  ? 13.209  7.078   -1.786  1.00 33.70 ? 58  ASN A ND2 1 
ATOM   407  N  N   . VAL A 1 61  ? 10.378  3.896   -5.952  1.00 31.72 ? 59  VAL A N   1 
ATOM   408  C  CA  . VAL A 1 61  ? 10.070  3.664   -7.349  1.00 35.59 ? 59  VAL A CA  1 
ATOM   409  C  C   . VAL A 1 61  ? 9.108   4.719   -7.897  1.00 29.15 ? 59  VAL A C   1 
ATOM   410  O  O   . VAL A 1 61  ? 9.008   4.881   -9.099  1.00 37.12 ? 59  VAL A O   1 
ATOM   411  C  CB  . VAL A 1 61  ? 9.503   2.251   -7.568  1.00 35.77 ? 59  VAL A CB  1 
ATOM   412  C  CG1 . VAL A 1 61  ? 10.644  1.247   -7.673  1.00 33.04 ? 59  VAL A CG1 1 
ATOM   413  C  CG2 . VAL A 1 61  ? 8.527   1.869   -6.451  1.00 28.26 ? 59  VAL A CG2 1 
ATOM   414  N  N   . HIS A 1 62  ? 8.428   5.456   -7.025  1.00 27.30 ? 60  HIS A N   1 
ATOM   415  C  CA  . HIS A 1 62  ? 7.495   6.481   -7.483  1.00 27.39 ? 60  HIS A CA  1 
ATOM   416  C  C   . HIS A 1 62  ? 8.195   7.665   -8.126  1.00 34.45 ? 60  HIS A C   1 
ATOM   417  O  O   . HIS A 1 62  ? 7.562   8.477   -8.799  1.00 34.13 ? 60  HIS A O   1 
ATOM   418  C  CB  . HIS A 1 62  ? 6.613   6.981   -6.339  1.00 30.14 ? 60  HIS A CB  1 
ATOM   419  C  CG  . HIS A 1 62  ? 7.330   7.824   -5.330  1.00 35.45 ? 60  HIS A CG  1 
ATOM   420  N  ND1 . HIS A 1 62  ? 8.013   7.288   -4.257  1.00 32.99 ? 60  HIS A ND1 1 
ATOM   421  C  CD2 . HIS A 1 62  ? 7.440   9.168   -5.209  1.00 33.51 ? 60  HIS A CD2 1 
ATOM   422  C  CE1 . HIS A 1 62  ? 8.525   8.264   -3.530  1.00 31.40 ? 60  HIS A CE1 1 
ATOM   423  N  NE2 . HIS A 1 62  ? 8.194   9.415   -4.086  1.00 39.79 ? 60  HIS A NE2 1 
ATOM   424  N  N   . ARG A 1 63  ? 9.499   7.773   -7.909  1.00 37.78 ? 61  ARG A N   1 
ATOM   425  C  CA  . ARG A 1 63  ? 10.273  8.860   -8.492  1.00 31.54 ? 61  ARG A CA  1 
ATOM   426  C  C   . ARG A 1 63  ? 10.720  8.501   -9.910  1.00 35.64 ? 61  ARG A C   1 
ATOM   427  O  O   . ARG A 1 63  ? 11.311  9.324   -10.618 1.00 34.68 ? 61  ARG A O   1 
ATOM   428  C  CB  . ARG A 1 63  ? 11.468  9.203   -7.596  1.00 32.17 ? 61  ARG A CB  1 
ATOM   429  C  CG  . ARG A 1 63  ? 11.081  9.947   -6.315  1.00 35.91 ? 61  ARG A CG  1 
ATOM   430  C  CD  . ARG A 1 63  ? 12.293  10.283  -5.433  1.00 36.72 ? 61  ARG A CD  1 
ATOM   431  N  NE  . ARG A 1 63  ? 13.282  11.159  -6.080  1.00 39.76 ? 61  ARG A NE  1 
ATOM   432  C  CZ  . ARG A 1 63  ? 13.260  12.496  -6.061  1.00 40.56 ? 61  ARG A CZ  1 
ATOM   433  N  NH1 . ARG A 1 63  ? 12.288  13.156  -5.444  1.00 35.79 ? 61  ARG A NH1 1 
ATOM   434  N  NH2 . ARG A 1 63  ? 14.219  13.186  -6.674  1.00 39.75 ? 61  ARG A NH2 1 
ATOM   435  N  N   . THR A 1 64  ? 10.412  7.279   -10.336 1.00 32.43 ? 62  THR A N   1 
ATOM   436  C  CA  . THR A 1 64  ? 10.697  6.868   -11.706 1.00 38.40 ? 62  THR A CA  1 
ATOM   437  C  C   . THR A 1 64  ? 9.435   6.447   -12.464 1.00 36.90 ? 62  THR A C   1 
ATOM   438  O  O   . THR A 1 64  ? 9.371   6.563   -13.687 1.00 37.64 ? 62  THR A O   1 
ATOM   439  C  CB  . THR A 1 64  ? 11.711  5.726   -11.733 1.00 39.61 ? 62  THR A CB  1 
ATOM   440  O  OG1 . THR A 1 64  ? 11.213  4.628   -10.962 1.00 41.48 ? 62  THR A OG1 1 
ATOM   441  C  CG2 . THR A 1 64  ? 13.037  6.192   -11.153 1.00 37.68 ? 62  THR A CG2 1 
ATOM   442  N  N   . LEU A 1 65  ? 8.434   5.972   -11.733 1.00 36.95 ? 63  LEU A N   1 
ATOM   443  C  CA  . LEU A 1 65  ? 7.200   5.479   -12.330 1.00 34.94 ? 63  LEU A CA  1 
ATOM   444  C  C   . LEU A 1 65  ? 6.009   6.307   -11.877 1.00 34.03 ? 63  LEU A C   1 
ATOM   445  O  O   . LEU A 1 65  ? 5.769   6.435   -10.677 1.00 32.83 ? 63  LEU A O   1 
ATOM   446  C  CB  . LEU A 1 65  ? 6.975   4.020   -11.941 1.00 32.58 ? 63  LEU A CB  1 
ATOM   447  C  CG  . LEU A 1 65  ? 7.679   3.025   -12.859 1.00 41.84 ? 63  LEU A CG  1 
ATOM   448  C  CD1 . LEU A 1 65  ? 9.178   3.231   -12.795 1.00 47.09 ? 63  LEU A CD1 1 
ATOM   449  C  CD2 . LEU A 1 65  ? 7.307   1.589   -12.512 1.00 39.78 ? 63  LEU A CD2 1 
ATOM   450  N  N   . PRO A 1 66  ? 5.257   6.874   -12.836 1.00 32.34 ? 64  PRO A N   1 
ATOM   451  C  CA  . PRO A 1 66  ? 4.077   7.689   -12.526 1.00 28.27 ? 64  PRO A CA  1 
ATOM   452  C  C   . PRO A 1 66  ? 2.948   6.840   -11.977 1.00 23.69 ? 64  PRO A C   1 
ATOM   453  O  O   . PRO A 1 66  ? 2.006   7.381   -11.408 1.00 22.62 ? 64  PRO A O   1 
ATOM   454  C  CB  . PRO A 1 66  ? 3.676   8.258   -13.890 1.00 25.37 ? 64  PRO A CB  1 
ATOM   455  C  CG  . PRO A 1 66  ? 4.167   7.264   -14.868 1.00 25.67 ? 64  PRO A CG  1 
ATOM   456  C  CD  . PRO A 1 66  ? 5.446   6.721   -14.290 1.00 35.64 ? 64  PRO A CD  1 
ATOM   457  N  N   . GLY A 1 67  ? 3.054   5.527   -12.153 1.00 23.81 ? 65  GLY A N   1 
ATOM   458  C  CA  . GLY A 1 67  ? 1.992   4.610   -11.789 1.00 22.50 ? 65  GLY A CA  1 
ATOM   459  C  C   . GLY A 1 67  ? 1.763   4.528   -10.292 1.00 31.61 ? 65  GLY A C   1 
ATOM   460  O  O   . GLY A 1 67  ? 0.654   4.267   -9.831  1.00 33.24 ? 65  GLY A O   1 
ATOM   461  N  N   . VAL A 1 68  ? 2.815   4.749   -9.522  1.00 27.38 ? 66  VAL A N   1 
ATOM   462  C  CA  . VAL A 1 68  ? 2.699   4.670   -8.084  1.00 28.92 ? 66  VAL A CA  1 
ATOM   463  C  C   . VAL A 1 68  ? 1.793   5.788   -7.581  1.00 23.47 ? 66  VAL A C   1 
ATOM   464  O  O   . VAL A 1 68  ? 0.808   5.529   -6.908  1.00 22.06 ? 66  VAL A O   1 
ATOM   465  C  CB  . VAL A 1 68  ? 4.084   4.756   -7.412  1.00 32.78 ? 66  VAL A CB  1 
ATOM   466  C  CG1 . VAL A 1 68  ? 3.951   4.613   -5.901  1.00 22.80 ? 66  VAL A CG1 1 
ATOM   467  C  CG2 . VAL A 1 68  ? 5.003   3.684   -7.974  1.00 25.55 ? 66  VAL A CG2 1 
ATOM   468  N  N   . GLN A 1 69  ? 2.119   7.029   -7.918  1.00 22.29 ? 67  GLN A N   1 
ATOM   469  C  CA  . GLN A 1 69  ? 1.336   8.164   -7.439  1.00 24.95 ? 67  GLN A CA  1 
ATOM   470  C  C   . GLN A 1 69  ? -0.067  8.179   -8.041  1.00 22.54 ? 67  GLN A C   1 
ATOM   471  O  O   . GLN A 1 69  ? -0.979  8.772   -7.476  1.00 24.87 ? 67  GLN A O   1 
ATOM   472  C  CB  . GLN A 1 69  ? 2.045   9.494   -7.725  1.00 31.43 ? 67  GLN A CB  1 
ATOM   473  C  CG  . GLN A 1 69  ? 3.065   9.917   -6.661  1.00 29.31 ? 67  GLN A CG  1 
ATOM   474  C  CD  . GLN A 1 69  ? 2.426   10.497  -5.392  1.00 31.01 ? 67  GLN A CD  1 
ATOM   475  O  OE1 . GLN A 1 69  ? 1.269   10.215  -5.071  1.00 27.11 ? 67  GLN A OE1 1 
ATOM   476  N  NE2 . GLN A 1 69  ? 3.191   11.313  -4.663  1.00 29.42 ? 67  GLN A NE2 1 
HETATM 477  N  N   . MSE A 1 70  ? -0.259  7.526   -9.175  0.79 23.17 ? 68  MSE A N   1 
HETATM 478  C  CA  . MSE A 1 70  ? -1.591  7.461   -9.751  0.79 21.94 ? 68  MSE A CA  1 
HETATM 479  C  C   . MSE A 1 70  ? -2.483  6.515   -8.973  0.79 24.24 ? 68  MSE A C   1 
HETATM 480  O  O   . MSE A 1 70  ? -3.656  6.795   -8.753  0.79 22.63 ? 68  MSE A O   1 
HETATM 481  C  CB  . MSE A 1 70  ? -1.526  7.039   -11.205 0.79 25.70 ? 68  MSE A CB  1 
HETATM 482  C  CG  . MSE A 1 70  ? -1.245  8.198   -12.138 0.79 27.12 ? 68  MSE A CG  1 
HETATM 483  SE SE  . MSE A 1 70  ? -0.438  7.544   -13.764 0.79 40.51 ? 68  MSE A SE  1 
HETATM 484  C  CE  . MSE A 1 70  ? -2.044  6.730   -14.567 0.79 36.45 ? 68  MSE A CE  1 
ATOM   485  N  N   . ILE A 1 71  ? -1.934  5.387   -8.552  1.00 24.02 ? 69  ILE A N   1 
ATOM   486  C  CA  . ILE A 1 71  ? -2.683  4.506   -7.682  1.00 26.26 ? 69  ILE A CA  1 
ATOM   487  C  C   . ILE A 1 71  ? -2.963  5.183   -6.335  1.00 26.69 ? 69  ILE A C   1 
ATOM   488  O  O   . ILE A 1 71  ? -4.087  5.140   -5.846  1.00 25.48 ? 69  ILE A O   1 
ATOM   489  C  CB  . ILE A 1 71  ? -1.956  3.194   -7.442  1.00 33.18 ? 69  ILE A CB  1 
ATOM   490  C  CG1 . ILE A 1 71  ? -1.789  2.437   -8.761  1.00 31.09 ? 69  ILE A CG1 1 
ATOM   491  C  CG2 . ILE A 1 71  ? -2.738  2.352   -6.444  1.00 30.61 ? 69  ILE A CG2 1 
ATOM   492  C  CD1 . ILE A 1 71  ? -1.132  1.062   -8.603  1.00 30.41 ? 69  ILE A CD1 1 
ATOM   493  N  N   . VAL A 1 72  ? -1.956  5.812   -5.739  1.00 23.58 ? 70  VAL A N   1 
ATOM   494  C  CA  . VAL A 1 72  ? -2.169  6.500   -4.474  1.00 24.87 ? 70  VAL A CA  1 
ATOM   495  C  C   . VAL A 1 72  ? -3.269  7.544   -4.621  1.00 24.60 ? 70  VAL A C   1 
ATOM   496  O  O   . VAL A 1 72  ? -4.169  7.625   -3.789  1.00 25.26 ? 70  VAL A O   1 
ATOM   497  C  CB  . VAL A 1 72  ? -0.887  7.195   -3.948  1.00 20.81 ? 70  VAL A CB  1 
ATOM   498  C  CG1 . VAL A 1 72  ? -1.220  8.116   -2.779  1.00 18.15 ? 70  VAL A CG1 1 
ATOM   499  C  CG2 . VAL A 1 72  ? 0.152   6.167   -3.538  1.00 19.09 ? 70  VAL A CG2 1 
ATOM   500  N  N   . LYS A 1 73  ? -3.191  8.343   -5.680  1.00 26.19 ? 71  LYS A N   1 
ATOM   501  C  CA  . LYS A 1 73  ? -4.113  9.466   -5.869  1.00 30.80 ? 71  LYS A CA  1 
ATOM   502  C  C   . LYS A 1 73  ? -5.497  9.024   -6.351  1.00 23.96 ? 71  LYS A C   1 
ATOM   503  O  O   . LYS A 1 73  ? -6.505  9.601   -5.947  1.00 23.47 ? 71  LYS A O   1 
ATOM   504  C  CB  . LYS A 1 73  ? -3.523  10.489  -6.853  1.00 26.28 ? 71  LYS A CB  1 
ATOM   505  C  CG  . LYS A 1 73  ? -2.223  11.150  -6.371  1.00 26.57 ? 71  LYS A CG  1 
ATOM   506  C  CD  . LYS A 1 73  ? -2.460  12.167  -5.264  1.00 26.60 ? 71  LYS A CD  1 
ATOM   507  C  CE  . LYS A 1 73  ? -1.164  12.859  -4.863  1.00 33.91 ? 71  LYS A CE  1 
ATOM   508  N  NZ  . LYS A 1 73  ? -1.384  14.259  -4.384  1.00 37.53 ? 71  LYS A NZ  1 
ATOM   509  N  N   . ARG A 1 74  ? -5.542  7.995   -7.191  1.00 21.07 ? 72  ARG A N   1 
ATOM   510  C  CA  . ARG A 1 74  ? -6.797  7.563   -7.812  1.00 26.22 ? 72  ARG A CA  1 
ATOM   511  C  C   . ARG A 1 74  ? -7.586  6.561   -6.977  1.00 25.57 ? 72  ARG A C   1 
ATOM   512  O  O   . ARG A 1 74  ? -8.789  6.400   -7.183  1.00 25.91 ? 72  ARG A O   1 
ATOM   513  C  CB  . ARG A 1 74  ? -6.545  6.965   -9.191  1.00 23.88 ? 72  ARG A CB  1 
ATOM   514  C  CG  . ARG A 1 74  ? -6.099  7.981   -10.220 1.00 27.14 ? 72  ARG A CG  1 
ATOM   515  C  CD  . ARG A 1 74  ? -5.756  7.311   -11.527 1.00 30.62 ? 72  ARG A CD  1 
ATOM   516  N  NE  . ARG A 1 74  ? -6.944  6.768   -12.180 1.00 31.13 ? 72  ARG A NE  1 
ATOM   517  C  CZ  . ARG A 1 74  ? -6.947  5.675   -12.934 1.00 32.22 ? 72  ARG A CZ  1 
ATOM   518  N  NH1 . ARG A 1 74  ? -5.830  4.989   -13.123 1.00 37.89 ? 72  ARG A NH1 1 
ATOM   519  N  NH2 . ARG A 1 74  ? -8.068  5.264   -13.501 1.00 41.67 ? 72  ARG A NH2 1 
ATOM   520  N  N   . VAL A 1 75  ? -6.911  5.893   -6.045  1.00 22.25 ? 73  VAL A N   1 
ATOM   521  C  CA  . VAL A 1 75  ? -7.577  5.019   -5.088  1.00 26.62 ? 73  VAL A CA  1 
ATOM   522  C  C   . VAL A 1 75  ? -7.726  5.771   -3.766  1.00 25.34 ? 73  VAL A C   1 
ATOM   523  O  O   . VAL A 1 75  ? -8.260  5.252   -2.788  1.00 24.76 ? 73  VAL A O   1 
ATOM   524  C  CB  . VAL A 1 75  ? -6.783  3.723   -4.868  1.00 26.80 ? 73  VAL A CB  1 
ATOM   525  C  CG1 . VAL A 1 75  ? -7.541  2.773   -3.957  1.00 28.12 ? 73  VAL A CG1 1 
ATOM   526  C  CG2 . VAL A 1 75  ? -6.494  3.050   -6.191  1.00 22.12 ? 73  VAL A CG2 1 
ATOM   527  N  N   . ARG A 1 76  ? -7.250  7.006   -3.752  1.00 24.17 ? 74  ARG A N   1 
ATOM   528  C  CA  . ARG A 1 76  ? -7.415  7.890   -2.603  1.00 29.72 ? 74  ARG A CA  1 
ATOM   529  C  C   . ARG A 1 76  ? -6.778  7.335   -1.322  1.00 27.37 ? 74  ARG A C   1 
ATOM   530  O  O   . ARG A 1 76  ? -7.176  7.683   -0.218  1.00 26.15 ? 74  ARG A O   1 
ATOM   531  C  CB  . ARG A 1 76  ? -8.897  8.187   -2.390  1.00 26.46 ? 74  ARG A CB  1 
ATOM   532  C  CG  . ARG A 1 76  ? -9.581  8.723   -3.631  1.00 26.00 ? 74  ARG A CG  1 
ATOM   533  C  CD  . ARG A 1 76  ? -11.043 9.054   -3.395  1.00 26.19 ? 74  ARG A CD  1 
ATOM   534  N  NE  . ARG A 1 76  ? -11.202 10.250  -2.569  1.00 29.53 ? 74  ARG A NE  1 
ATOM   535  C  CZ  . ARG A 1 76  ? -11.469 10.241  -1.262  1.00 36.48 ? 74  ARG A CZ  1 
ATOM   536  N  NH1 . ARG A 1 76  ? -11.617 9.097   -0.604  1.00 29.86 ? 74  ARG A NH1 1 
ATOM   537  N  NH2 . ARG A 1 76  ? -11.597 11.387  -0.604  1.00 35.62 ? 74  ARG A NH2 1 
ATOM   538  N  N   . LEU A 1 77  ? -5.765  6.492   -1.481  1.00 24.33 ? 75  LEU A N   1 
ATOM   539  C  CA  . LEU A 1 77  ? -5.056  5.917   -0.350  1.00 23.42 ? 75  LEU A CA  1 
ATOM   540  C  C   . LEU A 1 77  ? -4.593  6.975   0.630   1.00 25.73 ? 75  LEU A C   1 
ATOM   541  O  O   . LEU A 1 77  ? -4.588  6.745   1.832   1.00 24.08 ? 75  LEU A O   1 
ATOM   542  C  CB  . LEU A 1 77  ? -3.834  5.146   -0.833  1.00 22.14 ? 75  LEU A CB  1 
ATOM   543  C  CG  . LEU A 1 77  ? -4.139  3.931   -1.691  1.00 21.31 ? 75  LEU A CG  1 
ATOM   544  C  CD1 . LEU A 1 77  ? -2.856  3.183   -1.966  1.00 25.91 ? 75  LEU A CD1 1 
ATOM   545  C  CD2 . LEU A 1 77  ? -5.154  3.032   -0.981  1.00 29.61 ? 75  LEU A CD2 1 
ATOM   546  N  N   . ASP A 1 78  ? -4.161  8.114   0.105   1.00 24.74 ? 76  ASP A N   1 
ATOM   547  C  CA  . ASP A 1 78  ? -3.724  9.232   0.932   1.00 28.07 ? 76  ASP A CA  1 
ATOM   548  C  C   . ASP A 1 78  ? -4.831  9.746   1.847   1.00 31.35 ? 76  ASP A C   1 
ATOM   549  O  O   . ASP A 1 78  ? -4.592  10.010  3.022   1.00 27.32 ? 76  ASP A O   1 
ATOM   550  C  CB  . ASP A 1 78  ? -3.207  10.374  0.051   1.00 35.11 ? 76  ASP A CB  1 
ATOM   551  C  CG  . ASP A 1 78  ? -4.186  10.763  -1.054  1.00 41.67 ? 76  ASP A CG  1 
ATOM   552  O  OD1 . ASP A 1 78  ? -4.449  11.975  -1.199  1.00 44.90 ? 76  ASP A OD1 1 
ATOM   553  O  OD2 . ASP A 1 78  ? -4.681  9.877   -1.792  1.00 43.96 ? 76  ASP A OD2 1 
ATOM   554  N  N   . HIS A 1 79  ? -6.037  9.893   1.303   1.00 32.22 ? 77  HIS A N   1 
ATOM   555  C  CA  . HIS A 1 79  ? -7.172  10.419  2.055   1.00 28.25 ? 77  HIS A CA  1 
ATOM   556  C  C   . HIS A 1 79  ? -7.690  9.381   3.011   1.00 25.71 ? 77  HIS A C   1 
ATOM   557  O  O   . HIS A 1 79  ? -8.172  9.708   4.092   1.00 25.82 ? 77  HIS A O   1 
ATOM   558  C  CB  . HIS A 1 79  ? -8.302  10.834  1.112   1.00 28.46 ? 77  HIS A CB  1 
ATOM   559  C  CG  . HIS A 1 79  ? -7.962  12.014  0.253   1.00 45.33 ? 77  HIS A CG  1 
ATOM   560  N  ND1 . HIS A 1 79  ? -7.229  11.905  -0.911  1.00 40.56 ? 77  HIS A ND1 1 
ATOM   561  C  CD2 . HIS A 1 79  ? -8.245  13.330  0.398   1.00 51.15 ? 77  HIS A CD2 1 
ATOM   562  C  CE1 . HIS A 1 79  ? -7.084  13.103  -1.449  1.00 48.74 ? 77  HIS A CE1 1 
ATOM   563  N  NE2 . HIS A 1 79  ? -7.688  13.985  -0.674  1.00 48.00 ? 77  HIS A NE2 1 
ATOM   564  N  N   . LEU A 1 80  ? -7.598  8.124   2.589   1.00 23.81 ? 78  LEU A N   1 
ATOM   565  C  CA  . LEU A 1 80  ? -8.040  6.997   3.388   1.00 25.47 ? 78  LEU A CA  1 
ATOM   566  C  C   . LEU A 1 80  ? -7.136  6.827   4.593   1.00 23.28 ? 78  LEU A C   1 
ATOM   567  O  O   . LEU A 1 80  ? -7.607  6.624   5.701   1.00 26.52 ? 78  LEU A O   1 
ATOM   568  C  CB  . LEU A 1 80  ? -8.022  5.726   2.551   1.00 20.28 ? 78  LEU A CB  1 
ATOM   569  C  CG  . LEU A 1 80  ? -9.071  5.696   1.448   1.00 23.58 ? 78  LEU A CG  1 
ATOM   570  C  CD1 . LEU A 1 80  ? -8.861  4.477   0.561   1.00 24.12 ? 78  LEU A CD1 1 
ATOM   571  C  CD2 . LEU A 1 80  ? -10.468 5.714   2.048   1.00 19.15 ? 78  LEU A CD2 1 
ATOM   572  N  N   . ALA A 1 81  ? -5.834  6.915   4.346   1.00 22.51 ? 79  ALA A N   1 
ATOM   573  C  CA  . ALA A 1 81  ? -4.813  6.879   5.383   1.00 21.30 ? 79  ALA A CA  1 
ATOM   574  C  C   . ALA A 1 81  ? -5.066  7.960   6.418   1.00 25.46 ? 79  ALA A C   1 
ATOM   575  O  O   . ALA A 1 81  ? -5.035  7.694   7.619   1.00 26.57 ? 79  ALA A O   1 
ATOM   576  C  CB  . ALA A 1 81  ? -3.436  7.073   4.764   1.00 24.87 ? 79  ALA A CB  1 
ATOM   577  N  N   . ALA A 1 82  ? -5.316  9.178   5.947   1.00 21.37 ? 80  ALA A N   1 
ATOM   578  C  CA  . ALA A 1 82  ? -5.569  10.303  6.833   1.00 22.36 ? 80  ALA A CA  1 
ATOM   579  C  C   . ALA A 1 82  ? -6.849  10.073  7.614   1.00 22.46 ? 80  ALA A C   1 
ATOM   580  O  O   . ALA A 1 82  ? -6.949  10.425  8.785   1.00 30.14 ? 80  ALA A O   1 
ATOM   581  C  CB  . ALA A 1 82  ? -5.656  11.593  6.044   1.00 16.13 ? 80  ALA A CB  1 
ATOM   582  N  N   . GLU A 1 83  ? -7.825  9.453   6.976   1.00 20.69 ? 81  GLU A N   1 
ATOM   583  C  CA  . GLU A 1 83  ? -9.111  9.259   7.621   1.00 26.89 ? 81  GLU A CA  1 
ATOM   584  C  C   . GLU A 1 83  ? -8.985  8.267   8.766   1.00 28.04 ? 81  GLU A C   1 
ATOM   585  O  O   . GLU A 1 83  ? -9.509  8.504   9.858   1.00 30.18 ? 81  GLU A O   1 
ATOM   586  C  CB  . GLU A 1 83  ? -10.136 8.770   6.610   1.00 28.33 ? 81  GLU A CB  1 
ATOM   587  C  CG  . GLU A 1 83  ? -11.564 8.957   7.062   1.00 30.62 ? 81  GLU A CG  1 
ATOM   588  C  CD  . GLU A 1 83  ? -12.555 8.729   5.937   1.00 44.65 ? 81  GLU A CD  1 
ATOM   589  O  OE1 . GLU A 1 83  ? -12.113 8.608   4.766   1.00 38.71 ? 81  GLU A OE1 1 
ATOM   590  O  OE2 . GLU A 1 83  ? -13.773 8.671   6.223   1.00 45.88 ? 81  GLU A OE2 1 
ATOM   591  N  N   . LEU A 1 84  ? -8.285  7.163   8.515   1.00 22.60 ? 82  LEU A N   1 
ATOM   592  C  CA  . LEU A 1 84  ? -8.054  6.147   9.541   1.00 26.04 ? 82  LEU A CA  1 
ATOM   593  C  C   . LEU A 1 84  ? -7.276  6.714   10.729  1.00 23.92 ? 82  LEU A C   1 
ATOM   594  O  O   . LEU A 1 84  ? -7.546  6.360   11.863  1.00 27.53 ? 82  LEU A O   1 
ATOM   595  C  CB  . LEU A 1 84  ? -7.296  4.951   8.962   1.00 20.78 ? 82  LEU A CB  1 
ATOM   596  C  CG  . LEU A 1 84  ? -8.109  4.013   8.069   1.00 23.39 ? 82  LEU A CG  1 
ATOM   597  C  CD1 . LEU A 1 84  ? -7.188  3.072   7.306   1.00 19.30 ? 82  LEU A CD1 1 
ATOM   598  C  CD2 . LEU A 1 84  ? -9.151  3.229   8.880   1.00 20.77 ? 82  LEU A CD2 1 
ATOM   599  N  N   . THR A 1 85  ? -6.325  7.604   10.463  1.00 24.30 ? 83  THR A N   1 
ATOM   600  C  CA  . THR A 1 85  ? -5.430  8.102   11.501  1.00 25.03 ? 83  THR A CA  1 
ATOM   601  C  C   . THR A 1 85  ? -5.868  9.456   12.060  1.00 28.11 ? 83  THR A C   1 
ATOM   602  O  O   . THR A 1 85  ? -5.149  10.062  12.846  1.00 22.10 ? 83  THR A O   1 
ATOM   603  C  CB  . THR A 1 85  ? -3.962  8.207   10.989  1.00 20.84 ? 83  THR A CB  1 
ATOM   604  O  OG1 . THR A 1 85  ? -3.866  9.189   9.951   1.00 28.55 ? 83  THR A OG1 1 
ATOM   605  C  CG2 . THR A 1 85  ? -3.475  6.878   10.453  1.00 17.61 ? 83  THR A CG2 1 
ATOM   606  N  N   . HIS A 1 86  ? -7.047  9.920   11.661  1.00 29.41 ? 84  HIS A N   1 
ATOM   607  C  CA  . HIS A 1 86  ? -7.545  11.224  12.097  1.00 29.64 ? 84  HIS A CA  1 
ATOM   608  C  C   . HIS A 1 86  ? -6.524  12.328  11.882  1.00 30.54 ? 84  HIS A C   1 
ATOM   609  O  O   . HIS A 1 86  ? -6.258  13.116  12.783  1.00 32.90 ? 84  HIS A O   1 
ATOM   610  C  CB  . HIS A 1 86  ? -7.943  11.191  13.570  1.00 31.28 ? 84  HIS A CB  1 
ATOM   611  C  CG  . HIS A 1 86  ? -9.122  10.314  13.855  1.00 42.33 ? 84  HIS A CG  1 
ATOM   612  N  ND1 . HIS A 1 86  ? -9.776  9.604   12.871  1.00 45.86 ? 84  HIS A ND1 1 
ATOM   613  C  CD2 . HIS A 1 86  ? -9.765  10.033  15.014  1.00 50.31 ? 84  HIS A CD2 1 
ATOM   614  C  CE1 . HIS A 1 86  ? -10.773 8.921   13.412  1.00 47.43 ? 84  HIS A CE1 1 
ATOM   615  N  NE2 . HIS A 1 86  ? -10.787 9.163   14.712  1.00 43.72 ? 84  HIS A NE2 1 
ATOM   616  N  N   . ARG A 1 87  ? -5.948  12.375  10.688  1.00 32.02 ? 85  ARG A N   1 
ATOM   617  C  CA  . ARG A 1 87  ? -5.078  13.475  10.292  1.00 31.53 ? 85  ARG A CA  1 
ATOM   618  C  C   . ARG A 1 87  ? -5.766  14.293  9.210   1.00 33.97 ? 85  ARG A C   1 
ATOM   619  O  O   . ARG A 1 87  ? -6.588  13.776  8.456   1.00 31.83 ? 85  ARG A O   1 
ATOM   620  C  CB  . ARG A 1 87  ? -3.754  12.945  9.755   1.00 30.81 ? 85  ARG A CB  1 
ATOM   621  C  CG  . ARG A 1 87  ? -2.990  12.104  10.749  1.00 36.78 ? 85  ARG A CG  1 
ATOM   622  C  CD  . ARG A 1 87  ? -2.363  12.955  11.829  1.00 38.70 ? 85  ARG A CD  1 
ATOM   623  N  NE  . ARG A 1 87  ? -1.682  12.123  12.817  1.00 47.53 ? 85  ARG A NE  1 
ATOM   624  C  CZ  . ARG A 1 87  ? -0.485  12.389  13.340  1.00 59.82 ? 85  ARG A CZ  1 
ATOM   625  N  NH1 . ARG A 1 87  ? 0.188   13.475  12.974  1.00 58.62 ? 85  ARG A NH1 1 
ATOM   626  N  NH2 . ARG A 1 87  ? 0.047   11.560  14.234  1.00 60.67 ? 85  ARG A NH2 1 
ATOM   627  N  N   . SER A 1 88  ? -5.424  15.571  9.134   1.00 36.98 ? 86  SER A N   1 
ATOM   628  C  CA  . SER A 1 88  ? -6.010  16.455  8.144   1.00 36.01 ? 86  SER A CA  1 
ATOM   629  C  C   . SER A 1 88  ? -5.556  16.009  6.771   1.00 29.29 ? 86  SER A C   1 
ATOM   630  O  O   . SER A 1 88  ? -6.362  15.817  5.869   1.00 32.33 ? 86  SER A O   1 
ATOM   631  C  CB  . SER A 1 88  ? -5.555  17.885  8.392   1.00 37.60 ? 86  SER A CB  1 
ATOM   632  O  OG  . SER A 1 88  ? -5.248  18.070  9.763   1.00 51.15 ? 86  SER A OG  1 
ATOM   633  N  N   . ARG A 1 89  ? -4.254  15.825  6.631   1.00 24.21 ? 87  ARG A N   1 
ATOM   634  C  CA  . ARG A 1 89  ? -3.676  15.479  5.358   1.00 30.15 ? 87  ARG A CA  1 
ATOM   635  C  C   . ARG A 1 89  ? -2.439  14.642  5.600   1.00 28.83 ? 87  ARG A C   1 
ATOM   636  O  O   . ARG A 1 89  ? -1.648  14.947  6.481   1.00 35.01 ? 87  ARG A O   1 
ATOM   637  C  CB  . ARG A 1 89  ? -3.298  16.762  4.603   1.00 40.79 ? 87  ARG A CB  1 
ATOM   638  C  CG  . ARG A 1 89  ? -2.905  16.578  3.125   1.00 38.38 ? 87  ARG A CG  1 
ATOM   639  C  CD  . ARG A 1 89  ? -1.537  17.210  2.776   1.00 51.35 ? 87  ARG A CD  1 
ATOM   640  N  NE  . ARG A 1 89  ? -1.048  18.134  3.807   1.00 59.67 ? 87  ARG A NE  1 
ATOM   641  C  CZ  . ARG A 1 89  ? 0.079   17.976  4.505   1.00 57.13 ? 87  ARG A CZ  1 
ATOM   642  N  NH1 . ARG A 1 89  ? 0.875   16.936  4.283   1.00 47.36 ? 87  ARG A NH1 1 
ATOM   643  N  NH2 . ARG A 1 89  ? 0.417   18.870  5.429   1.00 54.42 ? 87  ARG A NH2 1 
ATOM   644  N  N   . VAL A 1 90  ? -2.282  13.577  4.830   1.00 28.53 ? 88  VAL A N   1 
ATOM   645  C  CA  . VAL A 1 90  ? -1.004  12.899  4.723   1.00 24.06 ? 88  VAL A CA  1 
ATOM   646  C  C   . VAL A 1 90  ? -0.609  12.898  3.263   1.00 30.61 ? 88  VAL A C   1 
ATOM   647  O  O   . VAL A 1 90  ? -1.452  13.099  2.384   1.00 28.21 ? 88  VAL A O   1 
ATOM   648  C  CB  . VAL A 1 90  ? -1.055  11.429  5.187   1.00 27.50 ? 88  VAL A CB  1 
ATOM   649  C  CG1 . VAL A 1 90  ? -1.510  11.311  6.656   1.00 21.13 ? 88  VAL A CG1 1 
ATOM   650  C  CG2 . VAL A 1 90  ? -1.926  10.615  4.244   1.00 23.83 ? 88  VAL A CG2 1 
ATOM   651  N  N   . ALA A 1 91  ? 0.670   12.643  3.005   1.00 28.17 ? 89  ALA A N   1 
ATOM   652  C  CA  . ALA A 1 91  ? 1.190   12.578  1.647   1.00 22.15 ? 89  ALA A CA  1 
ATOM   653  C  C   . ALA A 1 91  ? 2.203   11.450  1.561   1.00 20.55 ? 89  ALA A C   1 
ATOM   654  O  O   . ALA A 1 91  ? 2.830   11.099  2.552   1.00 22.48 ? 89  ALA A O   1 
ATOM   655  C  CB  . ALA A 1 91  ? 1.848   13.905  1.276   1.00 19.68 ? 89  ALA A CB  1 
ATOM   656  N  N   . LEU A 1 92  ? 2.371   10.893  0.371   1.00 23.67 ? 90  LEU A N   1 
ATOM   657  C  CA  . LEU A 1 92  ? 3.370   9.863   0.149   1.00 20.22 ? 90  LEU A CA  1 
ATOM   658  C  C   . LEU A 1 92  ? 4.767   10.474  0.225   1.00 25.73 ? 90  LEU A C   1 
ATOM   659  O  O   . LEU A 1 92  ? 5.046   11.451  -0.463  1.00 23.33 ? 90  LEU A O   1 
ATOM   660  C  CB  . LEU A 1 92  ? 3.153   9.233   -1.222  1.00 16.80 ? 90  LEU A CB  1 
ATOM   661  C  CG  . LEU A 1 92  ? 4.093   8.086   -1.595  1.00 24.66 ? 90  LEU A CG  1 
ATOM   662  C  CD1 . LEU A 1 92  ? 3.905   6.888   -0.652  1.00 17.33 ? 90  LEU A CD1 1 
ATOM   663  C  CD2 . LEU A 1 92  ? 3.878   7.680   -3.058  1.00 19.93 ? 90  LEU A CD2 1 
ATOM   664  N  N   . VAL A 1 93  ? 5.640   9.912   1.060   1.00 21.65 ? 91  VAL A N   1 
ATOM   665  C  CA  . VAL A 1 93  ? 6.999   10.434  1.204   1.00 19.56 ? 91  VAL A CA  1 
ATOM   666  C  C   . VAL A 1 93  ? 8.069   9.419   0.840   1.00 20.40 ? 91  VAL A C   1 
ATOM   667  O  O   . VAL A 1 93  ? 9.205   9.785   0.580   1.00 25.27 ? 91  VAL A O   1 
ATOM   668  C  CB  . VAL A 1 93  ? 7.286   10.940  2.646   1.00 24.35 ? 91  VAL A CB  1 
ATOM   669  C  CG1 . VAL A 1 93  ? 6.340   12.082  3.009   1.00 20.69 ? 91  VAL A CG1 1 
ATOM   670  C  CG2 . VAL A 1 93  ? 7.202   9.789   3.676   1.00 21.11 ? 91  VAL A CG2 1 
ATOM   671  N  N   . ARG A 1 94  ? 7.718   8.143   0.838   1.00 23.64 ? 92  ARG A N   1 
ATOM   672  C  CA  . ARG A 1 94  ? 8.690   7.094   0.557   1.00 26.32 ? 92  ARG A CA  1 
ATOM   673  C  C   . ARG A 1 94  ? 7.945   5.867   0.106   1.00 21.54 ? 92  ARG A C   1 
ATOM   674  O  O   . ARG A 1 94  ? 6.750   5.751   0.357   1.00 19.01 ? 92  ARG A O   1 
ATOM   675  C  CB  . ARG A 1 94  ? 9.509   6.742   1.806   1.00 23.86 ? 92  ARG A CB  1 
ATOM   676  C  CG  . ARG A 1 94  ? 10.468  7.826   2.256   1.00 31.27 ? 92  ARG A CG  1 
ATOM   677  C  CD  . ARG A 1 94  ? 11.252  7.406   3.499   1.00 25.14 ? 92  ARG A CD  1 
ATOM   678  N  NE  . ARG A 1 94  ? 10.395  7.260   4.673   1.00 23.41 ? 92  ARG A NE  1 
ATOM   679  C  CZ  . ARG A 1 94  ? 9.985   8.264   5.448   1.00 25.92 ? 92  ARG A CZ  1 
ATOM   680  N  NH1 . ARG A 1 94  ? 10.327  9.518   5.183   1.00 21.71 ? 92  ARG A NH1 1 
ATOM   681  N  NH2 . ARG A 1 94  ? 9.213   8.015   6.497   1.00 26.38 ? 92  ARG A NH2 1 
ATOM   682  N  N   . ASP A 1 95  ? 8.649   4.951   -0.554  1.00 25.08 ? 93  ASP A N   1 
ATOM   683  C  CA  . ASP A 1 95  ? 8.083   3.645   -0.881  1.00 30.59 ? 93  ASP A CA  1 
ATOM   684  C  C   . ASP A 1 95  ? 9.175   2.599   -1.075  1.00 29.36 ? 93  ASP A C   1 
ATOM   685  O  O   . ASP A 1 95  ? 10.362  2.919   -1.130  1.00 26.66 ? 93  ASP A O   1 
ATOM   686  C  CB  . ASP A 1 95  ? 7.197   3.725   -2.129  1.00 26.06 ? 93  ASP A CB  1 
ATOM   687  C  CG  . ASP A 1 95  ? 8.001   3.854   -3.414  1.00 39.42 ? 93  ASP A CG  1 
ATOM   688  O  OD1 . ASP A 1 95  ? 9.129   3.311   -3.476  1.00 38.34 ? 93  ASP A OD1 1 
ATOM   689  O  OD2 . ASP A 1 95  ? 7.494   4.492   -4.370  1.00 37.23 ? 93  ASP A OD2 1 
ATOM   690  N  N   . LEU A 1 96  ? 8.768   1.343   -1.170  1.00 31.62 ? 94  LEU A N   1 
ATOM   691  C  CA  . LEU A 1 96  ? 9.706   0.264   -1.426  1.00 32.92 ? 94  LEU A CA  1 
ATOM   692  C  C   . LEU A 1 96  ? 8.988   -0.839  -2.172  1.00 33.56 ? 94  LEU A C   1 
ATOM   693  O  O   . LEU A 1 96  ? 7.923   -1.281  -1.772  1.00 27.04 ? 94  LEU A O   1 
ATOM   694  C  CB  . LEU A 1 96  ? 10.288  -0.288  -0.122  1.00 28.36 ? 94  LEU A CB  1 
ATOM   695  C  CG  . LEU A 1 96  ? 11.497  -1.227  -0.250  1.00 37.88 ? 94  LEU A CG  1 
ATOM   696  C  CD1 . LEU A 1 96  ? 12.727  -0.515  -0.792  1.00 39.48 ? 94  LEU A CD1 1 
ATOM   697  C  CD2 . LEU A 1 96  ? 11.825  -1.843  1.092   1.00 34.22 ? 94  LEU A CD2 1 
ATOM   698  N  N   . TRP A 1 97  ? 9.573   -1.262  -3.278  1.00 31.45 ? 95  TRP A N   1 
ATOM   699  C  CA  . TRP A 1 97  ? 9.114   -2.441  -3.948  1.00 26.83 ? 95  TRP A CA  1 
ATOM   700  C  C   . TRP A 1 97  ? 9.769   -3.660  -3.309  1.00 33.14 ? 95  TRP A C   1 
ATOM   701  O  O   . TRP A 1 97  ? 10.972  -3.854  -3.455  1.00 42.59 ? 95  TRP A O   1 
ATOM   702  C  CB  . TRP A 1 97  ? 9.500   -2.353  -5.404  1.00 33.03 ? 95  TRP A CB  1 
ATOM   703  C  CG  . TRP A 1 97  ? 8.940   -3.450  -6.175  1.00 32.08 ? 95  TRP A CG  1 
ATOM   704  C  CD1 . TRP A 1 97  ? 7.753   -4.075  -5.958  1.00 32.11 ? 95  TRP A CD1 1 
ATOM   705  C  CD2 . TRP A 1 97  ? 9.544   -4.096  -7.282  1.00 31.43 ? 95  TRP A CD2 1 
ATOM   706  N  NE1 . TRP A 1 97  ? 7.571   -5.071  -6.874  1.00 32.47 ? 95  TRP A NE1 1 
ATOM   707  C  CE2 . TRP A 1 97  ? 8.660   -5.107  -7.703  1.00 33.30 ? 95  TRP A CE2 1 
ATOM   708  C  CE3 . TRP A 1 97  ? 10.746  -3.915  -7.971  1.00 31.64 ? 95  TRP A CE3 1 
ATOM   709  C  CZ2 . TRP A 1 97  ? 8.936   -5.933  -8.782  1.00 37.73 ? 95  TRP A CZ2 1 
ATOM   710  C  CZ3 . TRP A 1 97  ? 11.024  -4.737  -9.035  1.00 36.55 ? 95  TRP A CZ3 1 
ATOM   711  C  CH2 . TRP A 1 97  ? 10.121  -5.736  -9.435  1.00 42.84 ? 95  TRP A CH2 1 
ATOM   712  N  N   . VAL A 1 98  ? 8.991   -4.469  -2.590  1.00 33.61 ? 96  VAL A N   1 
ATOM   713  C  CA  . VAL A 1 98  ? 9.532   -5.663  -1.928  1.00 30.21 ? 96  VAL A CA  1 
ATOM   714  C  C   . VAL A 1 98  ? 9.065   -6.966  -2.577  1.00 35.87 ? 96  VAL A C   1 
ATOM   715  O  O   . VAL A 1 98  ? 7.977   -7.039  -3.146  1.00 30.88 ? 96  VAL A O   1 
ATOM   716  C  CB  . VAL A 1 98  ? 9.168   -5.708  -0.423  1.00 26.54 ? 96  VAL A CB  1 
ATOM   717  C  CG1 . VAL A 1 98  ? 9.648   -4.451  0.281   1.00 29.87 ? 96  VAL A CG1 1 
ATOM   718  C  CG2 . VAL A 1 98  ? 7.678   -5.892  -0.228  1.00 28.30 ? 96  VAL A CG2 1 
ATOM   719  N  N   . GLN A 1 99  ? 9.905   -7.994  -2.475  1.00 40.10 ? 97  GLN A N   1 
ATOM   720  C  CA  . GLN A 1 99  ? 9.590   -9.322  -2.993  1.00 38.97 ? 97  GLN A CA  1 
ATOM   721  C  C   . GLN A 1 99  ? 9.122   -10.239 -1.866  1.00 38.49 ? 97  GLN A C   1 
ATOM   722  O  O   . GLN A 1 99  ? 8.421   -11.219 -2.112  1.00 49.84 ? 97  GLN A O   1 
ATOM   723  C  CB  . GLN A 1 99  ? 10.812  -9.941  -3.684  1.00 39.71 ? 97  GLN A CB  1 
ATOM   724  C  CG  . GLN A 1 99  ? 11.158  -9.350  -5.047  1.00 44.32 ? 97  GLN A CG  1 
ATOM   725  C  CD  . GLN A 1 99  ? 11.443  -7.850  -4.998  1.00 53.44 ? 97  GLN A CD  1 
ATOM   726  O  OE1 . GLN A 1 99  ? 11.846  -7.319  -3.965  1.00 57.16 ? 97  GLN A OE1 1 
ATOM   727  N  NE2 . GLN A 1 99  ? 11.230  -7.163  -6.122  1.00 46.24 ? 97  GLN A NE2 1 
ATOM   728  N  N   . LYS A 1 100 ? 9.517   -9.926  -0.634  1.00 42.34 ? 98  LYS A N   1 
ATOM   729  C  CA  . LYS A 1 100 ? 9.108   -10.714 0.529   1.00 41.17 ? 98  LYS A CA  1 
ATOM   730  C  C   . LYS A 1 100 ? 8.933   -9.848  1.783   1.00 36.23 ? 98  LYS A C   1 
ATOM   731  O  O   . LYS A 1 100 ? 9.553   -8.803  1.918   1.00 38.77 ? 98  LYS A O   1 
ATOM   732  C  CB  . LYS A 1 100 ? 10.117  -11.834 0.791   1.00 38.65 ? 98  LYS A CB  1 
ATOM   733  C  CG  . LYS A 1 100 ? 11.533  -11.353 1.015   1.00 38.47 ? 98  LYS A CG  1 
ATOM   734  N  N   . GLN A 1 101 ? 8.085   -10.303 2.695   1.00 40.54 ? 99  GLN A N   1 
ATOM   735  C  CA  . GLN A 1 101 ? 7.692   -9.527  3.872   1.00 40.26 ? 99  GLN A CA  1 
ATOM   736  C  C   . GLN A 1 101 ? 8.833   -9.050  4.785   1.00 40.40 ? 99  GLN A C   1 
ATOM   737  O  O   . GLN A 1 101 ? 8.679   -8.052  5.495   1.00 38.37 ? 99  GLN A O   1 
ATOM   738  C  CB  . GLN A 1 101 ? 6.694   -10.335 4.712   1.00 39.93 ? 99  GLN A CB  1 
ATOM   739  C  CG  . GLN A 1 101 ? 6.730   -9.987  6.192   1.00 51.27 ? 99  GLN A CG  1 
ATOM   740  C  CD  . GLN A 1 101 ? 5.586   -10.604 6.976   1.00 55.89 ? 99  GLN A CD  1 
ATOM   741  O  OE1 . GLN A 1 101 ? 4.701   -11.249 6.407   1.00 52.27 ? 99  GLN A OE1 1 
ATOM   742  N  NE2 . GLN A 1 101 ? 5.593   -10.395 8.293   1.00 44.84 ? 99  GLN A NE2 1 
ATOM   743  N  N   . GLU A 1 102 ? 9.961   -9.753  4.796   1.00 38.00 ? 100 GLU A N   1 
ATOM   744  C  CA  . GLU A 1 102 ? 11.043  -9.403  5.717   1.00 36.07 ? 100 GLU A CA  1 
ATOM   745  C  C   . GLU A 1 102 ? 11.740  -8.112  5.283   1.00 35.29 ? 100 GLU A C   1 
ATOM   746  O  O   . GLU A 1 102 ? 12.527  -7.528  6.030   1.00 29.79 ? 100 GLU A O   1 
ATOM   747  C  CB  . GLU A 1 102 ? 12.053  -10.551 5.827   1.00 32.01 ? 100 GLU A CB  1 
ATOM   748  N  N   . GLU A 1 103 ? 11.434  -7.663  4.073   1.00 35.73 ? 101 GLU A N   1 
ATOM   749  C  CA  . GLU A 1 103 ? 12.029  -6.443  3.548   1.00 32.66 ? 101 GLU A CA  1 
ATOM   750  C  C   . GLU A 1 103 ? 11.278  -5.199  4.008   1.00 32.17 ? 101 GLU A C   1 
ATOM   751  O  O   . GLU A 1 103 ? 11.667  -4.083  3.682   1.00 31.97 ? 101 GLU A O   1 
ATOM   752  C  CB  . GLU A 1 103 ? 12.079  -6.499  2.025   1.00 31.22 ? 101 GLU A CB  1 
ATOM   753  C  CG  . GLU A 1 103 ? 12.936  -7.635  1.505   1.00 34.32 ? 101 GLU A CG  1 
ATOM   754  C  CD  . GLU A 1 103 ? 12.819  -7.825  0.008   1.00 44.95 ? 101 GLU A CD  1 
ATOM   755  O  OE1 . GLU A 1 103 ? 11.876  -7.278  -0.600  1.00 42.80 ? 101 GLU A OE1 1 
ATOM   756  O  OE2 . GLU A 1 103 ? 13.679  -8.525  -0.564  1.00 51.69 ? 101 GLU A OE2 1 
ATOM   757  N  N   . ILE A 1 104 ? 10.209  -5.387  4.775   1.00 32.01 ? 102 ILE A N   1 
ATOM   758  C  CA  . ILE A 1 104 ? 9.461   -4.253  5.296   1.00 27.76 ? 102 ILE A CA  1 
ATOM   759  C  C   . ILE A 1 104 ? 9.967   -3.922  6.683   1.00 29.84 ? 102 ILE A C   1 
ATOM   760  O  O   . ILE A 1 104 ? 9.611   -4.577  7.657   1.00 31.98 ? 102 ILE A O   1 
ATOM   761  C  CB  . ILE A 1 104 ? 7.960   -4.523  5.358   1.00 27.02 ? 102 ILE A CB  1 
ATOM   762  C  CG1 . ILE A 1 104 ? 7.476   -5.114  4.029   1.00 27.69 ? 102 ILE A CG1 1 
ATOM   763  C  CG2 . ILE A 1 104 ? 7.227   -3.238  5.687   1.00 22.58 ? 102 ILE A CG2 1 
ATOM   764  C  CD1 . ILE A 1 104 ? 6.054   -5.634  4.063   1.00 22.98 ? 102 ILE A CD1 1 
ATOM   765  N  N   . LEU A 1 105 ? 10.805  -2.896  6.759   1.00 29.87 ? 103 LEU A N   1 
ATOM   766  C  CA  . LEU A 1 105 ? 11.469  -2.531  8.001   1.00 29.74 ? 103 LEU A CA  1 
ATOM   767  C  C   . LEU A 1 105 ? 10.691  -1.427  8.691   1.00 30.57 ? 103 LEU A C   1 
ATOM   768  O  O   . LEU A 1 105 ? 9.808   -0.823  8.093   1.00 32.03 ? 103 LEU A O   1 
ATOM   769  C  CB  . LEU A 1 105 ? 12.898  -2.087  7.699   1.00 24.99 ? 103 LEU A CB  1 
ATOM   770  C  CG  . LEU A 1 105 ? 13.612  -3.187  6.913   1.00 31.58 ? 103 LEU A CG  1 
ATOM   771  C  CD1 . LEU A 1 105 ? 15.028  -2.816  6.567   1.00 25.78 ? 103 LEU A CD1 1 
ATOM   772  C  CD2 . LEU A 1 105 ? 13.571  -4.495  7.710   1.00 32.67 ? 103 LEU A CD2 1 
ATOM   773  N  N   . PHE A 1 106 ? 11.000  -1.175  9.955   1.00 27.52 ? 104 PHE A N   1 
ATOM   774  C  CA  . PHE A 1 106 ? 10.264  -0.174  10.696  1.00 24.95 ? 104 PHE A CA  1 
ATOM   775  C  C   . PHE A 1 106 ? 10.317  1.171   9.992   1.00 23.09 ? 104 PHE A C   1 
ATOM   776  O  O   . PHE A 1 106 ? 11.357  1.578   9.483   1.00 31.98 ? 104 PHE A O   1 
ATOM   777  C  CB  . PHE A 1 106 ? 10.818  -0.020  12.117  1.00 26.23 ? 104 PHE A CB  1 
ATOM   778  C  CG  . PHE A 1 106 ? 10.190  1.116   12.879  1.00 24.09 ? 104 PHE A CG  1 
ATOM   779  C  CD1 . PHE A 1 106 ? 8.906   1.001   13.383  1.00 20.39 ? 104 PHE A CD1 1 
ATOM   780  C  CD2 . PHE A 1 106 ? 10.868  2.307   13.059  1.00 22.72 ? 104 PHE A CD2 1 
ATOM   781  C  CE1 . PHE A 1 106 ? 8.320   2.042   14.065  1.00 21.64 ? 104 PHE A CE1 1 
ATOM   782  C  CE2 . PHE A 1 106 ? 10.282  3.357   13.744  1.00 26.33 ? 104 PHE A CE2 1 
ATOM   783  C  CZ  . PHE A 1 106 ? 9.002   3.221   14.249  1.00 23.69 ? 104 PHE A CZ  1 
ATOM   784  N  N   . ASP A 1 107 ? 9.188   1.863   9.973   1.00 21.22 ? 105 ASP A N   1 
ATOM   785  C  CA  . ASP A 1 107 ? 9.154   3.252   9.536   1.00 24.79 ? 105 ASP A CA  1 
ATOM   786  C  C   . ASP A 1 107 ? 8.277   3.985   10.527  1.00 25.89 ? 105 ASP A C   1 
ATOM   787  O  O   . ASP A 1 107 ? 7.302   3.438   11.037  1.00 27.85 ? 105 ASP A O   1 
ATOM   788  C  CB  . ASP A 1 107 ? 8.598   3.387   8.104   1.00 26.08 ? 105 ASP A CB  1 
ATOM   789  C  CG  . ASP A 1 107 ? 8.858   4.777   7.490   1.00 32.52 ? 105 ASP A CG  1 
ATOM   790  O  OD1 . ASP A 1 107 ? 8.315   5.782   8.009   1.00 32.01 ? 105 ASP A OD1 1 
ATOM   791  O  OD2 . ASP A 1 107 ? 9.594   4.867   6.476   1.00 21.76 ? 105 ASP A OD2 1 
ATOM   792  N  N   . ASP A 1 108 ? 8.621   5.229   10.805  1.00 30.13 ? 106 ASP A N   1 
ATOM   793  C  CA  . ASP A 1 108 ? 7.919   5.988   11.824  1.00 32.88 ? 106 ASP A CA  1 
ATOM   794  C  C   . ASP A 1 108 ? 6.906   6.964   11.228  1.00 32.65 ? 106 ASP A C   1 
ATOM   795  O  O   . ASP A 1 108 ? 6.472   7.893   11.907  1.00 33.98 ? 106 ASP A O   1 
ATOM   796  C  CB  . ASP A 1 108 ? 8.934   6.762   12.665  1.00 34.93 ? 106 ASP A CB  1 
ATOM   797  C  CG  . ASP A 1 108 ? 9.605   7.882   11.882  1.00 44.27 ? 106 ASP A CG  1 
ATOM   798  O  OD1 . ASP A 1 108 ? 10.066  8.853   12.520  1.00 40.81 ? 106 ASP A OD1 1 
ATOM   799  O  OD2 . ASP A 1 108 ? 9.656   7.799   10.629  1.00 46.21 ? 106 ASP A OD2 1 
ATOM   800  N  N   . CYS A 1 109 ? 6.531   6.767   9.966   1.00 28.13 ? 107 CYS A N   1 
ATOM   801  C  CA  . CYS A 1 109 ? 5.554   7.648   9.324   1.00 30.05 ? 107 CYS A CA  1 
ATOM   802  C  C   . CYS A 1 109 ? 4.204   7.507   10.016  1.00 32.52 ? 107 CYS A C   1 
ATOM   803  O  O   . CYS A 1 109 ? 4.022   6.624   10.857  1.00 33.74 ? 107 CYS A O   1 
ATOM   804  C  CB  . CYS A 1 109 ? 5.427   7.337   7.827   1.00 30.73 ? 107 CYS A CB  1 
ATOM   805  S  SG  . CYS A 1 109 ? 5.108   5.590   7.438   1.00 35.59 ? 107 CYS A SG  1 
ATOM   806  N  N   . ASP A 1 110 ? 3.264   8.384   9.684   1.00 29.04 ? 108 ASP A N   1 
ATOM   807  C  CA  . ASP A 1 110 ? 1.929   8.307   10.267  1.00 32.34 ? 108 ASP A CA  1 
ATOM   808  C  C   . ASP A 1 110 ? 1.264   6.978   9.953   1.00 29.16 ? 108 ASP A C   1 
ATOM   809  O  O   . ASP A 1 110 ? 0.763   6.304   10.849  1.00 32.06 ? 108 ASP A O   1 
ATOM   810  C  CB  . ASP A 1 110 ? 1.050   9.438   9.746   1.00 33.80 ? 108 ASP A CB  1 
ATOM   811  C  CG  . ASP A 1 110 ? 1.418   10.769  10.338  1.00 37.59 ? 108 ASP A CG  1 
ATOM   812  O  OD1 . ASP A 1 110 ? 2.552   11.239  10.089  1.00 34.87 ? 108 ASP A OD1 1 
ATOM   813  O  OD2 . ASP A 1 110 ? 0.569   11.346  11.049  1.00 36.89 ? 108 ASP A OD2 1 
ATOM   814  N  N   . CYS A 1 111 ? 1.260   6.610   8.677   1.00 24.82 ? 109 CYS A N   1 
ATOM   815  C  CA  . CYS A 1 111 ? 0.573   5.402   8.227   1.00 27.20 ? 109 CYS A CA  1 
ATOM   816  C  C   . CYS A 1 111 ? 1.272   4.817   7.015   1.00 24.34 ? 109 CYS A C   1 
ATOM   817  O  O   . CYS A 1 111 ? 1.687   5.536   6.112   1.00 29.26 ? 109 CYS A O   1 
ATOM   818  C  CB  . CYS A 1 111 ? -0.884  5.711   7.863   1.00 25.77 ? 109 CYS A CB  1 
ATOM   819  S  SG  . CYS A 1 111 ? -1.948  4.252   7.540   1.00 25.27 ? 109 CYS A SG  1 
ATOM   820  N  N   . SER A 1 112 ? 1.413   3.503   7.008   1.00 20.18 ? 110 SER A N   1 
ATOM   821  C  CA  . SER A 1 112 ? 1.879   2.798   5.833   1.00 21.82 ? 110 SER A CA  1 
ATOM   822  C  C   . SER A 1 112 ? 0.727   2.014   5.230   1.00 24.20 ? 110 SER A C   1 
ATOM   823  O  O   . SER A 1 112 ? -0.256  1.692   5.907   1.00 24.45 ? 110 SER A O   1 
ATOM   824  C  CB  . SER A 1 112 ? 3.000   1.832   6.194   1.00 22.23 ? 110 SER A CB  1 
ATOM   825  O  OG  . SER A 1 112 ? 4.086   2.509   6.775   1.00 25.17 ? 110 SER A OG  1 
ATOM   826  N  N   . VAL A 1 113 ? 0.862   1.703   3.951   1.00 18.11 ? 111 VAL A N   1 
ATOM   827  C  CA  . VAL A 1 113 ? -0.066  0.823   3.282   1.00 18.49 ? 111 VAL A CA  1 
ATOM   828  C  C   . VAL A 1 113 ? 0.749   -0.163  2.488   1.00 24.76 ? 111 VAL A C   1 
ATOM   829  O  O   . VAL A 1 113 ? 1.533   0.236   1.641   1.00 25.36 ? 111 VAL A O   1 
ATOM   830  C  CB  . VAL A 1 113 ? -0.965  1.574   2.299   1.00 16.43 ? 111 VAL A CB  1 
ATOM   831  C  CG1 . VAL A 1 113 ? -1.925  0.610   1.647   1.00 19.35 ? 111 VAL A CG1 1 
ATOM   832  C  CG2 . VAL A 1 113 ? -1.717  2.670   3.011   1.00 18.85 ? 111 VAL A CG2 1 
ATOM   833  N  N   . LEU A 1 114 ? 0.602   -1.449  2.770   1.00 19.94 ? 112 LEU A N   1 
ATOM   834  C  CA  . LEU A 1 114 ? 1.195   -2.444  1.905   1.00 22.56 ? 112 LEU A CA  1 
ATOM   835  C  C   . LEU A 1 114 ? 0.190   -2.776  0.812   1.00 25.92 ? 112 LEU A C   1 
ATOM   836  O  O   . LEU A 1 114 ? -0.981  -2.980  1.074   1.00 22.34 ? 112 LEU A O   1 
ATOM   837  C  CB  . LEU A 1 114 ? 1.608   -3.693  2.681   1.00 21.33 ? 112 LEU A CB  1 
ATOM   838  C  CG  . LEU A 1 114 ? 2.138   -4.812  1.781   1.00 28.74 ? 112 LEU A CG  1 
ATOM   839  C  CD1 . LEU A 1 114 ? 3.325   -5.502  2.387   1.00 33.58 ? 112 LEU A CD1 1 
ATOM   840  C  CD2 . LEU A 1 114 ? 1.039   -5.814  1.466   1.00 33.26 ? 112 LEU A CD2 1 
ATOM   841  N  N   . LEU A 1 115 ? 0.657   -2.808  -0.423  1.00 29.96 ? 113 LEU A N   1 
ATOM   842  C  CA  . LEU A 1 115 ? -0.213  -3.079  -1.547  1.00 26.60 ? 113 LEU A CA  1 
ATOM   843  C  C   . LEU A 1 115 ? 0.360   -4.252  -2.308  1.00 24.72 ? 113 LEU A C   1 
ATOM   844  O  O   . LEU A 1 115 ? 1.492   -4.200  -2.773  1.00 26.28 ? 113 LEU A O   1 
ATOM   845  C  CB  . LEU A 1 115 ? -0.285  -1.848  -2.447  1.00 26.71 ? 113 LEU A CB  1 
ATOM   846  C  CG  . LEU A 1 115 ? -1.363  -1.890  -3.525  1.00 28.99 ? 113 LEU A CG  1 
ATOM   847  C  CD1 . LEU A 1 115 ? -2.732  -2.005  -2.873  1.00 23.82 ? 113 LEU A CD1 1 
ATOM   848  C  CD2 . LEU A 1 115 ? -1.261  -0.653  -4.429  1.00 19.13 ? 113 LEU A CD2 1 
ATOM   849  N  N   . CYS A 1 116 ? -0.410  -5.322  -2.421  1.00 24.60 ? 114 CYS A N   1 
ATOM   850  C  CA  . CYS A 1 116 ? 0.055   -6.482  -3.153  1.00 30.89 ? 114 CYS A CA  1 
ATOM   851  C  C   . CYS A 1 116 ? -0.132  -6.270  -4.650  1.00 32.12 ? 114 CYS A C   1 
ATOM   852  O  O   . CYS A 1 116 ? -1.195  -5.847  -5.096  1.00 36.11 ? 114 CYS A O   1 
ATOM   853  C  CB  . CYS A 1 116 ? -0.685  -7.731  -2.700  1.00 34.50 ? 114 CYS A CB  1 
ATOM   854  S  SG  . CYS A 1 116 ? -0.003  -9.215  -3.420  1.00 38.08 ? 114 CYS A SG  1 
ATOM   855  N  N   . LEU A 1 117 ? 0.903   -6.560  -5.429  1.00 34.01 ? 115 LEU A N   1 
ATOM   856  C  CA  . LEU A 1 117 ? 0.865   -6.250  -6.853  1.00 38.85 ? 115 LEU A CA  1 
ATOM   857  C  C   . LEU A 1 117 ? 0.447   -7.433  -7.713  1.00 36.26 ? 115 LEU A C   1 
ATOM   858  O  O   . LEU A 1 117 ? -0.153  -7.243  -8.759  1.00 37.76 ? 115 LEU A O   1 
ATOM   859  C  CB  . LEU A 1 117 ? 2.219   -5.707  -7.323  1.00 31.47 ? 115 LEU A CB  1 
ATOM   860  C  CG  . LEU A 1 117 ? 2.584   -4.360  -6.698  1.00 32.35 ? 115 LEU A CG  1 
ATOM   861  C  CD1 . LEU A 1 117 ? 3.915   -3.848  -7.222  1.00 31.90 ? 115 LEU A CD1 1 
ATOM   862  C  CD2 . LEU A 1 117 ? 1.478   -3.337  -6.938  1.00 29.56 ? 115 LEU A CD2 1 
ATOM   863  N  N   . SER A 1 118 ? 0.753   -8.647  -7.269  1.00 40.61 ? 116 SER A N   1 
ATOM   864  C  CA  . SER A 1 118 ? 0.490   -9.829  -8.082  1.00 43.16 ? 116 SER A CA  1 
ATOM   865  C  C   . SER A 1 118 ? 0.035   -11.012 -7.247  1.00 47.84 ? 116 SER A C   1 
ATOM   866  O  O   . SER A 1 118 ? 0.141   -10.998 -6.020  1.00 42.79 ? 116 SER A O   1 
ATOM   867  C  CB  . SER A 1 118 ? 1.751   -10.236 -8.830  1.00 45.54 ? 116 SER A CB  1 
ATOM   868  O  OG  . SER A 1 118 ? 2.710   -10.764 -7.928  1.00 49.13 ? 116 SER A OG  1 
ATOM   869  N  N   . GLY A 1 119 ? -0.456  -12.040 -7.934  1.00 49.14 ? 117 GLY A N   1 
ATOM   870  C  CA  . GLY A 1 119 ? -0.847  -13.281 -7.296  1.00 37.95 ? 117 GLY A CA  1 
ATOM   871  C  C   . GLY A 1 119 ? -2.309  -13.292 -6.906  1.00 44.77 ? 117 GLY A C   1 
ATOM   872  O  O   . GLY A 1 119 ? -3.071  -12.400 -7.278  1.00 44.73 ? 117 GLY A O   1 
ATOM   873  N  N   . GLU A 1 120 ? -2.700  -14.319 -6.159  1.00 46.57 ? 118 GLU A N   1 
ATOM   874  C  CA  . GLU A 1 120 ? -4.056  -14.431 -5.645  1.00 45.16 ? 118 GLU A CA  1 
ATOM   875  C  C   . GLU A 1 120 ? -4.476  -13.105 -5.027  1.00 44.48 ? 118 GLU A C   1 
ATOM   876  O  O   . GLU A 1 120 ? -5.522  -12.545 -5.363  1.00 38.99 ? 118 GLU A O   1 
ATOM   877  C  CB  . GLU A 1 120 ? -4.132  -15.544 -4.588  1.00 31.24 ? 118 GLU A CB  1 
ATOM   878  N  N   . LYS A 1 121 ? -3.630  -12.604 -4.132  1.00 44.02 ? 119 LYS A N   1 
ATOM   879  C  CA  . LYS A 1 121 ? -3.959  -11.464 -3.290  1.00 38.08 ? 119 LYS A CA  1 
ATOM   880  C  C   . LYS A 1 121 ? -3.645  -10.115 -3.930  1.00 37.47 ? 119 LYS A C   1 
ATOM   881  O  O   . LYS A 1 121 ? -3.510  -9.121  -3.222  1.00 38.02 ? 119 LYS A O   1 
ATOM   882  C  CB  . LYS A 1 121 ? -3.207  -11.572 -1.956  1.00 42.39 ? 119 LYS A CB  1 
ATOM   883  C  CG  . LYS A 1 121 ? -3.597  -12.779 -1.092  1.00 42.82 ? 119 LYS A CG  1 
ATOM   884  C  CD  . LYS A 1 121 ? -5.080  -12.779 -0.759  1.00 38.43 ? 119 LYS A CD  1 
ATOM   885  N  N   . ALA A 1 122 ? -3.535  -10.067 -5.252  1.00 33.29 ? 120 ALA A N   1 
ATOM   886  C  CA  . ALA A 1 122 ? -3.228  -8.814  -5.943  1.00 36.29 ? 120 ALA A CA  1 
ATOM   887  C  C   . ALA A 1 122 ? -4.313  -7.753  -5.720  1.00 34.77 ? 120 ALA A C   1 
ATOM   888  O  O   . ALA A 1 122 ? -5.494  -8.075  -5.605  1.00 40.40 ? 120 ALA A O   1 
ATOM   889  C  CB  . ALA A 1 122 ? -3.034  -9.065  -7.435  1.00 37.55 ? 120 ALA A CB  1 
ATOM   890  N  N   . GLY A 1 123 ? -3.910  -6.488  -5.674  1.00 31.23 ? 121 GLY A N   1 
ATOM   891  C  CA  . GLY A 1 123 ? -4.831  -5.404  -5.393  1.00 26.82 ? 121 GLY A CA  1 
ATOM   892  C  C   . GLY A 1 123 ? -5.228  -5.316  -3.930  1.00 30.90 ? 121 GLY A C   1 
ATOM   893  O  O   . GLY A 1 123 ? -5.888  -4.361  -3.529  1.00 26.56 ? 121 GLY A O   1 
ATOM   894  N  N   . TRP A 1 124 ? -4.844  -6.311  -3.130  1.00 30.83 ? 122 TRP A N   1 
ATOM   895  C  CA  . TRP A 1 124 ? -5.131  -6.304  -1.693  1.00 31.12 ? 122 TRP A CA  1 
ATOM   896  C  C   . TRP A 1 124 ? -4.205  -5.321  -0.988  1.00 31.36 ? 122 TRP A C   1 
ATOM   897  O  O   . TRP A 1 124 ? -3.029  -5.214  -1.332  1.00 26.61 ? 122 TRP A O   1 
ATOM   898  C  CB  . TRP A 1 124 ? -4.909  -7.684  -1.080  1.00 33.18 ? 122 TRP A CB  1 
ATOM   899  C  CG  . TRP A 1 124 ? -5.992  -8.683  -1.335  1.00 37.41 ? 122 TRP A CG  1 
ATOM   900  C  CD1 . TRP A 1 124 ? -6.596  -8.967  -2.528  1.00 40.08 ? 122 TRP A CD1 1 
ATOM   901  C  CD2 . TRP A 1 124 ? -6.585  -9.552  -0.367  1.00 32.34 ? 122 TRP A CD2 1 
ATOM   902  N  NE1 . TRP A 1 124 ? -7.537  -9.959  -2.357  1.00 36.87 ? 122 TRP A NE1 1 
ATOM   903  C  CE2 . TRP A 1 124 ? -7.546  -10.337 -1.041  1.00 34.62 ? 122 TRP A CE2 1 
ATOM   904  C  CE3 . TRP A 1 124 ? -6.397  -9.743  1.003   1.00 36.18 ? 122 TRP A CE3 1 
ATOM   905  C  CZ2 . TRP A 1 124 ? -8.319  -11.294 -0.388  1.00 42.34 ? 122 TRP A CZ2 1 
ATOM   906  C  CZ3 . TRP A 1 124 ? -7.163  -10.697 1.652   1.00 40.80 ? 122 TRP A CZ3 1 
ATOM   907  C  CH2 . TRP A 1 124 ? -8.114  -11.460 0.955   1.00 44.64 ? 122 TRP A CH2 1 
ATOM   908  N  N   . GLY A 1 125 ? -4.725  -4.623  0.017   1.00 29.38 ? 123 GLY A N   1 
ATOM   909  C  CA  . GLY A 1 125 ? -3.946  -3.609  0.701   1.00 25.13 ? 123 GLY A CA  1 
ATOM   910  C  C   . GLY A 1 125 ? -4.106  -3.604  2.207   1.00 21.23 ? 123 GLY A C   1 
ATOM   911  O  O   . GLY A 1 125 ? -5.204  -3.779  2.733   1.00 21.90 ? 123 GLY A O   1 
ATOM   912  N  N   . LEU A 1 126 ? -2.992  -3.369  2.891   1.00 20.50 ? 124 LEU A N   1 
ATOM   913  C  CA  . LEU A 1 126 ? -2.932  -3.354  4.342   1.00 23.08 ? 124 LEU A CA  1 
ATOM   914  C  C   . LEU A 1 126 ? -2.512  -1.973  4.829   1.00 21.37 ? 124 LEU A C   1 
ATOM   915  O  O   . LEU A 1 126 ? -1.455  -1.504  4.457   1.00 20.28 ? 124 LEU A O   1 
ATOM   916  C  CB  . LEU A 1 126 ? -1.899  -4.379  4.799   1.00 20.96 ? 124 LEU A CB  1 
ATOM   917  C  CG  . LEU A 1 126 ? -1.708  -4.520  6.301   1.00 24.94 ? 124 LEU A CG  1 
ATOM   918  C  CD1 . LEU A 1 126 ? -2.961  -5.126  6.906   1.00 24.34 ? 124 LEU A CD1 1 
ATOM   919  C  CD2 . LEU A 1 126 ? -0.489  -5.374  6.583   1.00 24.70 ? 124 LEU A CD2 1 
ATOM   920  N  N   . PHE A 1 127 ? -3.348  -1.317  5.629   1.00 21.04 ? 125 PHE A N   1 
ATOM   921  C  CA  . PHE A 1 127 ? -2.963  -0.089  6.319   1.00 20.99 ? 125 PHE A CA  1 
ATOM   922  C  C   . PHE A 1 127 ? -2.441  -0.440  7.699   1.00 24.12 ? 125 PHE A C   1 
ATOM   923  O  O   . PHE A 1 127 ? -2.997  -1.304  8.364   1.00 24.21 ? 125 PHE A O   1 
ATOM   924  C  CB  . PHE A 1 127 ? -4.163  0.826   6.519   1.00 16.38 ? 125 PHE A CB  1 
ATOM   925  C  CG  . PHE A 1 127 ? -4.664  1.468   5.270   1.00 24.91 ? 125 PHE A CG  1 
ATOM   926  C  CD1 . PHE A 1 127 ? -5.545  0.795   4.435   1.00 24.10 ? 125 PHE A CD1 1 
ATOM   927  C  CD2 . PHE A 1 127 ? -4.293  2.770   4.946   1.00 19.32 ? 125 PHE A CD2 1 
ATOM   928  C  CE1 . PHE A 1 127 ? -6.040  1.405   3.287   1.00 20.23 ? 125 PHE A CE1 1 
ATOM   929  C  CE2 . PHE A 1 127 ? -4.780  3.381   3.803   1.00 20.85 ? 125 PHE A CE2 1 
ATOM   930  C  CZ  . PHE A 1 127 ? -5.657  2.701   2.975   1.00 18.93 ? 125 PHE A CZ  1 
ATOM   931  N  N   . PHE A 1 128 ? -1.410  0.252   8.157   1.00 22.40 ? 126 PHE A N   1 
ATOM   932  C  CA  . PHE A 1 128 ? -0.862  -0.018  9.481   1.00 23.14 ? 126 PHE A CA  1 
ATOM   933  C  C   . PHE A 1 128 ? 0.158   1.044   9.858   1.00 22.75 ? 126 PHE A C   1 
ATOM   934  O  O   . PHE A 1 128 ? 0.777   1.649   8.992   1.00 26.38 ? 126 PHE A O   1 
ATOM   935  C  CB  . PHE A 1 128 ? -0.187  -1.389  9.481   1.00 21.90 ? 126 PHE A CB  1 
ATOM   936  C  CG  . PHE A 1 128 ? 1.061   -1.442  8.649   1.00 25.55 ? 126 PHE A CG  1 
ATOM   937  C  CD1 . PHE A 1 128 ? 2.308   -1.375  9.241   1.00 25.39 ? 126 PHE A CD1 1 
ATOM   938  C  CD2 . PHE A 1 128 ? 0.983   -1.526  7.267   1.00 29.11 ? 126 PHE A CD2 1 
ATOM   939  C  CE1 . PHE A 1 128 ? 3.455   -1.416  8.480   1.00 23.11 ? 126 PHE A CE1 1 
ATOM   940  C  CE2 . PHE A 1 128 ? 2.126   -1.567  6.498   1.00 25.24 ? 126 PHE A CE2 1 
ATOM   941  C  CZ  . PHE A 1 128 ? 3.369   -1.512  7.109   1.00 25.65 ? 126 PHE A CZ  1 
ATOM   942  N  N   . SER A 1 129 ? 0.346   1.281   11.145  1.00 25.61 ? 127 SER A N   1 
ATOM   943  C  CA  . SER A 1 129 ? 1.459   2.125   11.562  1.00 25.84 ? 127 SER A CA  1 
ATOM   944  C  C   . SER A 1 129 ? 2.464   1.269   12.313  1.00 23.41 ? 127 SER A C   1 
ATOM   945  O  O   . SER A 1 129 ? 2.147   0.160   12.734  1.00 26.03 ? 127 SER A O   1 
ATOM   946  C  CB  . SER A 1 129 ? 0.983   3.310   12.400  1.00 25.07 ? 127 SER A CB  1 
ATOM   947  O  OG  . SER A 1 129 ? 0.367   2.879   13.592  1.00 28.48 ? 127 SER A OG  1 
ATOM   948  N  N   . GLY A 1 130 ? 3.687   1.767   12.444  1.00 25.37 ? 128 GLY A N   1 
ATOM   949  C  CA  . GLY A 1 130 ? 4.752   1.021   13.094  1.00 22.36 ? 128 GLY A CA  1 
ATOM   950  C  C   . GLY A 1 130 ? 5.315   -0.113  12.258  1.00 21.36 ? 128 GLY A C   1 
ATOM   951  O  O   . GLY A 1 130 ? 5.446   -0.004  11.044  1.00 30.06 ? 128 GLY A O   1 
ATOM   952  N  N   . GLU A 1 131 ? 5.654   -1.209  12.921  1.00 29.82 ? 129 GLU A N   1 
ATOM   953  C  CA  . GLU A 1 131 ? 6.256   -2.353  12.253  1.00 29.85 ? 129 GLU A CA  1 
ATOM   954  C  C   . GLU A 1 131 ? 5.193   -3.197  11.569  1.00 29.08 ? 129 GLU A C   1 
ATOM   955  O  O   . GLU A 1 131 ? 4.082   -3.369  12.077  1.00 28.58 ? 129 GLU A O   1 
ATOM   956  C  CB  . GLU A 1 131 ? 7.040   -3.206  13.260  1.00 37.82 ? 129 GLU A CB  1 
ATOM   957  C  CG  . GLU A 1 131 ? 8.065   -2.411  14.073  1.00 40.59 ? 129 GLU A CG  1 
ATOM   958  C  CD  . GLU A 1 131 ? 9.349   -3.183  14.339  1.00 48.71 ? 129 GLU A CD  1 
ATOM   959  O  OE1 . GLU A 1 131 ? 9.271   -4.415  14.546  1.00 57.89 ? 129 GLU A OE1 1 
ATOM   960  O  OE2 . GLU A 1 131 ? 10.439  -2.560  14.336  1.00 42.32 ? 129 GLU A OE2 1 
ATOM   961  N  N   . TYR A 1 132 ? 5.539   -3.725  10.405  1.00 27.90 ? 130 TYR A N   1 
ATOM   962  C  CA  . TYR A 1 132 ? 4.627   -4.579  9.668   1.00 31.54 ? 130 TYR A CA  1 
ATOM   963  C  C   . TYR A 1 132 ? 4.085   -5.678  10.579  1.00 30.31 ? 130 TYR A C   1 
ATOM   964  O  O   . TYR A 1 132 ? 4.869   -6.334  11.257  1.00 34.68 ? 130 TYR A O   1 
ATOM   965  C  CB  . TYR A 1 132 ? 5.360   -5.201  8.482   1.00 25.33 ? 130 TYR A CB  1 
ATOM   966  C  CG  . TYR A 1 132 ? 4.439   -5.946  7.552   1.00 33.16 ? 130 TYR A CG  1 
ATOM   967  C  CD1 . TYR A 1 132 ? 3.460   -5.268  6.837   1.00 31.51 ? 130 TYR A CD1 1 
ATOM   968  C  CD2 . TYR A 1 132 ? 4.537   -7.322  7.389   1.00 33.03 ? 130 TYR A CD2 1 
ATOM   969  C  CE1 . TYR A 1 132 ? 2.613   -5.931  5.987   1.00 30.53 ? 130 TYR A CE1 1 
ATOM   970  C  CE2 . TYR A 1 132 ? 3.690   -7.996  6.539   1.00 35.08 ? 130 TYR A CE2 1 
ATOM   971  C  CZ  . TYR A 1 132 ? 2.728   -7.292  5.839   1.00 36.02 ? 130 TYR A CZ  1 
ATOM   972  O  OH  . TYR A 1 132 ? 1.874   -7.948  4.985   1.00 34.49 ? 130 TYR A OH  1 
ATOM   973  N  N   . PRO A 1 133 ? 2.748   -5.887  10.596  1.00 38.57 ? 131 PRO A N   1 
ATOM   974  C  CA  . PRO A 1 133 ? 2.111   -6.950  11.401  1.00 30.10 ? 131 PRO A CA  1 
ATOM   975  C  C   . PRO A 1 133 ? 2.374   -8.343  10.832  1.00 37.94 ? 131 PRO A C   1 
ATOM   976  O  O   . PRO A 1 133 ? 1.913   -8.682  9.732   1.00 35.40 ? 131 PRO A O   1 
ATOM   977  C  CB  . PRO A 1 133 ? 0.615   -6.626  11.321  1.00 27.53 ? 131 PRO A CB  1 
ATOM   978  C  CG  . PRO A 1 133 ? 0.504   -5.302  10.654  1.00 31.52 ? 131 PRO A CG  1 
ATOM   979  C  CD  . PRO A 1 133 ? 1.747   -5.123  9.836   1.00 35.11 ? 131 PRO A CD  1 
ATOM   980  N  N   . GLN A 1 134 ? 3.095   -9.146  11.607  1.00 46.26 ? 132 GLN A N   1 
ATOM   981  C  CA  . GLN A 1 134 ? 3.687   -10.388 11.117  1.00 51.59 ? 132 GLN A CA  1 
ATOM   982  C  C   . GLN A 1 134 ? 2.686   -11.345 10.458  1.00 51.20 ? 132 GLN A C   1 
ATOM   983  O  O   . GLN A 1 134 ? 2.875   -11.756 9.310   1.00 56.18 ? 132 GLN A O   1 
ATOM   984  C  CB  . GLN A 1 134 ? 4.428   -11.092 12.257  1.00 47.40 ? 132 GLN A CB  1 
ATOM   985  N  N   . ASP A 1 135 ? 1.625   -11.697 11.176  1.00 43.25 ? 133 ASP A N   1 
ATOM   986  C  CA  . ASP A 1 135 ? 0.708   -12.738 10.718  1.00 47.46 ? 133 ASP A CA  1 
ATOM   987  C  C   . ASP A 1 135 ? -0.623  -12.248 10.157  1.00 43.73 ? 133 ASP A C   1 
ATOM   988  O  O   . ASP A 1 135 ? -1.622  -12.951 10.262  1.00 50.02 ? 133 ASP A O   1 
ATOM   989  C  CB  . ASP A 1 135 ? 0.428   -13.706 11.864  1.00 51.98 ? 133 ASP A CB  1 
ATOM   990  C  CG  . ASP A 1 135 ? 1.642   -14.532 12.230  1.00 63.30 ? 133 ASP A CG  1 
ATOM   991  O  OD1 . ASP A 1 135 ? 1.883   -15.553 11.545  1.00 57.76 ? 133 ASP A OD1 1 
ATOM   992  O  OD2 . ASP A 1 135 ? 2.353   -14.157 13.194  1.00 55.29 ? 133 ASP A OD2 1 
ATOM   993  N  N   . VAL A 1 136 ? -0.643  -11.068 9.550   1.00 40.37 ? 134 VAL A N   1 
ATOM   994  C  CA  . VAL A 1 136 ? -1.878  -10.554 8.966   1.00 39.27 ? 134 VAL A CA  1 
ATOM   995  C  C   . VAL A 1 136 ? -1.926  -10.787 7.453   1.00 35.19 ? 134 VAL A C   1 
ATOM   996  O  O   . VAL A 1 136 ? -2.960  -11.154 6.901   1.00 35.12 ? 134 VAL A O   1 
ATOM   997  C  CB  . VAL A 1 136 ? -2.067  -9.050  9.265   1.00 36.41 ? 134 VAL A CB  1 
ATOM   998  C  CG1 . VAL A 1 136 ? -3.266  -8.510  8.522   1.00 31.57 ? 134 VAL A CG1 1 
ATOM   999  C  CG2 . VAL A 1 136 ? -2.237  -8.826  10.752  1.00 31.49 ? 134 VAL A CG2 1 
ATOM   1000 N  N   . PHE A 1 137 ? -0.811  -10.587 6.772   1.00 35.81 ? 135 PHE A N   1 
ATOM   1001 C  CA  . PHE A 1 137 ? -0.830  -10.694 5.324   1.00 36.88 ? 135 PHE A CA  1 
ATOM   1002 C  C   . PHE A 1 137 ? 0.485   -11.197 4.749   1.00 36.02 ? 135 PHE A C   1 
ATOM   1003 O  O   . PHE A 1 137 ? 1.563   -10.761 5.153   1.00 38.02 ? 135 PHE A O   1 
ATOM   1004 C  CB  . PHE A 1 137 ? -1.192  -9.341  4.703   1.00 29.91 ? 135 PHE A CB  1 
ATOM   1005 C  CG  . PHE A 1 137 ? -1.381  -9.396  3.217   1.00 31.52 ? 135 PHE A CG  1 
ATOM   1006 C  CD1 . PHE A 1 137 ? -2.514  -9.973  2.675   1.00 29.56 ? 135 PHE A CD1 1 
ATOM   1007 C  CD2 . PHE A 1 137 ? -0.418  -8.882  2.358   1.00 38.91 ? 135 PHE A CD2 1 
ATOM   1008 C  CE1 . PHE A 1 137 ? -2.692  -10.035 1.303   1.00 40.16 ? 135 PHE A CE1 1 
ATOM   1009 C  CE2 . PHE A 1 137 ? -0.585  -8.944  0.982   1.00 40.33 ? 135 PHE A CE2 1 
ATOM   1010 C  CZ  . PHE A 1 137 ? -1.724  -9.520  0.453   1.00 39.47 ? 135 PHE A CZ  1 
ATOM   1011 N  N   . ASP A 1 138 ? 0.395   -12.129 3.810   1.00 29.70 ? 136 ASP A N   1 
ATOM   1012 C  CA  . ASP A 1 138 ? 1.574   -12.541 3.069   1.00 37.03 ? 136 ASP A CA  1 
ATOM   1013 C  C   . ASP A 1 138 ? 1.202   -13.011 1.674   1.00 39.88 ? 136 ASP A C   1 
ATOM   1014 O  O   . ASP A 1 138 ? 0.041   -13.316 1.389   1.00 45.44 ? 136 ASP A O   1 
ATOM   1015 C  CB  . ASP A 1 138 ? 2.343   -13.628 3.818   1.00 47.71 ? 136 ASP A CB  1 
ATOM   1016 C  CG  . ASP A 1 138 ? 3.857   -13.435 3.737   1.00 49.78 ? 136 ASP A CG  1 
ATOM   1017 O  OD1 . ASP A 1 138 ? 4.350   -12.807 2.773   1.00 53.51 ? 136 ASP A OD1 1 
ATOM   1018 O  OD2 . ASP A 1 138 ? 4.562   -13.911 4.643   1.00 53.51 ? 136 ASP A OD2 1 
ATOM   1019 N  N   . TRP A 1 139 ? 2.205   -13.062 0.805   1.00 38.89 ? 137 TRP A N   1 
ATOM   1020 C  CA  . TRP A 1 139 ? 1.989   -13.334 -0.611  1.00 45.74 ? 137 TRP A CA  1 
ATOM   1021 C  C   . TRP A 1 139 ? 3.015   -14.342 -1.121  1.00 45.29 ? 137 TRP A C   1 
ATOM   1022 O  O   . TRP A 1 139 ? 4.148   -14.378 -0.643  1.00 45.58 ? 137 TRP A O   1 
ATOM   1023 C  CB  . TRP A 1 139 ? 2.083   -12.027 -1.405  1.00 41.81 ? 137 TRP A CB  1 
ATOM   1024 C  CG  . TRP A 1 139 ? 3.409   -11.328 -1.258  1.00 37.55 ? 137 TRP A CG  1 
ATOM   1025 C  CD1 . TRP A 1 139 ? 4.503   -11.484 -2.051  1.00 41.02 ? 137 TRP A CD1 1 
ATOM   1026 C  CD2 . TRP A 1 139 ? 3.772   -10.367 -0.259  1.00 36.19 ? 137 TRP A CD2 1 
ATOM   1027 N  NE1 . TRP A 1 139 ? 5.526   -10.685 -1.611  1.00 44.41 ? 137 TRP A NE1 1 
ATOM   1028 C  CE2 . TRP A 1 139 ? 5.104   -9.987  -0.511  1.00 38.49 ? 137 TRP A CE2 1 
ATOM   1029 C  CE3 . TRP A 1 139 ? 3.103   -9.795  0.827   1.00 41.05 ? 137 TRP A CE3 1 
ATOM   1030 C  CZ2 . TRP A 1 139 ? 5.782   -9.063  0.281   1.00 37.19 ? 137 TRP A CZ2 1 
ATOM   1031 C  CZ3 . TRP A 1 139 ? 3.778   -8.879  1.615   1.00 39.40 ? 137 TRP A CZ3 1 
ATOM   1032 C  CH2 . TRP A 1 139 ? 5.105   -8.523  1.337   1.00 37.33 ? 137 TRP A CH2 1 
ATOM   1033 N  N   . GLY A 1 140 ? 2.610   -15.158 -2.092  1.00 50.41 ? 138 GLY A N   1 
ATOM   1034 C  CA  . GLY A 1 140 ? 3.461   -16.211 -2.622  1.00 51.14 ? 138 GLY A CA  1 
ATOM   1035 C  C   . GLY A 1 140 ? 4.878   -15.767 -2.939  1.00 49.69 ? 138 GLY A C   1 
ATOM   1036 O  O   . GLY A 1 140 ? 5.145   -14.584 -3.129  1.00 52.85 ? 138 GLY A O   1 
ATOM   1037 N  N   . ALA A 1 141 ? 5.793   -16.727 -3.003  1.00 51.72 ? 139 ALA A N   1 
ATOM   1038 C  CA  . ALA A 1 141 ? 7.194   -16.427 -3.271  1.00 56.10 ? 139 ALA A CA  1 
ATOM   1039 C  C   . ALA A 1 141 ? 7.389   -15.813 -4.656  1.00 54.73 ? 139 ALA A C   1 
ATOM   1040 O  O   . ALA A 1 141 ? 8.418   -15.196 -4.927  1.00 60.15 ? 139 ALA A O   1 
ATOM   1041 C  CB  . ALA A 1 141 ? 8.038   -17.686 -3.128  1.00 54.46 ? 139 ALA A CB  1 
ATOM   1042 N  N   . GLY A 1 142 ? 6.404   -15.978 -5.531  1.00 49.72 ? 140 GLY A N   1 
ATOM   1043 C  CA  . GLY A 1 142 ? 6.495   -15.429 -6.872  1.00 53.89 ? 140 GLY A CA  1 
ATOM   1044 C  C   . GLY A 1 142 ? 5.916   -14.031 -6.958  1.00 52.69 ? 140 GLY A C   1 
ATOM   1045 O  O   . GLY A 1 142 ? 5.998   -13.372 -7.996  1.00 47.99 ? 140 GLY A O   1 
ATOM   1046 N  N   . ASP A 1 143 ? 5.335   -13.575 -5.855  1.00 47.21 ? 141 ASP A N   1 
ATOM   1047 C  CA  . ASP A 1 143 ? 4.617   -12.311 -5.841  1.00 45.47 ? 141 ASP A CA  1 
ATOM   1048 C  C   . ASP A 1 143 ? 5.440   -11.195 -5.222  1.00 42.94 ? 141 ASP A C   1 
ATOM   1049 O  O   . ASP A 1 143 ? 6.249   -11.416 -4.320  1.00 40.86 ? 141 ASP A O   1 
ATOM   1050 C  CB  . ASP A 1 143 ? 3.306   -12.463 -5.074  1.00 42.30 ? 141 ASP A CB  1 
ATOM   1051 C  CG  . ASP A 1 143 ? 2.446   -13.578 -5.614  1.00 46.92 ? 141 ASP A CG  1 
ATOM   1052 O  OD1 . ASP A 1 143 ? 2.437   -13.771 -6.853  1.00 49.55 ? 141 ASP A OD1 1 
ATOM   1053 O  OD2 . ASP A 1 143 ? 1.784   -14.263 -4.802  1.00 42.79 ? 141 ASP A OD2 1 
ATOM   1054 N  N   . THR A 1 144 ? 5.228   -9.988  -5.720  1.00 35.70 ? 142 THR A N   1 
ATOM   1055 C  CA  . THR A 1 144 ? 5.851   -8.820  -5.137  1.00 38.76 ? 142 THR A CA  1 
ATOM   1056 C  C   . THR A 1 144 ? 4.769   -7.913  -4.595  1.00 33.77 ? 142 THR A C   1 
ATOM   1057 O  O   . THR A 1 144 ? 3.587   -8.087  -4.886  1.00 33.63 ? 142 THR A O   1 
ATOM   1058 C  CB  . THR A 1 144 ? 6.680   -8.028  -6.168  1.00 38.51 ? 142 THR A CB  1 
ATOM   1059 O  OG1 . THR A 1 144 ? 5.799   -7.363  -7.082  1.00 38.39 ? 142 THR A OG1 1 
ATOM   1060 C  CG2 . THR A 1 144 ? 7.628   -8.945  -6.933  1.00 35.22 ? 142 THR A CG2 1 
ATOM   1061 N  N   . ALA A 1 145 ? 5.186   -6.945  -3.799  1.00 30.20 ? 143 ALA A N   1 
ATOM   1062 C  CA  . ALA A 1 145 ? 4.291   -5.932  -3.292  1.00 28.50 ? 143 ALA A CA  1 
ATOM   1063 C  C   . ALA A 1 145 ? 5.075   -4.641  -3.197  1.00 30.54 ? 143 ALA A C   1 
ATOM   1064 O  O   . ALA A 1 145 ? 6.281   -4.612  -3.435  1.00 31.90 ? 143 ALA A O   1 
ATOM   1065 C  CB  . ALA A 1 145 ? 3.747   -6.335  -1.933  1.00 27.39 ? 143 ALA A CB  1 
ATOM   1066 N  N   . ILE A 1 146 ? 4.383   -3.567  -2.860  1.00 25.32 ? 144 ILE A N   1 
ATOM   1067 C  CA  . ILE A 1 146 ? 5.030   -2.284  -2.694  1.00 24.09 ? 144 ILE A CA  1 
ATOM   1068 C  C   . ILE A 1 146 ? 4.524   -1.670  -1.403  1.00 26.10 ? 144 ILE A C   1 
ATOM   1069 O  O   . ILE A 1 146 ? 3.333   -1.721  -1.096  1.00 27.34 ? 144 ILE A O   1 
ATOM   1070 C  CB  . ILE A 1 146 ? 4.787   -1.351  -3.902  1.00 24.09 ? 144 ILE A CB  1 
ATOM   1071 C  CG1 . ILE A 1 146 ? 5.472   -0.011  -3.684  1.00 26.11 ? 144 ILE A CG1 1 
ATOM   1072 C  CG2 . ILE A 1 146 ? 3.305   -1.127  -4.132  1.00 27.63 ? 144 ILE A CG2 1 
ATOM   1073 C  CD1 . ILE A 1 146 ? 5.442   0.883   -4.894  1.00 30.98 ? 144 ILE A CD1 1 
ATOM   1074 N  N   . ILE A 1 147 ? 5.443   -1.133  -0.614  1.00 27.38 ? 145 ILE A N   1 
ATOM   1075 C  CA  . ILE A 1 147 ? 5.076   -0.554  0.659   1.00 26.67 ? 145 ILE A CA  1 
ATOM   1076 C  C   . ILE A 1 147 ? 5.125   0.954   0.515   1.00 21.99 ? 145 ILE A C   1 
ATOM   1077 O  O   . ILE A 1 147 ? 6.086   1.495   -0.010  1.00 24.70 ? 145 ILE A O   1 
ATOM   1078 C  CB  . ILE A 1 147 ? 5.968   -1.089  1.824   1.00 30.02 ? 145 ILE A CB  1 
ATOM   1079 C  CG1 . ILE A 1 147 ? 5.730   -0.271  3.088   1.00 31.23 ? 145 ILE A CG1 1 
ATOM   1080 C  CG2 . ILE A 1 147 ? 7.448   -1.076  1.470   1.00 29.16 ? 145 ILE A CG2 1 
ATOM   1081 C  CD1 . ILE A 1 147 ? 4.382   -0.532  3.707   1.00 30.08 ? 145 ILE A CD1 1 
ATOM   1082 N  N   . LEU A 1 148 ? 4.061   1.618   0.960   1.00 25.60 ? 146 LEU A N   1 
ATOM   1083 C  CA  . LEU A 1 148 ? 3.896   3.057   0.787   1.00 23.52 ? 146 LEU A CA  1 
ATOM   1084 C  C   . LEU A 1 148 ? 3.869   3.768   2.137   1.00 23.60 ? 146 LEU A C   1 
ATOM   1085 O  O   . LEU A 1 148 ? 3.038   3.461   2.982   1.00 24.84 ? 146 LEU A O   1 
ATOM   1086 C  CB  . LEU A 1 148 ? 2.586   3.345   0.048   1.00 22.32 ? 146 LEU A CB  1 
ATOM   1087 C  CG  . LEU A 1 148 ? 2.309   2.546   -1.229  1.00 22.39 ? 146 LEU A CG  1 
ATOM   1088 C  CD1 . LEU A 1 148 ? 0.885   2.794   -1.718  1.00 21.01 ? 146 LEU A CD1 1 
ATOM   1089 C  CD2 . LEU A 1 148 ? 3.321   2.888   -2.315  1.00 22.16 ? 146 LEU A CD2 1 
ATOM   1090 N  N   . ARG A 1 149 ? 4.765   4.732   2.327   1.00 21.61 ? 147 ARG A N   1 
ATOM   1091 C  CA  . ARG A 1 149 ? 4.823   5.494   3.568   1.00 18.69 ? 147 ARG A CA  1 
ATOM   1092 C  C   . ARG A 1 149 ? 4.157   6.860   3.432   1.00 16.50 ? 147 ARG A C   1 
ATOM   1093 O  O   . ARG A 1 149 ? 4.551   7.668   2.607   1.00 19.94 ? 147 ARG A O   1 
ATOM   1094 C  CB  . ARG A 1 149 ? 6.280   5.695   4.000   1.00 22.69 ? 147 ARG A CB  1 
ATOM   1095 C  CG  . ARG A 1 149 ? 7.148   4.460   3.916   1.00 17.27 ? 147 ARG A CG  1 
ATOM   1096 C  CD  . ARG A 1 149 ? 6.658   3.374   4.833   1.00 20.70 ? 147 ARG A CD  1 
ATOM   1097 N  NE  . ARG A 1 149 ? 7.594   2.256   4.872   1.00 20.99 ? 147 ARG A NE  1 
ATOM   1098 C  CZ  . ARG A 1 149 ? 7.553   1.285   5.777   1.00 25.24 ? 147 ARG A CZ  1 
ATOM   1099 N  NH1 . ARG A 1 149 ? 6.624   1.298   6.721   1.00 23.46 ? 147 ARG A NH1 1 
ATOM   1100 N  NH2 . ARG A 1 149 ? 8.443   0.303   5.741   1.00 26.23 ? 147 ARG A NH2 1 
ATOM   1101 N  N   . PHE A 1 150 ? 3.165   7.118   4.271   1.00 21.51 ? 148 PHE A N   1 
ATOM   1102 C  CA  . PHE A 1 150 ? 2.433   8.375   4.247   1.00 23.49 ? 148 PHE A CA  1 
ATOM   1103 C  C   . PHE A 1 150 ? 2.708   9.178   5.509   1.00 26.11 ? 148 PHE A C   1 
ATOM   1104 O  O   . PHE A 1 150 ? 2.599   8.664   6.615   1.00 25.77 ? 148 PHE A O   1 
ATOM   1105 C  CB  . PHE A 1 150 ? 0.928   8.110   4.128   1.00 20.30 ? 148 PHE A CB  1 
ATOM   1106 C  CG  . PHE A 1 150 ? 0.527   7.442   2.842   1.00 20.99 ? 148 PHE A CG  1 
ATOM   1107 C  CD1 . PHE A 1 150 ? 0.235   8.192   1.719   1.00 24.87 ? 148 PHE A CD1 1 
ATOM   1108 C  CD2 . PHE A 1 150 ? 0.432   6.069   2.759   1.00 21.98 ? 148 PHE A CD2 1 
ATOM   1109 C  CE1 . PHE A 1 150 ? -0.139  7.587   0.540   1.00 23.01 ? 148 PHE A CE1 1 
ATOM   1110 C  CE2 . PHE A 1 150 ? 0.054   5.458   1.584   1.00 27.90 ? 148 PHE A CE2 1 
ATOM   1111 C  CZ  . PHE A 1 150 ? -0.227  6.220   0.470   1.00 23.01 ? 148 PHE A CZ  1 
ATOM   1112 N  N   . SER A 1 151 ? 3.034   10.452  5.339   1.00 25.51 ? 149 SER A N   1 
ATOM   1113 C  CA  . SER A 1 151 ? 3.378   11.311  6.455   1.00 23.88 ? 149 SER A CA  1 
ATOM   1114 C  C   . SER A 1 151 ? 2.597   12.619  6.437   1.00 32.60 ? 149 SER A C   1 
ATOM   1115 O  O   . SER A 1 151 ? 2.229   13.121  5.370   1.00 35.71 ? 149 SER A O   1 
ATOM   1116 C  CB  . SER A 1 151 ? 4.865   11.633  6.399   1.00 27.47 ? 149 SER A CB  1 
ATOM   1117 O  OG  . SER A 1 151 ? 5.139   12.829  7.107   1.00 35.62 ? 149 SER A OG  1 
ATOM   1118 N  N   . SER A 1 152 ? 2.375   13.185  7.622   1.00 32.32 ? 150 SER A N   1 
ATOM   1119 C  CA  . SER A 1 152 ? 1.731   14.489  7.750   1.00 35.59 ? 150 SER A CA  1 
ATOM   1120 C  C   . SER A 1 152 ? 2.730   15.571  8.159   1.00 32.65 ? 150 SER A C   1 
ATOM   1121 O  O   . SER A 1 152 ? 3.626   15.935  7.391   1.00 40.85 ? 150 SER A O   1 
ATOM   1122 C  CB  . SER A 1 152 ? 0.606   14.413  8.776   1.00 36.12 ? 150 SER A CB  1 
ATOM   1123 O  OG  . SER A 1 152 ? 1.083   13.899  10.009  1.00 39.20 ? 150 SER A OG  1 
HETATM 1124 O  O   . HOH B 2 .   ? -1.528  15.922  -6.844  1.00 31.69 ? 156 HOH A O   1 
HETATM 1125 O  O   . HOH B 2 .   ? -12.319 -1.177  -2.560  1.00 28.49 ? 157 HOH A O   1 
HETATM 1126 O  O   . HOH B 2 .   ? 7.077   -0.711  8.935   1.00 27.51 ? 158 HOH A O   1 
HETATM 1127 O  O   . HOH B 2 .   ? -3.554  16.302  11.339  1.00 37.38 ? 159 HOH A O   1 
HETATM 1128 O  O   . HOH B 2 .   ? -6.660  -10.839 -7.194  1.00 33.65 ? 160 HOH A O   1 
HETATM 1129 O  O   . HOH B 2 .   ? -7.929  -6.639  8.739   1.00 27.74 ? 161 HOH A O   1 
HETATM 1130 O  O   . HOH B 2 .   ? 12.857  1.559   6.887   1.00 34.56 ? 162 HOH A O   1 
HETATM 1131 O  O   . HOH B 2 .   ? 10.821  12.069  -3.404  1.00 28.47 ? 163 HOH A O   1 
HETATM 1132 O  O   . HOH B 2 .   ? -12.028 -3.186  -0.367  1.00 29.04 ? 164 HOH A O   1 
HETATM 1133 O  O   . HOH B 2 .   ? 3.942   2.363   9.364   1.00 27.11 ? 165 HOH A O   1 
HETATM 1134 O  O   . HOH B 2 .   ? 4.324   4.230   10.839  1.00 32.13 ? 166 HOH A O   1 
HETATM 1135 O  O   . HOH B 2 .   ? 16.751  11.959  -7.633  1.00 31.45 ? 167 HOH A O   1 
HETATM 1136 O  O   . HOH B 2 .   ? 8.485   -3.419  10.128  1.00 25.16 ? 168 HOH A O   1 
HETATM 1137 O  O   . HOH B 2 .   ? 3.941   3.791   -14.406 1.00 25.80 ? 169 HOH A O   1 
HETATM 1138 O  O   . HOH B 2 .   ? -3.365  3.938   -12.021 1.00 32.17 ? 170 HOH A O   1 
HETATM 1139 O  O   . HOH B 2 .   ? -17.781 2.210   -18.288 1.00 36.57 ? 171 HOH A O   1 
HETATM 1140 O  O   . HOH B 2 .   ? 11.918  10.363  11.891  1.00 26.15 ? 172 HOH A O   1 
HETATM 1141 O  O   . HOH B 2 .   ? -0.777  -12.715 -4.145  1.00 36.11 ? 173 HOH A O   1 
HETATM 1142 O  O   . HOH B 2 .   ? 0.307   -10.117 12.999  1.00 37.19 ? 174 HOH A O   1 
HETATM 1143 O  O   . HOH B 2 .   ? -6.005  3.110   18.590  1.00 29.38 ? 175 HOH A O   1 
# 
